data_2FYR
# 
_entry.id   2FYR 
# 
_audit_conform.dict_name       mmcif_pdbx.dic 
_audit_conform.dict_version    5.387 
_audit_conform.dict_location   http://mmcif.pdb.org/dictionaries/ascii/mmcif_pdbx.dic 
# 
loop_
_database_2.database_id 
_database_2.database_code 
_database_2.pdbx_database_accession 
_database_2.pdbx_DOI 
PDB   2FYR         pdb_00002fyr 10.2210/pdb2fyr/pdb 
RCSB  RCSB036471   ?            ?                   
WWPDB D_1000036471 ?            ?                   
# 
loop_
_pdbx_audit_revision_history.ordinal 
_pdbx_audit_revision_history.data_content_type 
_pdbx_audit_revision_history.major_revision 
_pdbx_audit_revision_history.minor_revision 
_pdbx_audit_revision_history.revision_date 
1 'Structure model' 1 0 2006-07-25 
2 'Structure model' 1 1 2008-05-01 
3 'Structure model' 1 2 2011-07-13 
4 'Structure model' 1 3 2024-02-14 
# 
_pdbx_audit_revision_details.ordinal             1 
_pdbx_audit_revision_details.revision_ordinal    1 
_pdbx_audit_revision_details.data_content_type   'Structure model' 
_pdbx_audit_revision_details.provider            repository 
_pdbx_audit_revision_details.type                'Initial release' 
_pdbx_audit_revision_details.description         ? 
_pdbx_audit_revision_details.details             ? 
# 
loop_
_pdbx_audit_revision_group.ordinal 
_pdbx_audit_revision_group.revision_ordinal 
_pdbx_audit_revision_group.data_content_type 
_pdbx_audit_revision_group.group 
1 2 'Structure model' 'Version format compliance' 
2 3 'Structure model' 'Derived calculations'      
3 3 'Structure model' 'Version format compliance' 
4 4 'Structure model' 'Data collection'           
5 4 'Structure model' 'Database references'       
6 4 'Structure model' 'Derived calculations'      
# 
loop_
_pdbx_audit_revision_category.ordinal 
_pdbx_audit_revision_category.revision_ordinal 
_pdbx_audit_revision_category.data_content_type 
_pdbx_audit_revision_category.category 
1 4 'Structure model' chem_comp_atom         
2 4 'Structure model' chem_comp_bond         
3 4 'Structure model' database_2             
4 4 'Structure model' pdbx_struct_conn_angle 
5 4 'Structure model' struct_conn            
6 4 'Structure model' struct_ref_seq_dif     
7 4 'Structure model' struct_site            
# 
loop_
_pdbx_audit_revision_item.ordinal 
_pdbx_audit_revision_item.revision_ordinal 
_pdbx_audit_revision_item.data_content_type 
_pdbx_audit_revision_item.item 
1  4 'Structure model' '_database_2.pdbx_DOI'                        
2  4 'Structure model' '_database_2.pdbx_database_accession'         
3  4 'Structure model' '_pdbx_struct_conn_angle.ptnr1_auth_comp_id'  
4  4 'Structure model' '_pdbx_struct_conn_angle.ptnr1_auth_seq_id'   
5  4 'Structure model' '_pdbx_struct_conn_angle.ptnr1_label_asym_id' 
6  4 'Structure model' '_pdbx_struct_conn_angle.ptnr1_label_atom_id' 
7  4 'Structure model' '_pdbx_struct_conn_angle.ptnr1_label_comp_id' 
8  4 'Structure model' '_pdbx_struct_conn_angle.ptnr1_label_seq_id'  
9  4 'Structure model' '_pdbx_struct_conn_angle.ptnr1_symmetry'      
10 4 'Structure model' '_pdbx_struct_conn_angle.ptnr3_auth_comp_id'  
11 4 'Structure model' '_pdbx_struct_conn_angle.ptnr3_auth_seq_id'   
12 4 'Structure model' '_pdbx_struct_conn_angle.ptnr3_label_asym_id' 
13 4 'Structure model' '_pdbx_struct_conn_angle.ptnr3_label_atom_id' 
14 4 'Structure model' '_pdbx_struct_conn_angle.ptnr3_label_comp_id' 
15 4 'Structure model' '_pdbx_struct_conn_angle.ptnr3_label_seq_id'  
16 4 'Structure model' '_pdbx_struct_conn_angle.ptnr3_symmetry'      
17 4 'Structure model' '_struct_conn.pdbx_dist_value'                
18 4 'Structure model' '_struct_conn.ptnr1_auth_comp_id'             
19 4 'Structure model' '_struct_conn.ptnr1_auth_seq_id'              
20 4 'Structure model' '_struct_conn.ptnr1_label_asym_id'            
21 4 'Structure model' '_struct_conn.ptnr1_label_atom_id'            
22 4 'Structure model' '_struct_conn.ptnr1_label_comp_id'            
23 4 'Structure model' '_struct_conn.ptnr1_label_seq_id'             
24 4 'Structure model' '_struct_conn.ptnr1_symmetry'                 
25 4 'Structure model' '_struct_conn.ptnr2_auth_comp_id'             
26 4 'Structure model' '_struct_conn.ptnr2_auth_seq_id'              
27 4 'Structure model' '_struct_conn.ptnr2_label_asym_id'            
28 4 'Structure model' '_struct_conn.ptnr2_label_atom_id'            
29 4 'Structure model' '_struct_conn.ptnr2_label_comp_id'            
30 4 'Structure model' '_struct_conn.ptnr2_label_seq_id'             
31 4 'Structure model' '_struct_conn.ptnr2_symmetry'                 
32 4 'Structure model' '_struct_ref_seq_dif.details'                 
33 4 'Structure model' '_struct_site.pdbx_auth_asym_id'              
34 4 'Structure model' '_struct_site.pdbx_auth_comp_id'              
35 4 'Structure model' '_struct_site.pdbx_auth_seq_id'               
# 
_pdbx_database_status.entry_id                        2FYR 
_pdbx_database_status.deposit_site                    RCSB 
_pdbx_database_status.process_site                    RCSB 
_pdbx_database_status.recvd_initial_deposition_date   2006-02-08 
_pdbx_database_status.status_code                     REL 
_pdbx_database_status.status_code_sf                  REL 
_pdbx_database_status.status_code_mr                  ? 
_pdbx_database_status.SG_entry                        ? 
_pdbx_database_status.pdb_format_compatible           Y 
_pdbx_database_status.status_code_cs                  ? 
_pdbx_database_status.status_code_nmr_data            ? 
_pdbx_database_status.methods_development_category    ? 
# 
_pdbx_database_related.db_name        PDB 
_pdbx_database_related.db_id          2FYQ 
_pdbx_database_related.details        . 
_pdbx_database_related.content_type   unspecified 
# 
loop_
_audit_author.name 
_audit_author.pdbx_ordinal 
'Zeitler, C.E.'           1 
'Estes, M.K.'             2 
'Venkataram Prasad, B.V.' 3 
# 
_citation.id                        primary 
_citation.title                     'X-ray crystallographic structure of the Norwalk virus protease at 1.5-A resolution.' 
_citation.journal_abbrev            J.Virol. 
_citation.journal_volume            80 
_citation.page_first                5050 
_citation.page_last                 5058 
_citation.year                      2006 
_citation.journal_id_ASTM           JOVIAM 
_citation.country                   US 
_citation.journal_id_ISSN           0022-538X 
_citation.journal_id_CSD            0825 
_citation.book_publisher            ? 
_citation.pdbx_database_id_PubMed   16641296 
_citation.pdbx_database_id_DOI      10.1128/JVI.80.10.5050-5058.2006 
# 
loop_
_citation_author.citation_id 
_citation_author.name 
_citation_author.ordinal 
_citation_author.identifier_ORCID 
primary 'Zeitler, C.E.'           1 ? 
primary 'Estes, M.K.'             2 ? 
primary 'Venkataram Prasad, B.V.' 3 ? 
# 
loop_
_entity.id 
_entity.type 
_entity.src_method 
_entity.pdbx_description 
_entity.formula_weight 
_entity.pdbx_number_of_molecules 
_entity.pdbx_ec 
_entity.pdbx_mutation 
_entity.pdbx_fragment 
_entity.details 
1 polymer     man 'Chymotrypsin-like cysteine proteinase' 20786.738 1   ? ? ? ? 
2 non-polymer syn 'CHLORIDE ION'                          35.453    1   ? ? ? ? 
3 non-polymer syn 'MAGNESIUM ION'                         24.305    1   ? ? ? ? 
4 water       nat water                                   18.015    103 ? ? ? ? 
# 
_entity_poly.entity_id                      1 
_entity_poly.type                           'polypeptide(L)' 
_entity_poly.nstd_linkage                   no 
_entity_poly.nstd_monomer                   no 
_entity_poly.pdbx_seq_one_letter_code       
;MAHHHHHHDDDDKAPPTLWSRVTKFGSGWGFWVSPTVFITTTHVVPTGVKEFFGEPLSSIAIHQAGEFTQFRFSKKMRPD
LTGMVLEEGCPEGTVCSVLIKRDSGELLPLAVRMGAIASMRIQGRLVHGQSGMLLTGANAKGMDLGTIPGDCGAPYVHKR
GNDWVVCGVHAAATKSGNTVVCAVQAGEGETALE
;
_entity_poly.pdbx_seq_one_letter_code_can   
;MAHHHHHHDDDDKAPPTLWSRVTKFGSGWGFWVSPTVFITTTHVVPTGVKEFFGEPLSSIAIHQAGEFTQFRFSKKMRPD
LTGMVLEEGCPEGTVCSVLIKRDSGELLPLAVRMGAIASMRIQGRLVHGQSGMLLTGANAKGMDLGTIPGDCGAPYVHKR
GNDWVVCGVHAAATKSGNTVVCAVQAGEGETALE
;
_entity_poly.pdbx_strand_id                 A 
_entity_poly.pdbx_target_identifier         ? 
# 
loop_
_pdbx_entity_nonpoly.entity_id 
_pdbx_entity_nonpoly.name 
_pdbx_entity_nonpoly.comp_id 
2 'CHLORIDE ION'  CL  
3 'MAGNESIUM ION' MG  
4 water           HOH 
# 
loop_
_entity_poly_seq.entity_id 
_entity_poly_seq.num 
_entity_poly_seq.mon_id 
_entity_poly_seq.hetero 
1 1   MET n 
1 2   ALA n 
1 3   HIS n 
1 4   HIS n 
1 5   HIS n 
1 6   HIS n 
1 7   HIS n 
1 8   HIS n 
1 9   ASP n 
1 10  ASP n 
1 11  ASP n 
1 12  ASP n 
1 13  LYS n 
1 14  ALA n 
1 15  PRO n 
1 16  PRO n 
1 17  THR n 
1 18  LEU n 
1 19  TRP n 
1 20  SER n 
1 21  ARG n 
1 22  VAL n 
1 23  THR n 
1 24  LYS n 
1 25  PHE n 
1 26  GLY n 
1 27  SER n 
1 28  GLY n 
1 29  TRP n 
1 30  GLY n 
1 31  PHE n 
1 32  TRP n 
1 33  VAL n 
1 34  SER n 
1 35  PRO n 
1 36  THR n 
1 37  VAL n 
1 38  PHE n 
1 39  ILE n 
1 40  THR n 
1 41  THR n 
1 42  THR n 
1 43  HIS n 
1 44  VAL n 
1 45  VAL n 
1 46  PRO n 
1 47  THR n 
1 48  GLY n 
1 49  VAL n 
1 50  LYS n 
1 51  GLU n 
1 52  PHE n 
1 53  PHE n 
1 54  GLY n 
1 55  GLU n 
1 56  PRO n 
1 57  LEU n 
1 58  SER n 
1 59  SER n 
1 60  ILE n 
1 61  ALA n 
1 62  ILE n 
1 63  HIS n 
1 64  GLN n 
1 65  ALA n 
1 66  GLY n 
1 67  GLU n 
1 68  PHE n 
1 69  THR n 
1 70  GLN n 
1 71  PHE n 
1 72  ARG n 
1 73  PHE n 
1 74  SER n 
1 75  LYS n 
1 76  LYS n 
1 77  MET n 
1 78  ARG n 
1 79  PRO n 
1 80  ASP n 
1 81  LEU n 
1 82  THR n 
1 83  GLY n 
1 84  MET n 
1 85  VAL n 
1 86  LEU n 
1 87  GLU n 
1 88  GLU n 
1 89  GLY n 
1 90  CYS n 
1 91  PRO n 
1 92  GLU n 
1 93  GLY n 
1 94  THR n 
1 95  VAL n 
1 96  CYS n 
1 97  SER n 
1 98  VAL n 
1 99  LEU n 
1 100 ILE n 
1 101 LYS n 
1 102 ARG n 
1 103 ASP n 
1 104 SER n 
1 105 GLY n 
1 106 GLU n 
1 107 LEU n 
1 108 LEU n 
1 109 PRO n 
1 110 LEU n 
1 111 ALA n 
1 112 VAL n 
1 113 ARG n 
1 114 MET n 
1 115 GLY n 
1 116 ALA n 
1 117 ILE n 
1 118 ALA n 
1 119 SER n 
1 120 MET n 
1 121 ARG n 
1 122 ILE n 
1 123 GLN n 
1 124 GLY n 
1 125 ARG n 
1 126 LEU n 
1 127 VAL n 
1 128 HIS n 
1 129 GLY n 
1 130 GLN n 
1 131 SER n 
1 132 GLY n 
1 133 MET n 
1 134 LEU n 
1 135 LEU n 
1 136 THR n 
1 137 GLY n 
1 138 ALA n 
1 139 ASN n 
1 140 ALA n 
1 141 LYS n 
1 142 GLY n 
1 143 MET n 
1 144 ASP n 
1 145 LEU n 
1 146 GLY n 
1 147 THR n 
1 148 ILE n 
1 149 PRO n 
1 150 GLY n 
1 151 ASP n 
1 152 CYS n 
1 153 GLY n 
1 154 ALA n 
1 155 PRO n 
1 156 TYR n 
1 157 VAL n 
1 158 HIS n 
1 159 LYS n 
1 160 ARG n 
1 161 GLY n 
1 162 ASN n 
1 163 ASP n 
1 164 TRP n 
1 165 VAL n 
1 166 VAL n 
1 167 CYS n 
1 168 GLY n 
1 169 VAL n 
1 170 HIS n 
1 171 ALA n 
1 172 ALA n 
1 173 ALA n 
1 174 THR n 
1 175 LYS n 
1 176 SER n 
1 177 GLY n 
1 178 ASN n 
1 179 THR n 
1 180 VAL n 
1 181 VAL n 
1 182 CYS n 
1 183 ALA n 
1 184 VAL n 
1 185 GLN n 
1 186 ALA n 
1 187 GLY n 
1 188 GLU n 
1 189 GLY n 
1 190 GLU n 
1 191 THR n 
1 192 ALA n 
1 193 LEU n 
1 194 GLU n 
# 
_entity_src_gen.entity_id                          1 
_entity_src_gen.pdbx_src_id                        1 
_entity_src_gen.pdbx_alt_source_flag               sample 
_entity_src_gen.pdbx_seq_type                      ? 
_entity_src_gen.pdbx_beg_seq_num                   ? 
_entity_src_gen.pdbx_end_seq_num                   ? 
_entity_src_gen.gene_src_common_name               ? 
_entity_src_gen.gene_src_genus                     Norovirus 
_entity_src_gen.pdbx_gene_src_gene                 ? 
_entity_src_gen.gene_src_species                   ? 
_entity_src_gen.gene_src_strain                    ? 
_entity_src_gen.gene_src_tissue                    ? 
_entity_src_gen.gene_src_tissue_fraction           ? 
_entity_src_gen.gene_src_details                   ? 
_entity_src_gen.pdbx_gene_src_fragment             ? 
_entity_src_gen.pdbx_gene_src_scientific_name      'Norwalk virus' 
_entity_src_gen.pdbx_gene_src_ncbi_taxonomy_id     11983 
_entity_src_gen.pdbx_gene_src_variant              ? 
_entity_src_gen.pdbx_gene_src_cell_line            ? 
_entity_src_gen.pdbx_gene_src_atcc                 ? 
_entity_src_gen.pdbx_gene_src_organ                ? 
_entity_src_gen.pdbx_gene_src_organelle            ? 
_entity_src_gen.pdbx_gene_src_cell                 ? 
_entity_src_gen.pdbx_gene_src_cellular_location    ? 
_entity_src_gen.host_org_common_name               ? 
_entity_src_gen.pdbx_host_org_scientific_name      'Escherichia coli BL21(DE3)' 
_entity_src_gen.pdbx_host_org_ncbi_taxonomy_id     469008 
_entity_src_gen.host_org_genus                     Escherichia 
_entity_src_gen.pdbx_host_org_gene                 ? 
_entity_src_gen.pdbx_host_org_organ                ? 
_entity_src_gen.host_org_species                   'Escherichia coli' 
_entity_src_gen.pdbx_host_org_tissue               ? 
_entity_src_gen.pdbx_host_org_tissue_fraction      ? 
_entity_src_gen.pdbx_host_org_strain               'BL-21(DE3)' 
_entity_src_gen.pdbx_host_org_variant              ? 
_entity_src_gen.pdbx_host_org_cell_line            ? 
_entity_src_gen.pdbx_host_org_atcc                 ? 
_entity_src_gen.pdbx_host_org_culture_collection   ? 
_entity_src_gen.pdbx_host_org_cell                 ? 
_entity_src_gen.pdbx_host_org_organelle            ? 
_entity_src_gen.pdbx_host_org_cellular_location    ? 
_entity_src_gen.pdbx_host_org_vector_type          PLASMID 
_entity_src_gen.pdbx_host_org_vector               ? 
_entity_src_gen.host_org_details                   ? 
_entity_src_gen.expression_system_id               ? 
_entity_src_gen.plasmid_name                       'PET46 EK-LIC' 
_entity_src_gen.plasmid_details                    ? 
_entity_src_gen.pdbx_description                   ? 
# 
loop_
_chem_comp.id 
_chem_comp.type 
_chem_comp.mon_nstd_flag 
_chem_comp.name 
_chem_comp.pdbx_synonyms 
_chem_comp.formula 
_chem_comp.formula_weight 
ALA 'L-peptide linking' y ALANINE         ? 'C3 H7 N O2'     89.093  
ARG 'L-peptide linking' y ARGININE        ? 'C6 H15 N4 O2 1' 175.209 
ASN 'L-peptide linking' y ASPARAGINE      ? 'C4 H8 N2 O3'    132.118 
ASP 'L-peptide linking' y 'ASPARTIC ACID' ? 'C4 H7 N O4'     133.103 
CL  non-polymer         . 'CHLORIDE ION'  ? 'Cl -1'          35.453  
CYS 'L-peptide linking' y CYSTEINE        ? 'C3 H7 N O2 S'   121.158 
GLN 'L-peptide linking' y GLUTAMINE       ? 'C5 H10 N2 O3'   146.144 
GLU 'L-peptide linking' y 'GLUTAMIC ACID' ? 'C5 H9 N O4'     147.129 
GLY 'peptide linking'   y GLYCINE         ? 'C2 H5 N O2'     75.067  
HIS 'L-peptide linking' y HISTIDINE       ? 'C6 H10 N3 O2 1' 156.162 
HOH non-polymer         . WATER           ? 'H2 O'           18.015  
ILE 'L-peptide linking' y ISOLEUCINE      ? 'C6 H13 N O2'    131.173 
LEU 'L-peptide linking' y LEUCINE         ? 'C6 H13 N O2'    131.173 
LYS 'L-peptide linking' y LYSINE          ? 'C6 H15 N2 O2 1' 147.195 
MET 'L-peptide linking' y METHIONINE      ? 'C5 H11 N O2 S'  149.211 
MG  non-polymer         . 'MAGNESIUM ION' ? 'Mg 2'           24.305  
PHE 'L-peptide linking' y PHENYLALANINE   ? 'C9 H11 N O2'    165.189 
PRO 'L-peptide linking' y PROLINE         ? 'C5 H9 N O2'     115.130 
SER 'L-peptide linking' y SERINE          ? 'C3 H7 N O3'     105.093 
THR 'L-peptide linking' y THREONINE       ? 'C4 H9 N O3'     119.119 
TRP 'L-peptide linking' y TRYPTOPHAN      ? 'C11 H12 N2 O2'  204.225 
TYR 'L-peptide linking' y TYROSINE        ? 'C9 H11 N O3'    181.189 
VAL 'L-peptide linking' y VALINE          ? 'C5 H11 N O2'    117.146 
# 
loop_
_pdbx_poly_seq_scheme.asym_id 
_pdbx_poly_seq_scheme.entity_id 
_pdbx_poly_seq_scheme.seq_id 
_pdbx_poly_seq_scheme.mon_id 
_pdbx_poly_seq_scheme.ndb_seq_num 
_pdbx_poly_seq_scheme.pdb_seq_num 
_pdbx_poly_seq_scheme.auth_seq_num 
_pdbx_poly_seq_scheme.pdb_mon_id 
_pdbx_poly_seq_scheme.auth_mon_id 
_pdbx_poly_seq_scheme.pdb_strand_id 
_pdbx_poly_seq_scheme.pdb_ins_code 
_pdbx_poly_seq_scheme.hetero 
A 1 1   MET 1   -12 ?   ?   ?   A . n 
A 1 2   ALA 2   -11 ?   ?   ?   A . n 
A 1 3   HIS 3   -10 ?   ?   ?   A . n 
A 1 4   HIS 4   -9  ?   ?   ?   A . n 
A 1 5   HIS 5   -8  ?   ?   ?   A . n 
A 1 6   HIS 6   -7  ?   ?   ?   A . n 
A 1 7   HIS 7   -6  ?   ?   ?   A . n 
A 1 8   HIS 8   -5  ?   ?   ?   A . n 
A 1 9   ASP 9   -4  ?   ?   ?   A . n 
A 1 10  ASP 10  -3  ?   ?   ?   A . n 
A 1 11  ASP 11  -2  ?   ?   ?   A . n 
A 1 12  ASP 12  -1  ?   ?   ?   A . n 
A 1 13  LYS 13  0   ?   ?   ?   A . n 
A 1 14  ALA 14  1   1   ALA ALA A . n 
A 1 15  PRO 15  2   2   PRO PRO A . n 
A 1 16  PRO 16  3   3   PRO PRO A . n 
A 1 17  THR 17  4   4   THR THR A . n 
A 1 18  LEU 18  5   5   LEU LEU A . n 
A 1 19  TRP 19  6   6   TRP TRP A . n 
A 1 20  SER 20  7   7   SER SER A . n 
A 1 21  ARG 21  8   8   ARG ARG A . n 
A 1 22  VAL 22  9   9   VAL VAL A . n 
A 1 23  THR 23  10  10  THR THR A . n 
A 1 24  LYS 24  11  11  LYS LYS A . n 
A 1 25  PHE 25  12  12  PHE PHE A . n 
A 1 26  GLY 26  13  13  GLY GLY A . n 
A 1 27  SER 27  14  14  SER SER A . n 
A 1 28  GLY 28  15  15  GLY GLY A . n 
A 1 29  TRP 29  16  16  TRP TRP A . n 
A 1 30  GLY 30  17  17  GLY GLY A . n 
A 1 31  PHE 31  18  18  PHE PHE A . n 
A 1 32  TRP 32  19  19  TRP TRP A . n 
A 1 33  VAL 33  20  20  VAL VAL A . n 
A 1 34  SER 34  21  21  SER SER A . n 
A 1 35  PRO 35  22  22  PRO PRO A . n 
A 1 36  THR 36  23  23  THR THR A . n 
A 1 37  VAL 37  24  24  VAL VAL A . n 
A 1 38  PHE 38  25  25  PHE PHE A . n 
A 1 39  ILE 39  26  26  ILE ILE A . n 
A 1 40  THR 40  27  27  THR THR A . n 
A 1 41  THR 41  28  28  THR THR A . n 
A 1 42  THR 42  29  29  THR THR A . n 
A 1 43  HIS 43  30  30  HIS HIS A . n 
A 1 44  VAL 44  31  31  VAL VAL A . n 
A 1 45  VAL 45  32  32  VAL VAL A . n 
A 1 46  PRO 46  33  33  PRO PRO A . n 
A 1 47  THR 47  34  34  THR THR A . n 
A 1 48  GLY 48  35  35  GLY GLY A . n 
A 1 49  VAL 49  36  36  VAL VAL A . n 
A 1 50  LYS 50  37  37  LYS LYS A . n 
A 1 51  GLU 51  38  38  GLU GLU A . n 
A 1 52  PHE 52  39  39  PHE PHE A . n 
A 1 53  PHE 53  40  40  PHE PHE A . n 
A 1 54  GLY 54  41  41  GLY GLY A . n 
A 1 55  GLU 55  42  42  GLU GLU A . n 
A 1 56  PRO 56  43  43  PRO PRO A . n 
A 1 57  LEU 57  44  44  LEU LEU A . n 
A 1 58  SER 58  45  45  SER SER A . n 
A 1 59  SER 59  46  46  SER SER A . n 
A 1 60  ILE 60  47  47  ILE ILE A . n 
A 1 61  ALA 61  48  48  ALA ALA A . n 
A 1 62  ILE 62  49  49  ILE ILE A . n 
A 1 63  HIS 63  50  50  HIS HIS A . n 
A 1 64  GLN 64  51  51  GLN GLN A . n 
A 1 65  ALA 65  52  52  ALA ALA A . n 
A 1 66  GLY 66  53  53  GLY GLY A . n 
A 1 67  GLU 67  54  54  GLU GLU A . n 
A 1 68  PHE 68  55  55  PHE PHE A . n 
A 1 69  THR 69  56  56  THR THR A . n 
A 1 70  GLN 70  57  57  GLN GLN A . n 
A 1 71  PHE 71  58  58  PHE PHE A . n 
A 1 72  ARG 72  59  59  ARG ARG A . n 
A 1 73  PHE 73  60  60  PHE PHE A . n 
A 1 74  SER 74  61  61  SER SER A . n 
A 1 75  LYS 75  62  62  LYS LYS A . n 
A 1 76  LYS 76  63  63  LYS LYS A . n 
A 1 77  MET 77  64  64  MET MET A . n 
A 1 78  ARG 78  65  65  ARG ARG A . n 
A 1 79  PRO 79  66  66  PRO PRO A . n 
A 1 80  ASP 80  67  67  ASP ASP A . n 
A 1 81  LEU 81  68  68  LEU LEU A . n 
A 1 82  THR 82  69  69  THR THR A . n 
A 1 83  GLY 83  70  70  GLY GLY A . n 
A 1 84  MET 84  71  71  MET MET A . n 
A 1 85  VAL 85  72  72  VAL VAL A . n 
A 1 86  LEU 86  73  73  LEU LEU A . n 
A 1 87  GLU 87  74  74  GLU GLU A . n 
A 1 88  GLU 88  75  75  GLU GLU A . n 
A 1 89  GLY 89  76  76  GLY GLY A . n 
A 1 90  CYS 90  77  77  CYS CYS A . n 
A 1 91  PRO 91  78  78  PRO PRO A . n 
A 1 92  GLU 92  79  79  GLU GLU A . n 
A 1 93  GLY 93  80  80  GLY GLY A . n 
A 1 94  THR 94  81  81  THR THR A . n 
A 1 95  VAL 95  82  82  VAL VAL A . n 
A 1 96  CYS 96  83  83  CYS CYS A . n 
A 1 97  SER 97  84  84  SER SER A . n 
A 1 98  VAL 98  85  85  VAL VAL A . n 
A 1 99  LEU 99  86  86  LEU LEU A . n 
A 1 100 ILE 100 87  87  ILE ILE A . n 
A 1 101 LYS 101 88  88  LYS LYS A . n 
A 1 102 ARG 102 89  89  ARG ARG A . n 
A 1 103 ASP 103 90  90  ASP ASP A . n 
A 1 104 SER 104 91  91  SER SER A . n 
A 1 105 GLY 105 92  92  GLY GLY A . n 
A 1 106 GLU 106 93  93  GLU GLU A . n 
A 1 107 LEU 107 94  94  LEU LEU A . n 
A 1 108 LEU 108 95  95  LEU LEU A . n 
A 1 109 PRO 109 96  96  PRO PRO A . n 
A 1 110 LEU 110 97  97  LEU LEU A . n 
A 1 111 ALA 111 98  98  ALA ALA A . n 
A 1 112 VAL 112 99  99  VAL VAL A . n 
A 1 113 ARG 113 100 100 ARG ARG A . n 
A 1 114 MET 114 101 101 MET MET A . n 
A 1 115 GLY 115 102 102 GLY GLY A . n 
A 1 116 ALA 116 103 103 ALA ALA A . n 
A 1 117 ILE 117 104 104 ILE ILE A . n 
A 1 118 ALA 118 105 105 ALA ALA A . n 
A 1 119 SER 119 106 106 SER SER A . n 
A 1 120 MET 120 107 107 MET MET A . n 
A 1 121 ARG 121 108 108 ARG ARG A . n 
A 1 122 ILE 122 109 109 ILE ILE A . n 
A 1 123 GLN 123 110 110 GLN GLN A . n 
A 1 124 GLY 124 111 111 GLY GLY A . n 
A 1 125 ARG 125 112 112 ARG ARG A . n 
A 1 126 LEU 126 113 113 LEU LEU A . n 
A 1 127 VAL 127 114 114 VAL VAL A . n 
A 1 128 HIS 128 115 115 HIS HIS A . n 
A 1 129 GLY 129 116 116 GLY GLY A . n 
A 1 130 GLN 130 117 117 GLN GLN A . n 
A 1 131 SER 131 118 118 SER SER A . n 
A 1 132 GLY 132 119 119 GLY GLY A . n 
A 1 133 MET 133 120 120 MET MET A . n 
A 1 134 LEU 134 121 121 LEU LEU A . n 
A 1 135 LEU 135 122 122 LEU LEU A . n 
A 1 136 THR 136 123 ?   ?   ?   A . n 
A 1 137 GLY 137 124 ?   ?   ?   A . n 
A 1 138 ALA 138 125 ?   ?   ?   A . n 
A 1 139 ASN 139 126 ?   ?   ?   A . n 
A 1 140 ALA 140 127 ?   ?   ?   A . n 
A 1 141 LYS 141 128 ?   ?   ?   A . n 
A 1 142 GLY 142 129 ?   ?   ?   A . n 
A 1 143 MET 143 130 ?   ?   ?   A . n 
A 1 144 ASP 144 131 ?   ?   ?   A . n 
A 1 145 LEU 145 132 ?   ?   ?   A . n 
A 1 146 GLY 146 133 133 GLY GLY A . n 
A 1 147 THR 147 134 134 THR THR A . n 
A 1 148 ILE 148 135 135 ILE ILE A . n 
A 1 149 PRO 149 136 136 PRO PRO A . n 
A 1 150 GLY 150 137 137 GLY GLY A . n 
A 1 151 ASP 151 138 138 ASP ASP A . n 
A 1 152 CYS 152 139 139 CYS CYS A . n 
A 1 153 GLY 153 140 140 GLY GLY A . n 
A 1 154 ALA 154 141 141 ALA ALA A . n 
A 1 155 PRO 155 142 142 PRO PRO A . n 
A 1 156 TYR 156 143 143 TYR TYR A . n 
A 1 157 VAL 157 144 144 VAL VAL A . n 
A 1 158 HIS 158 145 145 HIS HIS A . n 
A 1 159 LYS 159 146 146 LYS LYS A . n 
A 1 160 ARG 160 147 147 ARG ARG A . n 
A 1 161 GLY 161 148 148 GLY GLY A . n 
A 1 162 ASN 162 149 149 ASN ASN A . n 
A 1 163 ASP 163 150 150 ASP ASP A . n 
A 1 164 TRP 164 151 151 TRP TRP A . n 
A 1 165 VAL 165 152 152 VAL VAL A . n 
A 1 166 VAL 166 153 153 VAL VAL A . n 
A 1 167 CYS 167 154 154 CYS CYS A . n 
A 1 168 GLY 168 155 155 GLY GLY A . n 
A 1 169 VAL 169 156 156 VAL VAL A . n 
A 1 170 HIS 170 157 157 HIS HIS A . n 
A 1 171 ALA 171 158 158 ALA ALA A . n 
A 1 172 ALA 172 159 159 ALA ALA A . n 
A 1 173 ALA 173 160 160 ALA ALA A . n 
A 1 174 THR 174 161 161 THR THR A . n 
A 1 175 LYS 175 162 162 LYS LYS A . n 
A 1 176 SER 176 163 163 SER SER A . n 
A 1 177 GLY 177 164 164 GLY GLY A . n 
A 1 178 ASN 178 165 165 ASN ASN A . n 
A 1 179 THR 179 166 166 THR THR A . n 
A 1 180 VAL 180 167 167 VAL VAL A . n 
A 1 181 VAL 181 168 168 VAL VAL A . n 
A 1 182 CYS 182 169 169 CYS CYS A . n 
A 1 183 ALA 183 170 170 ALA ALA A . n 
A 1 184 VAL 184 171 171 VAL VAL A . n 
A 1 185 GLN 185 172 172 GLN GLN A . n 
A 1 186 ALA 186 173 173 ALA ALA A . n 
A 1 187 GLY 187 174 174 GLY GLY A . n 
A 1 188 GLU 188 175 175 GLU GLU A . n 
A 1 189 GLY 189 176 176 GLY GLY A . n 
A 1 190 GLU 190 177 177 GLU GLU A . n 
A 1 191 THR 191 178 178 THR THR A . n 
A 1 192 ALA 192 179 179 ALA ALA A . n 
A 1 193 LEU 193 180 180 LEU LEU A . n 
A 1 194 GLU 194 181 181 GLU GLU A . n 
# 
loop_
_pdbx_nonpoly_scheme.asym_id 
_pdbx_nonpoly_scheme.entity_id 
_pdbx_nonpoly_scheme.mon_id 
_pdbx_nonpoly_scheme.ndb_seq_num 
_pdbx_nonpoly_scheme.pdb_seq_num 
_pdbx_nonpoly_scheme.auth_seq_num 
_pdbx_nonpoly_scheme.pdb_mon_id 
_pdbx_nonpoly_scheme.auth_mon_id 
_pdbx_nonpoly_scheme.pdb_strand_id 
_pdbx_nonpoly_scheme.pdb_ins_code 
B 2 CL  1   301 301 CL  CL  A . 
C 3 MG  1   302 302 MG  MG  A . 
D 4 HOH 1   303 2   HOH HOH A . 
D 4 HOH 2   304 3   HOH HOH A . 
D 4 HOH 3   305 4   HOH HOH A . 
D 4 HOH 4   306 5   HOH HOH A . 
D 4 HOH 5   307 6   HOH HOH A . 
D 4 HOH 6   308 7   HOH HOH A . 
D 4 HOH 7   309 8   HOH HOH A . 
D 4 HOH 8   310 9   HOH HOH A . 
D 4 HOH 9   311 10  HOH HOH A . 
D 4 HOH 10  312 11  HOH HOH A . 
D 4 HOH 11  313 12  HOH HOH A . 
D 4 HOH 12  314 13  HOH HOH A . 
D 4 HOH 13  315 14  HOH HOH A . 
D 4 HOH 14  316 16  HOH HOH A . 
D 4 HOH 15  317 17  HOH HOH A . 
D 4 HOH 16  318 18  HOH HOH A . 
D 4 HOH 17  319 19  HOH HOH A . 
D 4 HOH 18  320 20  HOH HOH A . 
D 4 HOH 19  321 21  HOH HOH A . 
D 4 HOH 20  322 24  HOH HOH A . 
D 4 HOH 21  323 26  HOH HOH A . 
D 4 HOH 22  324 27  HOH HOH A . 
D 4 HOH 23  325 28  HOH HOH A . 
D 4 HOH 24  326 29  HOH HOH A . 
D 4 HOH 25  327 30  HOH HOH A . 
D 4 HOH 26  328 31  HOH HOH A . 
D 4 HOH 27  329 32  HOH HOH A . 
D 4 HOH 28  330 33  HOH HOH A . 
D 4 HOH 29  331 34  HOH HOH A . 
D 4 HOH 30  332 35  HOH HOH A . 
D 4 HOH 31  333 36  HOH HOH A . 
D 4 HOH 32  334 37  HOH HOH A . 
D 4 HOH 33  335 39  HOH HOH A . 
D 4 HOH 34  336 40  HOH HOH A . 
D 4 HOH 35  337 41  HOH HOH A . 
D 4 HOH 36  338 42  HOH HOH A . 
D 4 HOH 37  339 43  HOH HOH A . 
D 4 HOH 38  340 44  HOH HOH A . 
D 4 HOH 39  341 45  HOH HOH A . 
D 4 HOH 40  342 48  HOH HOH A . 
D 4 HOH 41  343 49  HOH HOH A . 
D 4 HOH 42  344 50  HOH HOH A . 
D 4 HOH 43  345 51  HOH HOH A . 
D 4 HOH 44  346 54  HOH HOH A . 
D 4 HOH 45  347 56  HOH HOH A . 
D 4 HOH 46  348 57  HOH HOH A . 
D 4 HOH 47  349 60  HOH HOH A . 
D 4 HOH 48  350 61  HOH HOH A . 
D 4 HOH 49  351 63  HOH HOH A . 
D 4 HOH 50  352 65  HOH HOH A . 
D 4 HOH 51  353 66  HOH HOH A . 
D 4 HOH 52  354 70  HOH HOH A . 
D 4 HOH 53  355 77  HOH HOH A . 
D 4 HOH 54  356 78  HOH HOH A . 
D 4 HOH 55  357 79  HOH HOH A . 
D 4 HOH 56  358 80  HOH HOH A . 
D 4 HOH 57  359 86  HOH HOH A . 
D 4 HOH 58  360 87  HOH HOH A . 
D 4 HOH 59  361 93  HOH HOH A . 
D 4 HOH 60  362 107 HOH HOH A . 
D 4 HOH 61  363 135 HOH HOH A . 
D 4 HOH 62  364 145 HOH HOH A . 
D 4 HOH 63  365 148 HOH HOH A . 
D 4 HOH 64  366 153 HOH HOH A . 
D 4 HOH 65  367 155 HOH HOH A . 
D 4 HOH 66  368 156 HOH HOH A . 
D 4 HOH 67  369 157 HOH HOH A . 
D 4 HOH 68  370 161 HOH HOH A . 
D 4 HOH 69  371 162 HOH HOH A . 
D 4 HOH 70  372 164 HOH HOH A . 
D 4 HOH 71  373 166 HOH HOH A . 
D 4 HOH 72  374 167 HOH HOH A . 
D 4 HOH 73  375 168 HOH HOH A . 
D 4 HOH 74  376 169 HOH HOH A . 
D 4 HOH 75  377 170 HOH HOH A . 
D 4 HOH 76  378 171 HOH HOH A . 
D 4 HOH 77  379 172 HOH HOH A . 
D 4 HOH 78  380 177 HOH HOH A . 
D 4 HOH 79  381 178 HOH HOH A . 
D 4 HOH 80  382 179 HOH HOH A . 
D 4 HOH 81  383 185 HOH HOH A . 
D 4 HOH 82  384 189 HOH HOH A . 
D 4 HOH 83  385 190 HOH HOH A . 
D 4 HOH 84  386 196 HOH HOH A . 
D 4 HOH 85  387 198 HOH HOH A . 
D 4 HOH 86  388 199 HOH HOH A . 
D 4 HOH 87  389 201 HOH HOH A . 
D 4 HOH 88  390 203 HOH HOH A . 
D 4 HOH 89  391 204 HOH HOH A . 
D 4 HOH 90  392 210 HOH HOH A . 
D 4 HOH 91  393 213 HOH HOH A . 
D 4 HOH 92  394 218 HOH HOH A . 
D 4 HOH 93  395 219 HOH HOH A . 
D 4 HOH 94  396 220 HOH HOH A . 
D 4 HOH 95  397 221 HOH HOH A . 
D 4 HOH 96  398 222 HOH HOH A . 
D 4 HOH 97  399 223 HOH HOH A . 
D 4 HOH 98  400 225 HOH HOH A . 
D 4 HOH 99  401 227 HOH HOH A . 
D 4 HOH 100 402 228 HOH HOH A . 
D 4 HOH 101 403 229 HOH HOH A . 
D 4 HOH 102 404 230 HOH HOH A . 
D 4 HOH 103 405 231 HOH HOH A . 
# 
loop_
_software.name 
_software.version 
_software.date 
_software.type 
_software.contact_author 
_software.contact_author_email 
_software.classification 
_software.location 
_software.language 
_software.citation_id 
_software.pdbx_ordinal 
d*TREK      9.4LDz 'Apr 24 2005'  package 'Pflugrath, J.W.' jwp@RigakuMSC.com           'data scaling'    
http://www.msc.com/protein/dtrek.html       ?          ? 1 
PHASER      .      ?              program 'R. J. Read'      cimr-phaser@lists.cam.ac.uk phasing           
http://www-structmed.cimr.cam.ac.uk/phaser/ ?          ? 2 
CNS         .      ?              package 'Axel T. Brunger' axel.brunger@yale.edu       refinement        
http://cns.csb.yale.edu/v1.1/               Fortran_77 ? 3 
PDB_EXTRACT 1.701  'Nov. 1, 2005' package PDB               sw-help@rcsb.rutgers.edu    'data extraction' 
http://pdb.rutgers.edu/software/            C++        ? 4 
# 
_cell.entry_id           2FYR 
_cell.length_a           120.490 
_cell.length_b           120.490 
_cell.length_c           51.249 
_cell.angle_alpha        90.00 
_cell.angle_beta         90.00 
_cell.angle_gamma        120.00 
_cell.Z_PDB              12 
_cell.pdbx_unique_axis   ? 
_cell.length_a_esd       ? 
_cell.length_b_esd       ? 
_cell.length_c_esd       ? 
_cell.angle_alpha_esd    ? 
_cell.angle_beta_esd     ? 
_cell.angle_gamma_esd    ? 
# 
_symmetry.entry_id                         2FYR 
_symmetry.space_group_name_H-M             'P 65 2 2' 
_symmetry.pdbx_full_space_group_name_H-M   ? 
_symmetry.cell_setting                     ? 
_symmetry.Int_Tables_number                179 
_symmetry.space_group_name_Hall            ? 
# 
_exptl.entry_id          2FYR 
_exptl.method            'X-RAY DIFFRACTION' 
_exptl.crystals_number   1 
# 
_exptl_crystal.id                    1 
_exptl_crystal.density_meas          ? 
_exptl_crystal.density_Matthews      2.80 
_exptl_crystal.density_percent_sol   56.07 
_exptl_crystal.description           ? 
_exptl_crystal.F_000                 ? 
_exptl_crystal.preparation           ? 
# 
_exptl_crystal_grow.crystal_id      1 
_exptl_crystal_grow.method          ? 
_exptl_crystal_grow.temp            298 
_exptl_crystal_grow.temp_details    ? 
_exptl_crystal_grow.pH              5.50 
_exptl_crystal_grow.pdbx_details    
'0.2M magnesium chloride, 0.1M bis-tris, 30% PEG 3350, pH 5.5, VAPOR DIFFUSION, HANGING DROP, temperature 298K, pH 5.50' 
_exptl_crystal_grow.pdbx_pH_range   . 
# 
_diffrn.id                     1 
_diffrn.ambient_temp           93.0 
_diffrn.ambient_temp_details   ? 
_diffrn.crystal_id             1 
# 
_diffrn_detector.diffrn_id              1 
_diffrn_detector.detector               CCD 
_diffrn_detector.type                   'ADSC QUANTUM 4' 
_diffrn_detector.pdbx_collection_date   ? 
_diffrn_detector.details                ? 
# 
_diffrn_radiation.diffrn_id                        1 
_diffrn_radiation.wavelength_id                    1 
_diffrn_radiation.pdbx_monochromatic_or_laue_m_l   M 
_diffrn_radiation.monochromator                    ? 
_diffrn_radiation.pdbx_diffrn_protocol             'SINGLE WAVELENGTH' 
_diffrn_radiation.pdbx_scattering_type             x-ray 
# 
_diffrn_radiation_wavelength.id           1 
_diffrn_radiation_wavelength.wavelength   0.9794 
_diffrn_radiation_wavelength.wt           1.0 
# 
_diffrn_source.diffrn_id                   1 
_diffrn_source.source                      SYNCHROTRON 
_diffrn_source.type                        'APS BEAMLINE 19-ID' 
_diffrn_source.pdbx_synchrotron_site       APS 
_diffrn_source.pdbx_synchrotron_beamline   19-ID 
_diffrn_source.pdbx_wavelength             0.9794 
_diffrn_source.pdbx_wavelength_list        0.9794 
# 
_reflns.entry_id                     2FYR 
_reflns.observed_criterion_sigma_I   ? 
_reflns.observed_criterion_sigma_F   ? 
_reflns.d_resolution_low             39.440 
_reflns.d_resolution_high            2.200 
_reflns.number_obs                   11542 
_reflns.number_all                   ? 
_reflns.percent_possible_obs         99.6 
_reflns.pdbx_Rmerge_I_obs            ? 
_reflns.pdbx_Rsym_value              ? 
_reflns.pdbx_netI_over_sigmaI        ? 
_reflns.B_iso_Wilson_estimate        ? 
_reflns.pdbx_redundancy              ? 
_reflns.R_free_details               ? 
_reflns.limit_h_max                  ? 
_reflns.limit_h_min                  ? 
_reflns.limit_k_max                  ? 
_reflns.limit_k_min                  ? 
_reflns.limit_l_max                  ? 
_reflns.limit_l_min                  ? 
_reflns.observed_criterion_F_max     ? 
_reflns.observed_criterion_F_min     ? 
_reflns.pdbx_chi_squared             ? 
_reflns.pdbx_scaling_rejects         ? 
_reflns.pdbx_ordinal                 1 
_reflns.pdbx_diffrn_id               1 
# 
_reflns_shell.d_res_high             2.20 
_reflns_shell.d_res_low              2.28 
_reflns_shell.percent_possible_all   ? 
_reflns_shell.Rmerge_I_obs           0.326 
_reflns_shell.pdbx_Rsym_value        ? 
_reflns_shell.meanI_over_sigI_obs    5.900 
_reflns_shell.pdbx_redundancy        ? 
_reflns_shell.percent_possible_obs   ? 
_reflns_shell.number_unique_all      ? 
_reflns_shell.number_measured_all    ? 
_reflns_shell.number_measured_obs    ? 
_reflns_shell.number_unique_obs      ? 
_reflns_shell.pdbx_chi_squared       ? 
_reflns_shell.pdbx_ordinal           1 
_reflns_shell.pdbx_diffrn_id         1 
# 
_refine.entry_id                                 2FYR 
_refine.ls_number_reflns_obs                     18889 
_refine.ls_number_reflns_all                     20876 
_refine.pdbx_ls_sigma_I                          ? 
_refine.pdbx_ls_sigma_F                          ? 
_refine.pdbx_data_cutoff_high_absF               ? 
_refine.pdbx_data_cutoff_low_absF                ? 
_refine.pdbx_data_cutoff_high_rms_absF           ? 
_refine.ls_d_res_low                             40.00 
_refine.ls_d_res_high                            2.20 
_refine.ls_percent_reflns_obs                    98.7 
_refine.ls_R_factor_obs                          0.211 
_refine.ls_R_factor_all                          ? 
_refine.ls_R_factor_R_work                       0.211 
_refine.ls_R_factor_R_free                       0.246 
_refine.ls_R_factor_R_free_error                 ? 
_refine.ls_R_factor_R_free_error_details         ? 
_refine.ls_percent_reflns_R_free                 9.400 
_refine.ls_number_reflns_R_free                  1987 
_refine.ls_number_parameters                     ? 
_refine.ls_number_restraints                     ? 
_refine.occupancy_min                            ? 
_refine.occupancy_max                            ? 
_refine.correlation_coeff_Fo_to_Fc               ? 
_refine.correlation_coeff_Fo_to_Fc_free          ? 
_refine.B_iso_mean                               25.67 
_refine.aniso_B[1][1]                            -0.79800 
_refine.aniso_B[2][2]                            -0.79800 
_refine.aniso_B[3][3]                            1.59600 
_refine.aniso_B[1][2]                            -1.44300 
_refine.aniso_B[1][3]                            0.00000 
_refine.aniso_B[2][3]                            0.00000 
_refine.solvent_model_details                    ? 
_refine.solvent_model_param_ksol                 ? 
_refine.solvent_model_param_bsol                 52.40 
_refine.pdbx_solvent_vdw_probe_radii             ? 
_refine.pdbx_solvent_ion_probe_radii             ? 
_refine.pdbx_solvent_shrinkage_radii             ? 
_refine.pdbx_ls_cross_valid_method               ? 
_refine.details                                  ? 
_refine.pdbx_starting_model                      ? 
_refine.pdbx_method_to_determine_struct          'MOLECULAR REPLACEMENT' 
_refine.pdbx_isotropic_thermal_model             ? 
_refine.pdbx_stereochemistry_target_values       'Engh & Huber' 
_refine.pdbx_stereochem_target_val_spec_case     ? 
_refine.pdbx_R_Free_selection_details            ? 
_refine.pdbx_overall_ESU_R                       ? 
_refine.pdbx_overall_ESU_R_Free                  ? 
_refine.overall_SU_ML                            ? 
_refine.overall_SU_B                             ? 
_refine.ls_redundancy_reflns_obs                 ? 
_refine.B_iso_min                                ? 
_refine.B_iso_max                                ? 
_refine.overall_SU_R_Cruickshank_DPI             ? 
_refine.overall_SU_R_free                        ? 
_refine.ls_wR_factor_R_free                      ? 
_refine.ls_wR_factor_R_work                      ? 
_refine.overall_FOM_free_R_set                   ? 
_refine.overall_FOM_work_R_set                   ? 
_refine.pdbx_overall_phase_error                 ? 
_refine.pdbx_refine_id                           'X-RAY DIFFRACTION' 
_refine.pdbx_diffrn_id                           1 
_refine.pdbx_TLS_residual_ADP_flag               ? 
_refine.pdbx_overall_SU_R_free_Cruickshank_DPI   ? 
_refine.pdbx_overall_SU_R_Blow_DPI               ? 
_refine.pdbx_overall_SU_R_free_Blow_DPI          ? 
# 
_refine_hist.pdbx_refine_id                   'X-RAY DIFFRACTION' 
_refine_hist.cycle_id                         LAST 
_refine_hist.pdbx_number_atoms_protein        1276 
_refine_hist.pdbx_number_atoms_nucleic_acid   0 
_refine_hist.pdbx_number_atoms_ligand         2 
_refine_hist.number_atoms_solvent             103 
_refine_hist.number_atoms_total               1381 
_refine_hist.d_res_high                       2.20 
_refine_hist.d_res_low                        40.00 
# 
loop_
_refine_ls_restr.type 
_refine_ls_restr.dev_ideal 
_refine_ls_restr.dev_ideal_target 
_refine_ls_restr.weight 
_refine_ls_restr.number 
_refine_ls_restr.pdbx_refine_id 
_refine_ls_restr.pdbx_restraint_function 
c_bond_d                0.006 ? ? ? 'X-RAY DIFFRACTION' ? 
c_bond_d_na             ?     ? ? ? 'X-RAY DIFFRACTION' ? 
c_bond_d_prot           ?     ? ? ? 'X-RAY DIFFRACTION' ? 
c_angle_d               ?     ? ? ? 'X-RAY DIFFRACTION' ? 
c_angle_d_na            ?     ? ? ? 'X-RAY DIFFRACTION' ? 
c_angle_d_prot          ?     ? ? ? 'X-RAY DIFFRACTION' ? 
c_angle_deg             1.25  ? ? ? 'X-RAY DIFFRACTION' ? 
c_angle_deg_na          ?     ? ? ? 'X-RAY DIFFRACTION' ? 
c_angle_deg_prot        ?     ? ? ? 'X-RAY DIFFRACTION' ? 
c_dihedral_angle_d      ?     ? ? ? 'X-RAY DIFFRACTION' ? 
c_dihedral_angle_d_na   ?     ? ? ? 'X-RAY DIFFRACTION' ? 
c_dihedral_angle_d_prot ?     ? ? ? 'X-RAY DIFFRACTION' ? 
c_improper_angle_d      ?     ? ? ? 'X-RAY DIFFRACTION' ? 
c_improper_angle_d_na   ?     ? ? ? 'X-RAY DIFFRACTION' ? 
c_improper_angle_d_prot ?     ? ? ? 'X-RAY DIFFRACTION' ? 
c_mcbond_it             2.051 ? ? ? 'X-RAY DIFFRACTION' ? 
c_mcangle_it            1.336 ? ? ? 'X-RAY DIFFRACTION' ? 
c_scbond_it             ?     ? ? ? 'X-RAY DIFFRACTION' ? 
c_scangle_it            ?     ? ? ? 'X-RAY DIFFRACTION' ? 
# 
_refine_ls_shell.pdbx_total_number_of_bins_used   ? 
_refine_ls_shell.d_res_high                       2.20 
_refine_ls_shell.d_res_low                        2.22 
_refine_ls_shell.number_reflns_R_work             494 
_refine_ls_shell.R_factor_R_work                  0.228 
_refine_ls_shell.percent_reflns_obs               ? 
_refine_ls_shell.R_factor_R_free                  0.333 
_refine_ls_shell.R_factor_R_free_error            ? 
_refine_ls_shell.percent_reflns_R_free            ? 
_refine_ls_shell.number_reflns_R_free             44 
_refine_ls_shell.number_reflns_all                ? 
_refine_ls_shell.R_factor_all                     ? 
_refine_ls_shell.redundancy_reflns_obs            ? 
_refine_ls_shell.number_reflns_obs                ? 
_refine_ls_shell.pdbx_refine_id                   'X-RAY DIFFRACTION' 
# 
loop_
_pdbx_xplor_file.serial_no 
_pdbx_xplor_file.param_file 
_pdbx_xplor_file.topol_file 
_pdbx_xplor_file.pdbx_refine_id 
1 PROTEIN_REP.PARAM PROTEIN.TOP 'X-RAY DIFFRACTION' 
2 DNA-RNA_REP.PARAM DNA-RNA.TOP 'X-RAY DIFFRACTION' 
3 WATER_REP.PARAM   WATER.TOP   'X-RAY DIFFRACTION' 
4 ION.PARAM         ION.TOP     'X-RAY DIFFRACTION' 
# 
_struct.entry_id                  2FYR 
_struct.title                     'Crystal Structure of Norwalk Virus Protease grown in the presence of AEBSF' 
_struct.pdbx_model_details        ? 
_struct.pdbx_CASP_flag            ? 
_struct.pdbx_model_type_details   ? 
# 
_struct_keywords.entry_id        2FYR 
_struct_keywords.pdbx_keywords   'VIRAL PROTEIN' 
_struct_keywords.text            'protease, norovirus, Norwalk virus, Calicivirus, VIRAL PROTEIN' 
# 
loop_
_struct_asym.id 
_struct_asym.pdbx_blank_PDB_chainid_flag 
_struct_asym.pdbx_modified 
_struct_asym.entity_id 
_struct_asym.details 
A N N 1 ? 
B N N 2 ? 
C N N 3 ? 
D N N 4 ? 
# 
_struct_ref.id                         1 
_struct_ref.db_name                    UNP 
_struct_ref.db_code                    Q83883_9CALI 
_struct_ref.pdbx_db_accession          Q83883 
_struct_ref.entity_id                  1 
_struct_ref.pdbx_align_begin           1101 
_struct_ref.pdbx_seq_one_letter_code   ? 
_struct_ref.pdbx_db_isoform            ? 
# 
_struct_ref_seq.align_id                      1 
_struct_ref_seq.ref_id                        1 
_struct_ref_seq.pdbx_PDB_id_code              2FYR 
_struct_ref_seq.pdbx_strand_id                A 
_struct_ref_seq.seq_align_beg                 14 
_struct_ref_seq.pdbx_seq_align_beg_ins_code   ? 
_struct_ref_seq.seq_align_end                 194 
_struct_ref_seq.pdbx_seq_align_end_ins_code   ? 
_struct_ref_seq.pdbx_db_accession             Q83883 
_struct_ref_seq.db_align_beg                  1101 
_struct_ref_seq.pdbx_db_align_beg_ins_code    ? 
_struct_ref_seq.db_align_end                  1281 
_struct_ref_seq.pdbx_db_align_end_ins_code    ? 
_struct_ref_seq.pdbx_auth_seq_align_beg       1 
_struct_ref_seq.pdbx_auth_seq_align_end       181 
# 
loop_
_struct_ref_seq_dif.align_id 
_struct_ref_seq_dif.pdbx_pdb_id_code 
_struct_ref_seq_dif.mon_id 
_struct_ref_seq_dif.pdbx_pdb_strand_id 
_struct_ref_seq_dif.seq_num 
_struct_ref_seq_dif.pdbx_pdb_ins_code 
_struct_ref_seq_dif.pdbx_seq_db_name 
_struct_ref_seq_dif.pdbx_seq_db_accession_code 
_struct_ref_seq_dif.db_mon_id 
_struct_ref_seq_dif.pdbx_seq_db_seq_num 
_struct_ref_seq_dif.details 
_struct_ref_seq_dif.pdbx_auth_seq_num 
_struct_ref_seq_dif.pdbx_ordinal 
1 2FYR MET A 1  ? UNP Q83883 ? ? 'initiating methionine' -12 1  
1 2FYR ALA A 2  ? UNP Q83883 ? ? 'cloning artifact'      -11 2  
1 2FYR HIS A 3  ? UNP Q83883 ? ? 'expression tag'        -10 3  
1 2FYR HIS A 4  ? UNP Q83883 ? ? 'expression tag'        -9  4  
1 2FYR HIS A 5  ? UNP Q83883 ? ? 'expression tag'        -8  5  
1 2FYR HIS A 6  ? UNP Q83883 ? ? 'expression tag'        -7  6  
1 2FYR HIS A 7  ? UNP Q83883 ? ? 'expression tag'        -6  7  
1 2FYR HIS A 8  ? UNP Q83883 ? ? 'expression tag'        -5  8  
1 2FYR ASP A 9  ? UNP Q83883 ? ? 'cloning artifact'      -4  9  
1 2FYR ASP A 10 ? UNP Q83883 ? ? 'cloning artifact'      -3  10 
1 2FYR ASP A 11 ? UNP Q83883 ? ? 'cloning artifact'      -2  11 
1 2FYR ASP A 12 ? UNP Q83883 ? ? 'cloning artifact'      -1  12 
1 2FYR LYS A 13 ? UNP Q83883 ? ? 'cloning artifact'      0   13 
# 
_pdbx_struct_assembly.id                   1 
_pdbx_struct_assembly.details              author_and_software_defined_assembly 
_pdbx_struct_assembly.method_details       PISA,PQS 
_pdbx_struct_assembly.oligomeric_details   dimeric 
_pdbx_struct_assembly.oligomeric_count     2 
# 
loop_
_pdbx_struct_assembly_prop.biol_id 
_pdbx_struct_assembly_prop.type 
_pdbx_struct_assembly_prop.value 
_pdbx_struct_assembly_prop.details 
1 'ABSA (A^2)' 2670  ? 
1 MORE         -44   ? 
1 'SSA (A^2)'  14870 ? 
# 
_pdbx_struct_assembly_gen.assembly_id       1 
_pdbx_struct_assembly_gen.oper_expression   1,2 
_pdbx_struct_assembly_gen.asym_id_list      A,B,C,D 
# 
loop_
_pdbx_struct_oper_list.id 
_pdbx_struct_oper_list.type 
_pdbx_struct_oper_list.name 
_pdbx_struct_oper_list.symmetry_operation 
_pdbx_struct_oper_list.matrix[1][1] 
_pdbx_struct_oper_list.matrix[1][2] 
_pdbx_struct_oper_list.matrix[1][3] 
_pdbx_struct_oper_list.vector[1] 
_pdbx_struct_oper_list.matrix[2][1] 
_pdbx_struct_oper_list.matrix[2][2] 
_pdbx_struct_oper_list.matrix[2][3] 
_pdbx_struct_oper_list.vector[2] 
_pdbx_struct_oper_list.matrix[3][1] 
_pdbx_struct_oper_list.matrix[3][2] 
_pdbx_struct_oper_list.matrix[3][3] 
_pdbx_struct_oper_list.vector[3] 
1 'identity operation'         1_555 x,y,z          1.0000000000  0.0000000000 0.0000000000  0.0000000000 0.0000000000 1.0000000000  0.0000000000  0.0000000000   0.0000000000  0.0000000000  1.0000000000 0.0000000000   
2 'crystal symmetry operation' 9_555 -x,-x+y,-z+1/3 -0.9935414017 0.0340078853 -0.1082540850 3.6200564457 0.0340078853 -0.8209307656 -0.5700141594 -32.6572815685 -0.1082540850 -0.5700141594 0.8144721672 -10.0432662092 
# 
_struct_biol.id   1 
# 
loop_
_struct_conf.conf_type_id 
_struct_conf.id 
_struct_conf.pdbx_PDB_helix_id 
_struct_conf.beg_label_comp_id 
_struct_conf.beg_label_asym_id 
_struct_conf.beg_label_seq_id 
_struct_conf.pdbx_beg_PDB_ins_code 
_struct_conf.end_label_comp_id 
_struct_conf.end_label_asym_id 
_struct_conf.end_label_seq_id 
_struct_conf.pdbx_end_PDB_ins_code 
_struct_conf.beg_auth_comp_id 
_struct_conf.beg_auth_asym_id 
_struct_conf.beg_auth_seq_id 
_struct_conf.end_auth_comp_id 
_struct_conf.end_auth_asym_id 
_struct_conf.end_auth_seq_id 
_struct_conf.pdbx_PDB_helix_class 
_struct_conf.details 
_struct_conf.pdbx_PDB_helix_length 
HELX_P HELX_P1 1 PRO A 15  ? SER A 20  ? PRO A 2   SER A 7   1 ? 6 
HELX_P HELX_P2 2 HIS A 43  ? VAL A 45  ? HIS A 30  VAL A 32  5 ? 3 
HELX_P HELX_P3 3 ILE A 148 ? CYS A 152 ? ILE A 135 CYS A 139 5 ? 5 
# 
_struct_conf_type.id          HELX_P 
_struct_conf_type.criteria    ? 
_struct_conf_type.reference   ? 
# 
loop_
_struct_conn.id 
_struct_conn.conn_type_id 
_struct_conn.pdbx_leaving_atom_flag 
_struct_conn.pdbx_PDB_id 
_struct_conn.ptnr1_label_asym_id 
_struct_conn.ptnr1_label_comp_id 
_struct_conn.ptnr1_label_seq_id 
_struct_conn.ptnr1_label_atom_id 
_struct_conn.pdbx_ptnr1_label_alt_id 
_struct_conn.pdbx_ptnr1_PDB_ins_code 
_struct_conn.pdbx_ptnr1_standard_comp_id 
_struct_conn.ptnr1_symmetry 
_struct_conn.ptnr2_label_asym_id 
_struct_conn.ptnr2_label_comp_id 
_struct_conn.ptnr2_label_seq_id 
_struct_conn.ptnr2_label_atom_id 
_struct_conn.pdbx_ptnr2_label_alt_id 
_struct_conn.pdbx_ptnr2_PDB_ins_code 
_struct_conn.ptnr1_auth_asym_id 
_struct_conn.ptnr1_auth_comp_id 
_struct_conn.ptnr1_auth_seq_id 
_struct_conn.ptnr2_auth_asym_id 
_struct_conn.ptnr2_auth_comp_id 
_struct_conn.ptnr2_auth_seq_id 
_struct_conn.ptnr2_symmetry 
_struct_conn.pdbx_ptnr3_label_atom_id 
_struct_conn.pdbx_ptnr3_label_seq_id 
_struct_conn.pdbx_ptnr3_label_comp_id 
_struct_conn.pdbx_ptnr3_label_asym_id 
_struct_conn.pdbx_ptnr3_label_alt_id 
_struct_conn.pdbx_ptnr3_PDB_ins_code 
_struct_conn.details 
_struct_conn.pdbx_dist_value 
_struct_conn.pdbx_value_order 
_struct_conn.pdbx_role 
metalc1 metalc ? ? A GLU 92 OE1 ? ? ? 9_555 C MG  . MG ? ? A GLU 79  A MG  302 1_555 ? ? ? ? ? ? ? 2.876 ? ? 
metalc2 metalc ? ? C MG  .  MG  ? ? ? 1_555 D HOH . O  ? ? A MG  302 A HOH 402 1_555 ? ? ? ? ? ? ? 2.627 ? ? 
# 
_struct_conn_type.id          metalc 
_struct_conn_type.criteria    ? 
_struct_conn_type.reference   ? 
# 
_pdbx_struct_conn_angle.id                    1 
_pdbx_struct_conn_angle.ptnr1_label_atom_id   OE1 
_pdbx_struct_conn_angle.ptnr1_label_alt_id    ? 
_pdbx_struct_conn_angle.ptnr1_label_asym_id   A 
_pdbx_struct_conn_angle.ptnr1_label_comp_id   GLU 
_pdbx_struct_conn_angle.ptnr1_label_seq_id    92 
_pdbx_struct_conn_angle.ptnr1_auth_atom_id    ? 
_pdbx_struct_conn_angle.ptnr1_auth_asym_id    A 
_pdbx_struct_conn_angle.ptnr1_auth_comp_id    GLU 
_pdbx_struct_conn_angle.ptnr1_auth_seq_id     79 
_pdbx_struct_conn_angle.ptnr1_PDB_ins_code    ? 
_pdbx_struct_conn_angle.ptnr1_symmetry        9_555 
_pdbx_struct_conn_angle.ptnr2_label_atom_id   MG 
_pdbx_struct_conn_angle.ptnr2_label_alt_id    ? 
_pdbx_struct_conn_angle.ptnr2_label_asym_id   C 
_pdbx_struct_conn_angle.ptnr2_label_comp_id   MG 
_pdbx_struct_conn_angle.ptnr2_label_seq_id    . 
_pdbx_struct_conn_angle.ptnr2_auth_atom_id    ? 
_pdbx_struct_conn_angle.ptnr2_auth_asym_id    A 
_pdbx_struct_conn_angle.ptnr2_auth_comp_id    MG 
_pdbx_struct_conn_angle.ptnr2_auth_seq_id     302 
_pdbx_struct_conn_angle.ptnr2_PDB_ins_code    ? 
_pdbx_struct_conn_angle.ptnr2_symmetry        1_555 
_pdbx_struct_conn_angle.ptnr3_label_atom_id   O 
_pdbx_struct_conn_angle.ptnr3_label_alt_id    ? 
_pdbx_struct_conn_angle.ptnr3_label_asym_id   D 
_pdbx_struct_conn_angle.ptnr3_label_comp_id   HOH 
_pdbx_struct_conn_angle.ptnr3_label_seq_id    . 
_pdbx_struct_conn_angle.ptnr3_auth_atom_id    ? 
_pdbx_struct_conn_angle.ptnr3_auth_asym_id    A 
_pdbx_struct_conn_angle.ptnr3_auth_comp_id    HOH 
_pdbx_struct_conn_angle.ptnr3_auth_seq_id     402 
_pdbx_struct_conn_angle.ptnr3_PDB_ins_code    ? 
_pdbx_struct_conn_angle.ptnr3_symmetry        1_555 
_pdbx_struct_conn_angle.value                 96.7 
_pdbx_struct_conn_angle.value_esd             ? 
# 
loop_
_struct_sheet.id 
_struct_sheet.type 
_struct_sheet.number_strands 
_struct_sheet.details 
A ? 5 ? 
B ? 2 ? 
C ? 8 ? 
# 
loop_
_struct_sheet_order.sheet_id 
_struct_sheet_order.range_id_1 
_struct_sheet_order.range_id_2 
_struct_sheet_order.offset 
_struct_sheet_order.sense 
A 1 2 ? anti-parallel 
A 2 3 ? anti-parallel 
A 3 4 ? anti-parallel 
A 4 5 ? anti-parallel 
B 1 2 ? anti-parallel 
C 1 2 ? parallel      
C 2 3 ? anti-parallel 
C 3 4 ? anti-parallel 
C 4 5 ? anti-parallel 
C 5 6 ? anti-parallel 
C 6 7 ? anti-parallel 
C 7 8 ? anti-parallel 
# 
loop_
_struct_sheet_range.sheet_id 
_struct_sheet_range.id 
_struct_sheet_range.beg_label_comp_id 
_struct_sheet_range.beg_label_asym_id 
_struct_sheet_range.beg_label_seq_id 
_struct_sheet_range.pdbx_beg_PDB_ins_code 
_struct_sheet_range.end_label_comp_id 
_struct_sheet_range.end_label_asym_id 
_struct_sheet_range.end_label_seq_id 
_struct_sheet_range.pdbx_end_PDB_ins_code 
_struct_sheet_range.beg_auth_comp_id 
_struct_sheet_range.beg_auth_asym_id 
_struct_sheet_range.beg_auth_seq_id 
_struct_sheet_range.end_auth_comp_id 
_struct_sheet_range.end_auth_asym_id 
_struct_sheet_range.end_auth_seq_id 
A 1 VAL A 22  ? PHE A 25  ? VAL A 9   PHE A 12  
A 2 GLY A 28  ? TRP A 32  ? GLY A 15  TRP A 19  
A 3 VAL A 37  ? THR A 41  ? VAL A 24  THR A 28  
A 4 PHE A 68  ? PHE A 73  ? PHE A 55  PHE A 60  
A 5 ILE A 60  ? ALA A 65  ? ILE A 47  ALA A 52  
B 1 GLU A 51  ? PHE A 52  ? GLU A 38  PHE A 39  
B 2 GLU A 55  ? PRO A 56  ? GLU A 42  PRO A 43  
C 1 VAL A 85  ? LEU A 86  ? VAL A 72  LEU A 73  
C 2 ASP A 163 ? ALA A 173 ? ASP A 150 ALA A 160 
C 3 THR A 179 ? ALA A 183 ? THR A 166 ALA A 170 
C 4 ARG A 125 ? LEU A 134 ? ARG A 112 LEU A 121 
C 5 LEU A 107 ? ILE A 122 ? LEU A 94  ILE A 109 
C 6 VAL A 95  ? LYS A 101 ? VAL A 82  LYS A 88  
C 7 PRO A 155 ? ARG A 160 ? PRO A 142 ARG A 147 
C 8 ASP A 163 ? ALA A 173 ? ASP A 150 ALA A 160 
# 
loop_
_pdbx_struct_sheet_hbond.sheet_id 
_pdbx_struct_sheet_hbond.range_id_1 
_pdbx_struct_sheet_hbond.range_id_2 
_pdbx_struct_sheet_hbond.range_1_label_atom_id 
_pdbx_struct_sheet_hbond.range_1_label_comp_id 
_pdbx_struct_sheet_hbond.range_1_label_asym_id 
_pdbx_struct_sheet_hbond.range_1_label_seq_id 
_pdbx_struct_sheet_hbond.range_1_PDB_ins_code 
_pdbx_struct_sheet_hbond.range_1_auth_atom_id 
_pdbx_struct_sheet_hbond.range_1_auth_comp_id 
_pdbx_struct_sheet_hbond.range_1_auth_asym_id 
_pdbx_struct_sheet_hbond.range_1_auth_seq_id 
_pdbx_struct_sheet_hbond.range_2_label_atom_id 
_pdbx_struct_sheet_hbond.range_2_label_comp_id 
_pdbx_struct_sheet_hbond.range_2_label_asym_id 
_pdbx_struct_sheet_hbond.range_2_label_seq_id 
_pdbx_struct_sheet_hbond.range_2_PDB_ins_code 
_pdbx_struct_sheet_hbond.range_2_auth_atom_id 
_pdbx_struct_sheet_hbond.range_2_auth_comp_id 
_pdbx_struct_sheet_hbond.range_2_auth_asym_id 
_pdbx_struct_sheet_hbond.range_2_auth_seq_id 
A 1 2 N THR A 23  ? N THR A 10  O GLY A 30  ? O GLY A 17  
A 2 3 N PHE A 31  ? N PHE A 18  O ILE A 39  ? O ILE A 26  
A 3 4 N PHE A 38  ? N PHE A 25  O PHE A 71  ? O PHE A 58  
A 4 5 O PHE A 68  ? O PHE A 55  N ALA A 65  ? N ALA A 52  
B 1 2 N PHE A 52  ? N PHE A 39  O GLU A 55  ? O GLU A 42  
C 1 2 N VAL A 85  ? N VAL A 72  O VAL A 166 ? O VAL A 153 
C 2 3 N VAL A 169 ? N VAL A 156 O ALA A 183 ? O ALA A 170 
C 3 4 O CYS A 182 ? O CYS A 169 N GLN A 130 ? N GLN A 117 
C 4 5 O VAL A 127 ? O VAL A 114 N MET A 120 ? N MET A 107 
C 5 6 O LEU A 108 ? O LEU A 95  N ILE A 100 ? N ILE A 87  
C 6 7 N SER A 97  ? N SER A 84  O VAL A 157 ? O VAL A 144 
C 7 8 N ARG A 160 ? N ARG A 147 O ASP A 163 ? O ASP A 150 
# 
loop_
_struct_site.id 
_struct_site.pdbx_evidence_code 
_struct_site.pdbx_auth_asym_id 
_struct_site.pdbx_auth_comp_id 
_struct_site.pdbx_auth_seq_id 
_struct_site.pdbx_auth_ins_code 
_struct_site.pdbx_num_residues 
_struct_site.details 
AC1 Software A CL 301 ? 3 'BINDING SITE FOR RESIDUE CL A 301' 
AC2 Software A MG 302 ? 4 'BINDING SITE FOR RESIDUE MG A 302' 
# 
loop_
_struct_site_gen.id 
_struct_site_gen.site_id 
_struct_site_gen.pdbx_num_res 
_struct_site_gen.label_comp_id 
_struct_site_gen.label_asym_id 
_struct_site_gen.label_seq_id 
_struct_site_gen.pdbx_auth_ins_code 
_struct_site_gen.auth_comp_id 
_struct_site_gen.auth_asym_id 
_struct_site_gen.auth_seq_id 
_struct_site_gen.label_atom_id 
_struct_site_gen.label_alt_id 
_struct_site_gen.symmetry 
_struct_site_gen.details 
1 AC1 3 SER A 20  ? SER A 7   . ? 1_555  ? 
2 AC1 3 LYS A 101 ? LYS A 88  . ? 1_555  ? 
3 AC1 3 HOH D .   ? HOH A 333 . ? 11_554 ? 
4 AC2 4 GLU A 92  ? GLU A 79  . ? 9_555  ? 
5 AC2 4 GLY A 132 ? GLY A 119 . ? 1_555  ? 
6 AC2 4 MET A 133 ? MET A 120 . ? 1_555  ? 
7 AC2 4 HOH D .   ? HOH A 402 . ? 1_555  ? 
# 
loop_
_pdbx_validate_symm_contact.id 
_pdbx_validate_symm_contact.PDB_model_num 
_pdbx_validate_symm_contact.auth_atom_id_1 
_pdbx_validate_symm_contact.auth_asym_id_1 
_pdbx_validate_symm_contact.auth_comp_id_1 
_pdbx_validate_symm_contact.auth_seq_id_1 
_pdbx_validate_symm_contact.PDB_ins_code_1 
_pdbx_validate_symm_contact.label_alt_id_1 
_pdbx_validate_symm_contact.site_symmetry_1 
_pdbx_validate_symm_contact.auth_atom_id_2 
_pdbx_validate_symm_contact.auth_asym_id_2 
_pdbx_validate_symm_contact.auth_comp_id_2 
_pdbx_validate_symm_contact.auth_seq_id_2 
_pdbx_validate_symm_contact.PDB_ins_code_2 
_pdbx_validate_symm_contact.label_alt_id_2 
_pdbx_validate_symm_contact.site_symmetry_2 
_pdbx_validate_symm_contact.dist 
1 1 O   A HOH 374 ? ? 1_555 O   A HOH 374 ? ? 12_564 1.61 
2 1 OD2 A ASP 150 ? ? 1_555 OD2 A ASP 150 ? ? 9_554  1.68 
# 
_pdbx_validate_torsion.id              1 
_pdbx_validate_torsion.PDB_model_num   1 
_pdbx_validate_torsion.auth_comp_id    ASN 
_pdbx_validate_torsion.auth_asym_id    A 
_pdbx_validate_torsion.auth_seq_id     165 
_pdbx_validate_torsion.PDB_ins_code    ? 
_pdbx_validate_torsion.label_alt_id    ? 
_pdbx_validate_torsion.phi             -140.78 
_pdbx_validate_torsion.psi             40.25 
# 
_pdbx_phasing_MR.entry_id                     2FYR 
_pdbx_phasing_MR.method_rotation              ? 
_pdbx_phasing_MR.method_translation           ? 
_pdbx_phasing_MR.model_details                ? 
_pdbx_phasing_MR.R_factor                     ? 
_pdbx_phasing_MR.R_rigid_body                 ? 
_pdbx_phasing_MR.correlation_coeff_Fo_to_Fc   ? 
_pdbx_phasing_MR.correlation_coeff_Io_to_Ic   ? 
_pdbx_phasing_MR.d_res_high_rotation          2.500 
_pdbx_phasing_MR.d_res_low_rotation           39.440 
_pdbx_phasing_MR.d_res_high_translation       2.500 
_pdbx_phasing_MR.d_res_low_translation        39.440 
_pdbx_phasing_MR.packing                      ? 
_pdbx_phasing_MR.reflns_percent_rotation      ? 
_pdbx_phasing_MR.reflns_percent_translation   ? 
_pdbx_phasing_MR.sigma_F_rotation             ? 
_pdbx_phasing_MR.sigma_F_translation          ? 
_pdbx_phasing_MR.sigma_I_rotation             ? 
_pdbx_phasing_MR.sigma_I_translation          ? 
# 
loop_
_pdbx_unobs_or_zero_occ_residues.id 
_pdbx_unobs_or_zero_occ_residues.PDB_model_num 
_pdbx_unobs_or_zero_occ_residues.polymer_flag 
_pdbx_unobs_or_zero_occ_residues.occupancy_flag 
_pdbx_unobs_or_zero_occ_residues.auth_asym_id 
_pdbx_unobs_or_zero_occ_residues.auth_comp_id 
_pdbx_unobs_or_zero_occ_residues.auth_seq_id 
_pdbx_unobs_or_zero_occ_residues.PDB_ins_code 
_pdbx_unobs_or_zero_occ_residues.label_asym_id 
_pdbx_unobs_or_zero_occ_residues.label_comp_id 
_pdbx_unobs_or_zero_occ_residues.label_seq_id 
1  1 Y 1 A MET -12 ? A MET 1   
2  1 Y 1 A ALA -11 ? A ALA 2   
3  1 Y 1 A HIS -10 ? A HIS 3   
4  1 Y 1 A HIS -9  ? A HIS 4   
5  1 Y 1 A HIS -8  ? A HIS 5   
6  1 Y 1 A HIS -7  ? A HIS 6   
7  1 Y 1 A HIS -6  ? A HIS 7   
8  1 Y 1 A HIS -5  ? A HIS 8   
9  1 Y 1 A ASP -4  ? A ASP 9   
10 1 Y 1 A ASP -3  ? A ASP 10  
11 1 Y 1 A ASP -2  ? A ASP 11  
12 1 Y 1 A ASP -1  ? A ASP 12  
13 1 Y 1 A LYS 0   ? A LYS 13  
14 1 Y 1 A THR 123 ? A THR 136 
15 1 Y 1 A GLY 124 ? A GLY 137 
16 1 Y 1 A ALA 125 ? A ALA 138 
17 1 Y 1 A ASN 126 ? A ASN 139 
18 1 Y 1 A ALA 127 ? A ALA 140 
19 1 Y 1 A LYS 128 ? A LYS 141 
20 1 Y 1 A GLY 129 ? A GLY 142 
21 1 Y 1 A MET 130 ? A MET 143 
22 1 Y 1 A ASP 131 ? A ASP 144 
23 1 Y 1 A LEU 132 ? A LEU 145 
# 
loop_
_chem_comp_atom.comp_id 
_chem_comp_atom.atom_id 
_chem_comp_atom.type_symbol 
_chem_comp_atom.pdbx_aromatic_flag 
_chem_comp_atom.pdbx_stereo_config 
_chem_comp_atom.pdbx_ordinal 
ALA N    N  N N 1   
ALA CA   C  N S 2   
ALA C    C  N N 3   
ALA O    O  N N 4   
ALA CB   C  N N 5   
ALA OXT  O  N N 6   
ALA H    H  N N 7   
ALA H2   H  N N 8   
ALA HA   H  N N 9   
ALA HB1  H  N N 10  
ALA HB2  H  N N 11  
ALA HB3  H  N N 12  
ALA HXT  H  N N 13  
ARG N    N  N N 14  
ARG CA   C  N S 15  
ARG C    C  N N 16  
ARG O    O  N N 17  
ARG CB   C  N N 18  
ARG CG   C  N N 19  
ARG CD   C  N N 20  
ARG NE   N  N N 21  
ARG CZ   C  N N 22  
ARG NH1  N  N N 23  
ARG NH2  N  N N 24  
ARG OXT  O  N N 25  
ARG H    H  N N 26  
ARG H2   H  N N 27  
ARG HA   H  N N 28  
ARG HB2  H  N N 29  
ARG HB3  H  N N 30  
ARG HG2  H  N N 31  
ARG HG3  H  N N 32  
ARG HD2  H  N N 33  
ARG HD3  H  N N 34  
ARG HE   H  N N 35  
ARG HH11 H  N N 36  
ARG HH12 H  N N 37  
ARG HH21 H  N N 38  
ARG HH22 H  N N 39  
ARG HXT  H  N N 40  
ASN N    N  N N 41  
ASN CA   C  N S 42  
ASN C    C  N N 43  
ASN O    O  N N 44  
ASN CB   C  N N 45  
ASN CG   C  N N 46  
ASN OD1  O  N N 47  
ASN ND2  N  N N 48  
ASN OXT  O  N N 49  
ASN H    H  N N 50  
ASN H2   H  N N 51  
ASN HA   H  N N 52  
ASN HB2  H  N N 53  
ASN HB3  H  N N 54  
ASN HD21 H  N N 55  
ASN HD22 H  N N 56  
ASN HXT  H  N N 57  
ASP N    N  N N 58  
ASP CA   C  N S 59  
ASP C    C  N N 60  
ASP O    O  N N 61  
ASP CB   C  N N 62  
ASP CG   C  N N 63  
ASP OD1  O  N N 64  
ASP OD2  O  N N 65  
ASP OXT  O  N N 66  
ASP H    H  N N 67  
ASP H2   H  N N 68  
ASP HA   H  N N 69  
ASP HB2  H  N N 70  
ASP HB3  H  N N 71  
ASP HD2  H  N N 72  
ASP HXT  H  N N 73  
CL  CL   CL N N 74  
CYS N    N  N N 75  
CYS CA   C  N R 76  
CYS C    C  N N 77  
CYS O    O  N N 78  
CYS CB   C  N N 79  
CYS SG   S  N N 80  
CYS OXT  O  N N 81  
CYS H    H  N N 82  
CYS H2   H  N N 83  
CYS HA   H  N N 84  
CYS HB2  H  N N 85  
CYS HB3  H  N N 86  
CYS HG   H  N N 87  
CYS HXT  H  N N 88  
GLN N    N  N N 89  
GLN CA   C  N S 90  
GLN C    C  N N 91  
GLN O    O  N N 92  
GLN CB   C  N N 93  
GLN CG   C  N N 94  
GLN CD   C  N N 95  
GLN OE1  O  N N 96  
GLN NE2  N  N N 97  
GLN OXT  O  N N 98  
GLN H    H  N N 99  
GLN H2   H  N N 100 
GLN HA   H  N N 101 
GLN HB2  H  N N 102 
GLN HB3  H  N N 103 
GLN HG2  H  N N 104 
GLN HG3  H  N N 105 
GLN HE21 H  N N 106 
GLN HE22 H  N N 107 
GLN HXT  H  N N 108 
GLU N    N  N N 109 
GLU CA   C  N S 110 
GLU C    C  N N 111 
GLU O    O  N N 112 
GLU CB   C  N N 113 
GLU CG   C  N N 114 
GLU CD   C  N N 115 
GLU OE1  O  N N 116 
GLU OE2  O  N N 117 
GLU OXT  O  N N 118 
GLU H    H  N N 119 
GLU H2   H  N N 120 
GLU HA   H  N N 121 
GLU HB2  H  N N 122 
GLU HB3  H  N N 123 
GLU HG2  H  N N 124 
GLU HG3  H  N N 125 
GLU HE2  H  N N 126 
GLU HXT  H  N N 127 
GLY N    N  N N 128 
GLY CA   C  N N 129 
GLY C    C  N N 130 
GLY O    O  N N 131 
GLY OXT  O  N N 132 
GLY H    H  N N 133 
GLY H2   H  N N 134 
GLY HA2  H  N N 135 
GLY HA3  H  N N 136 
GLY HXT  H  N N 137 
HIS N    N  N N 138 
HIS CA   C  N S 139 
HIS C    C  N N 140 
HIS O    O  N N 141 
HIS CB   C  N N 142 
HIS CG   C  Y N 143 
HIS ND1  N  Y N 144 
HIS CD2  C  Y N 145 
HIS CE1  C  Y N 146 
HIS NE2  N  Y N 147 
HIS OXT  O  N N 148 
HIS H    H  N N 149 
HIS H2   H  N N 150 
HIS HA   H  N N 151 
HIS HB2  H  N N 152 
HIS HB3  H  N N 153 
HIS HD1  H  N N 154 
HIS HD2  H  N N 155 
HIS HE1  H  N N 156 
HIS HE2  H  N N 157 
HIS HXT  H  N N 158 
HOH O    O  N N 159 
HOH H1   H  N N 160 
HOH H2   H  N N 161 
ILE N    N  N N 162 
ILE CA   C  N S 163 
ILE C    C  N N 164 
ILE O    O  N N 165 
ILE CB   C  N S 166 
ILE CG1  C  N N 167 
ILE CG2  C  N N 168 
ILE CD1  C  N N 169 
ILE OXT  O  N N 170 
ILE H    H  N N 171 
ILE H2   H  N N 172 
ILE HA   H  N N 173 
ILE HB   H  N N 174 
ILE HG12 H  N N 175 
ILE HG13 H  N N 176 
ILE HG21 H  N N 177 
ILE HG22 H  N N 178 
ILE HG23 H  N N 179 
ILE HD11 H  N N 180 
ILE HD12 H  N N 181 
ILE HD13 H  N N 182 
ILE HXT  H  N N 183 
LEU N    N  N N 184 
LEU CA   C  N S 185 
LEU C    C  N N 186 
LEU O    O  N N 187 
LEU CB   C  N N 188 
LEU CG   C  N N 189 
LEU CD1  C  N N 190 
LEU CD2  C  N N 191 
LEU OXT  O  N N 192 
LEU H    H  N N 193 
LEU H2   H  N N 194 
LEU HA   H  N N 195 
LEU HB2  H  N N 196 
LEU HB3  H  N N 197 
LEU HG   H  N N 198 
LEU HD11 H  N N 199 
LEU HD12 H  N N 200 
LEU HD13 H  N N 201 
LEU HD21 H  N N 202 
LEU HD22 H  N N 203 
LEU HD23 H  N N 204 
LEU HXT  H  N N 205 
LYS N    N  N N 206 
LYS CA   C  N S 207 
LYS C    C  N N 208 
LYS O    O  N N 209 
LYS CB   C  N N 210 
LYS CG   C  N N 211 
LYS CD   C  N N 212 
LYS CE   C  N N 213 
LYS NZ   N  N N 214 
LYS OXT  O  N N 215 
LYS H    H  N N 216 
LYS H2   H  N N 217 
LYS HA   H  N N 218 
LYS HB2  H  N N 219 
LYS HB3  H  N N 220 
LYS HG2  H  N N 221 
LYS HG3  H  N N 222 
LYS HD2  H  N N 223 
LYS HD3  H  N N 224 
LYS HE2  H  N N 225 
LYS HE3  H  N N 226 
LYS HZ1  H  N N 227 
LYS HZ2  H  N N 228 
LYS HZ3  H  N N 229 
LYS HXT  H  N N 230 
MET N    N  N N 231 
MET CA   C  N S 232 
MET C    C  N N 233 
MET O    O  N N 234 
MET CB   C  N N 235 
MET CG   C  N N 236 
MET SD   S  N N 237 
MET CE   C  N N 238 
MET OXT  O  N N 239 
MET H    H  N N 240 
MET H2   H  N N 241 
MET HA   H  N N 242 
MET HB2  H  N N 243 
MET HB3  H  N N 244 
MET HG2  H  N N 245 
MET HG3  H  N N 246 
MET HE1  H  N N 247 
MET HE2  H  N N 248 
MET HE3  H  N N 249 
MET HXT  H  N N 250 
MG  MG   MG N N 251 
PHE N    N  N N 252 
PHE CA   C  N S 253 
PHE C    C  N N 254 
PHE O    O  N N 255 
PHE CB   C  N N 256 
PHE CG   C  Y N 257 
PHE CD1  C  Y N 258 
PHE CD2  C  Y N 259 
PHE CE1  C  Y N 260 
PHE CE2  C  Y N 261 
PHE CZ   C  Y N 262 
PHE OXT  O  N N 263 
PHE H    H  N N 264 
PHE H2   H  N N 265 
PHE HA   H  N N 266 
PHE HB2  H  N N 267 
PHE HB3  H  N N 268 
PHE HD1  H  N N 269 
PHE HD2  H  N N 270 
PHE HE1  H  N N 271 
PHE HE2  H  N N 272 
PHE HZ   H  N N 273 
PHE HXT  H  N N 274 
PRO N    N  N N 275 
PRO CA   C  N S 276 
PRO C    C  N N 277 
PRO O    O  N N 278 
PRO CB   C  N N 279 
PRO CG   C  N N 280 
PRO CD   C  N N 281 
PRO OXT  O  N N 282 
PRO H    H  N N 283 
PRO HA   H  N N 284 
PRO HB2  H  N N 285 
PRO HB3  H  N N 286 
PRO HG2  H  N N 287 
PRO HG3  H  N N 288 
PRO HD2  H  N N 289 
PRO HD3  H  N N 290 
PRO HXT  H  N N 291 
SER N    N  N N 292 
SER CA   C  N S 293 
SER C    C  N N 294 
SER O    O  N N 295 
SER CB   C  N N 296 
SER OG   O  N N 297 
SER OXT  O  N N 298 
SER H    H  N N 299 
SER H2   H  N N 300 
SER HA   H  N N 301 
SER HB2  H  N N 302 
SER HB3  H  N N 303 
SER HG   H  N N 304 
SER HXT  H  N N 305 
THR N    N  N N 306 
THR CA   C  N S 307 
THR C    C  N N 308 
THR O    O  N N 309 
THR CB   C  N R 310 
THR OG1  O  N N 311 
THR CG2  C  N N 312 
THR OXT  O  N N 313 
THR H    H  N N 314 
THR H2   H  N N 315 
THR HA   H  N N 316 
THR HB   H  N N 317 
THR HG1  H  N N 318 
THR HG21 H  N N 319 
THR HG22 H  N N 320 
THR HG23 H  N N 321 
THR HXT  H  N N 322 
TRP N    N  N N 323 
TRP CA   C  N S 324 
TRP C    C  N N 325 
TRP O    O  N N 326 
TRP CB   C  N N 327 
TRP CG   C  Y N 328 
TRP CD1  C  Y N 329 
TRP CD2  C  Y N 330 
TRP NE1  N  Y N 331 
TRP CE2  C  Y N 332 
TRP CE3  C  Y N 333 
TRP CZ2  C  Y N 334 
TRP CZ3  C  Y N 335 
TRP CH2  C  Y N 336 
TRP OXT  O  N N 337 
TRP H    H  N N 338 
TRP H2   H  N N 339 
TRP HA   H  N N 340 
TRP HB2  H  N N 341 
TRP HB3  H  N N 342 
TRP HD1  H  N N 343 
TRP HE1  H  N N 344 
TRP HE3  H  N N 345 
TRP HZ2  H  N N 346 
TRP HZ3  H  N N 347 
TRP HH2  H  N N 348 
TRP HXT  H  N N 349 
TYR N    N  N N 350 
TYR CA   C  N S 351 
TYR C    C  N N 352 
TYR O    O  N N 353 
TYR CB   C  N N 354 
TYR CG   C  Y N 355 
TYR CD1  C  Y N 356 
TYR CD2  C  Y N 357 
TYR CE1  C  Y N 358 
TYR CE2  C  Y N 359 
TYR CZ   C  Y N 360 
TYR OH   O  N N 361 
TYR OXT  O  N N 362 
TYR H    H  N N 363 
TYR H2   H  N N 364 
TYR HA   H  N N 365 
TYR HB2  H  N N 366 
TYR HB3  H  N N 367 
TYR HD1  H  N N 368 
TYR HD2  H  N N 369 
TYR HE1  H  N N 370 
TYR HE2  H  N N 371 
TYR HH   H  N N 372 
TYR HXT  H  N N 373 
VAL N    N  N N 374 
VAL CA   C  N S 375 
VAL C    C  N N 376 
VAL O    O  N N 377 
VAL CB   C  N N 378 
VAL CG1  C  N N 379 
VAL CG2  C  N N 380 
VAL OXT  O  N N 381 
VAL H    H  N N 382 
VAL H2   H  N N 383 
VAL HA   H  N N 384 
VAL HB   H  N N 385 
VAL HG11 H  N N 386 
VAL HG12 H  N N 387 
VAL HG13 H  N N 388 
VAL HG21 H  N N 389 
VAL HG22 H  N N 390 
VAL HG23 H  N N 391 
VAL HXT  H  N N 392 
# 
loop_
_chem_comp_bond.comp_id 
_chem_comp_bond.atom_id_1 
_chem_comp_bond.atom_id_2 
_chem_comp_bond.value_order 
_chem_comp_bond.pdbx_aromatic_flag 
_chem_comp_bond.pdbx_stereo_config 
_chem_comp_bond.pdbx_ordinal 
ALA N   CA   sing N N 1   
ALA N   H    sing N N 2   
ALA N   H2   sing N N 3   
ALA CA  C    sing N N 4   
ALA CA  CB   sing N N 5   
ALA CA  HA   sing N N 6   
ALA C   O    doub N N 7   
ALA C   OXT  sing N N 8   
ALA CB  HB1  sing N N 9   
ALA CB  HB2  sing N N 10  
ALA CB  HB3  sing N N 11  
ALA OXT HXT  sing N N 12  
ARG N   CA   sing N N 13  
ARG N   H    sing N N 14  
ARG N   H2   sing N N 15  
ARG CA  C    sing N N 16  
ARG CA  CB   sing N N 17  
ARG CA  HA   sing N N 18  
ARG C   O    doub N N 19  
ARG C   OXT  sing N N 20  
ARG CB  CG   sing N N 21  
ARG CB  HB2  sing N N 22  
ARG CB  HB3  sing N N 23  
ARG CG  CD   sing N N 24  
ARG CG  HG2  sing N N 25  
ARG CG  HG3  sing N N 26  
ARG CD  NE   sing N N 27  
ARG CD  HD2  sing N N 28  
ARG CD  HD3  sing N N 29  
ARG NE  CZ   sing N N 30  
ARG NE  HE   sing N N 31  
ARG CZ  NH1  sing N N 32  
ARG CZ  NH2  doub N N 33  
ARG NH1 HH11 sing N N 34  
ARG NH1 HH12 sing N N 35  
ARG NH2 HH21 sing N N 36  
ARG NH2 HH22 sing N N 37  
ARG OXT HXT  sing N N 38  
ASN N   CA   sing N N 39  
ASN N   H    sing N N 40  
ASN N   H2   sing N N 41  
ASN CA  C    sing N N 42  
ASN CA  CB   sing N N 43  
ASN CA  HA   sing N N 44  
ASN C   O    doub N N 45  
ASN C   OXT  sing N N 46  
ASN CB  CG   sing N N 47  
ASN CB  HB2  sing N N 48  
ASN CB  HB3  sing N N 49  
ASN CG  OD1  doub N N 50  
ASN CG  ND2  sing N N 51  
ASN ND2 HD21 sing N N 52  
ASN ND2 HD22 sing N N 53  
ASN OXT HXT  sing N N 54  
ASP N   CA   sing N N 55  
ASP N   H    sing N N 56  
ASP N   H2   sing N N 57  
ASP CA  C    sing N N 58  
ASP CA  CB   sing N N 59  
ASP CA  HA   sing N N 60  
ASP C   O    doub N N 61  
ASP C   OXT  sing N N 62  
ASP CB  CG   sing N N 63  
ASP CB  HB2  sing N N 64  
ASP CB  HB3  sing N N 65  
ASP CG  OD1  doub N N 66  
ASP CG  OD2  sing N N 67  
ASP OD2 HD2  sing N N 68  
ASP OXT HXT  sing N N 69  
CYS N   CA   sing N N 70  
CYS N   H    sing N N 71  
CYS N   H2   sing N N 72  
CYS CA  C    sing N N 73  
CYS CA  CB   sing N N 74  
CYS CA  HA   sing N N 75  
CYS C   O    doub N N 76  
CYS C   OXT  sing N N 77  
CYS CB  SG   sing N N 78  
CYS CB  HB2  sing N N 79  
CYS CB  HB3  sing N N 80  
CYS SG  HG   sing N N 81  
CYS OXT HXT  sing N N 82  
GLN N   CA   sing N N 83  
GLN N   H    sing N N 84  
GLN N   H2   sing N N 85  
GLN CA  C    sing N N 86  
GLN CA  CB   sing N N 87  
GLN CA  HA   sing N N 88  
GLN C   O    doub N N 89  
GLN C   OXT  sing N N 90  
GLN CB  CG   sing N N 91  
GLN CB  HB2  sing N N 92  
GLN CB  HB3  sing N N 93  
GLN CG  CD   sing N N 94  
GLN CG  HG2  sing N N 95  
GLN CG  HG3  sing N N 96  
GLN CD  OE1  doub N N 97  
GLN CD  NE2  sing N N 98  
GLN NE2 HE21 sing N N 99  
GLN NE2 HE22 sing N N 100 
GLN OXT HXT  sing N N 101 
GLU N   CA   sing N N 102 
GLU N   H    sing N N 103 
GLU N   H2   sing N N 104 
GLU CA  C    sing N N 105 
GLU CA  CB   sing N N 106 
GLU CA  HA   sing N N 107 
GLU C   O    doub N N 108 
GLU C   OXT  sing N N 109 
GLU CB  CG   sing N N 110 
GLU CB  HB2  sing N N 111 
GLU CB  HB3  sing N N 112 
GLU CG  CD   sing N N 113 
GLU CG  HG2  sing N N 114 
GLU CG  HG3  sing N N 115 
GLU CD  OE1  doub N N 116 
GLU CD  OE2  sing N N 117 
GLU OE2 HE2  sing N N 118 
GLU OXT HXT  sing N N 119 
GLY N   CA   sing N N 120 
GLY N   H    sing N N 121 
GLY N   H2   sing N N 122 
GLY CA  C    sing N N 123 
GLY CA  HA2  sing N N 124 
GLY CA  HA3  sing N N 125 
GLY C   O    doub N N 126 
GLY C   OXT  sing N N 127 
GLY OXT HXT  sing N N 128 
HIS N   CA   sing N N 129 
HIS N   H    sing N N 130 
HIS N   H2   sing N N 131 
HIS CA  C    sing N N 132 
HIS CA  CB   sing N N 133 
HIS CA  HA   sing N N 134 
HIS C   O    doub N N 135 
HIS C   OXT  sing N N 136 
HIS CB  CG   sing N N 137 
HIS CB  HB2  sing N N 138 
HIS CB  HB3  sing N N 139 
HIS CG  ND1  sing Y N 140 
HIS CG  CD2  doub Y N 141 
HIS ND1 CE1  doub Y N 142 
HIS ND1 HD1  sing N N 143 
HIS CD2 NE2  sing Y N 144 
HIS CD2 HD2  sing N N 145 
HIS CE1 NE2  sing Y N 146 
HIS CE1 HE1  sing N N 147 
HIS NE2 HE2  sing N N 148 
HIS OXT HXT  sing N N 149 
HOH O   H1   sing N N 150 
HOH O   H2   sing N N 151 
ILE N   CA   sing N N 152 
ILE N   H    sing N N 153 
ILE N   H2   sing N N 154 
ILE CA  C    sing N N 155 
ILE CA  CB   sing N N 156 
ILE CA  HA   sing N N 157 
ILE C   O    doub N N 158 
ILE C   OXT  sing N N 159 
ILE CB  CG1  sing N N 160 
ILE CB  CG2  sing N N 161 
ILE CB  HB   sing N N 162 
ILE CG1 CD1  sing N N 163 
ILE CG1 HG12 sing N N 164 
ILE CG1 HG13 sing N N 165 
ILE CG2 HG21 sing N N 166 
ILE CG2 HG22 sing N N 167 
ILE CG2 HG23 sing N N 168 
ILE CD1 HD11 sing N N 169 
ILE CD1 HD12 sing N N 170 
ILE CD1 HD13 sing N N 171 
ILE OXT HXT  sing N N 172 
LEU N   CA   sing N N 173 
LEU N   H    sing N N 174 
LEU N   H2   sing N N 175 
LEU CA  C    sing N N 176 
LEU CA  CB   sing N N 177 
LEU CA  HA   sing N N 178 
LEU C   O    doub N N 179 
LEU C   OXT  sing N N 180 
LEU CB  CG   sing N N 181 
LEU CB  HB2  sing N N 182 
LEU CB  HB3  sing N N 183 
LEU CG  CD1  sing N N 184 
LEU CG  CD2  sing N N 185 
LEU CG  HG   sing N N 186 
LEU CD1 HD11 sing N N 187 
LEU CD1 HD12 sing N N 188 
LEU CD1 HD13 sing N N 189 
LEU CD2 HD21 sing N N 190 
LEU CD2 HD22 sing N N 191 
LEU CD2 HD23 sing N N 192 
LEU OXT HXT  sing N N 193 
LYS N   CA   sing N N 194 
LYS N   H    sing N N 195 
LYS N   H2   sing N N 196 
LYS CA  C    sing N N 197 
LYS CA  CB   sing N N 198 
LYS CA  HA   sing N N 199 
LYS C   O    doub N N 200 
LYS C   OXT  sing N N 201 
LYS CB  CG   sing N N 202 
LYS CB  HB2  sing N N 203 
LYS CB  HB3  sing N N 204 
LYS CG  CD   sing N N 205 
LYS CG  HG2  sing N N 206 
LYS CG  HG3  sing N N 207 
LYS CD  CE   sing N N 208 
LYS CD  HD2  sing N N 209 
LYS CD  HD3  sing N N 210 
LYS CE  NZ   sing N N 211 
LYS CE  HE2  sing N N 212 
LYS CE  HE3  sing N N 213 
LYS NZ  HZ1  sing N N 214 
LYS NZ  HZ2  sing N N 215 
LYS NZ  HZ3  sing N N 216 
LYS OXT HXT  sing N N 217 
MET N   CA   sing N N 218 
MET N   H    sing N N 219 
MET N   H2   sing N N 220 
MET CA  C    sing N N 221 
MET CA  CB   sing N N 222 
MET CA  HA   sing N N 223 
MET C   O    doub N N 224 
MET C   OXT  sing N N 225 
MET CB  CG   sing N N 226 
MET CB  HB2  sing N N 227 
MET CB  HB3  sing N N 228 
MET CG  SD   sing N N 229 
MET CG  HG2  sing N N 230 
MET CG  HG3  sing N N 231 
MET SD  CE   sing N N 232 
MET CE  HE1  sing N N 233 
MET CE  HE2  sing N N 234 
MET CE  HE3  sing N N 235 
MET OXT HXT  sing N N 236 
PHE N   CA   sing N N 237 
PHE N   H    sing N N 238 
PHE N   H2   sing N N 239 
PHE CA  C    sing N N 240 
PHE CA  CB   sing N N 241 
PHE CA  HA   sing N N 242 
PHE C   O    doub N N 243 
PHE C   OXT  sing N N 244 
PHE CB  CG   sing N N 245 
PHE CB  HB2  sing N N 246 
PHE CB  HB3  sing N N 247 
PHE CG  CD1  doub Y N 248 
PHE CG  CD2  sing Y N 249 
PHE CD1 CE1  sing Y N 250 
PHE CD1 HD1  sing N N 251 
PHE CD2 CE2  doub Y N 252 
PHE CD2 HD2  sing N N 253 
PHE CE1 CZ   doub Y N 254 
PHE CE1 HE1  sing N N 255 
PHE CE2 CZ   sing Y N 256 
PHE CE2 HE2  sing N N 257 
PHE CZ  HZ   sing N N 258 
PHE OXT HXT  sing N N 259 
PRO N   CA   sing N N 260 
PRO N   CD   sing N N 261 
PRO N   H    sing N N 262 
PRO CA  C    sing N N 263 
PRO CA  CB   sing N N 264 
PRO CA  HA   sing N N 265 
PRO C   O    doub N N 266 
PRO C   OXT  sing N N 267 
PRO CB  CG   sing N N 268 
PRO CB  HB2  sing N N 269 
PRO CB  HB3  sing N N 270 
PRO CG  CD   sing N N 271 
PRO CG  HG2  sing N N 272 
PRO CG  HG3  sing N N 273 
PRO CD  HD2  sing N N 274 
PRO CD  HD3  sing N N 275 
PRO OXT HXT  sing N N 276 
SER N   CA   sing N N 277 
SER N   H    sing N N 278 
SER N   H2   sing N N 279 
SER CA  C    sing N N 280 
SER CA  CB   sing N N 281 
SER CA  HA   sing N N 282 
SER C   O    doub N N 283 
SER C   OXT  sing N N 284 
SER CB  OG   sing N N 285 
SER CB  HB2  sing N N 286 
SER CB  HB3  sing N N 287 
SER OG  HG   sing N N 288 
SER OXT HXT  sing N N 289 
THR N   CA   sing N N 290 
THR N   H    sing N N 291 
THR N   H2   sing N N 292 
THR CA  C    sing N N 293 
THR CA  CB   sing N N 294 
THR CA  HA   sing N N 295 
THR C   O    doub N N 296 
THR C   OXT  sing N N 297 
THR CB  OG1  sing N N 298 
THR CB  CG2  sing N N 299 
THR CB  HB   sing N N 300 
THR OG1 HG1  sing N N 301 
THR CG2 HG21 sing N N 302 
THR CG2 HG22 sing N N 303 
THR CG2 HG23 sing N N 304 
THR OXT HXT  sing N N 305 
TRP N   CA   sing N N 306 
TRP N   H    sing N N 307 
TRP N   H2   sing N N 308 
TRP CA  C    sing N N 309 
TRP CA  CB   sing N N 310 
TRP CA  HA   sing N N 311 
TRP C   O    doub N N 312 
TRP C   OXT  sing N N 313 
TRP CB  CG   sing N N 314 
TRP CB  HB2  sing N N 315 
TRP CB  HB3  sing N N 316 
TRP CG  CD1  doub Y N 317 
TRP CG  CD2  sing Y N 318 
TRP CD1 NE1  sing Y N 319 
TRP CD1 HD1  sing N N 320 
TRP CD2 CE2  doub Y N 321 
TRP CD2 CE3  sing Y N 322 
TRP NE1 CE2  sing Y N 323 
TRP NE1 HE1  sing N N 324 
TRP CE2 CZ2  sing Y N 325 
TRP CE3 CZ3  doub Y N 326 
TRP CE3 HE3  sing N N 327 
TRP CZ2 CH2  doub Y N 328 
TRP CZ2 HZ2  sing N N 329 
TRP CZ3 CH2  sing Y N 330 
TRP CZ3 HZ3  sing N N 331 
TRP CH2 HH2  sing N N 332 
TRP OXT HXT  sing N N 333 
TYR N   CA   sing N N 334 
TYR N   H    sing N N 335 
TYR N   H2   sing N N 336 
TYR CA  C    sing N N 337 
TYR CA  CB   sing N N 338 
TYR CA  HA   sing N N 339 
TYR C   O    doub N N 340 
TYR C   OXT  sing N N 341 
TYR CB  CG   sing N N 342 
TYR CB  HB2  sing N N 343 
TYR CB  HB3  sing N N 344 
TYR CG  CD1  doub Y N 345 
TYR CG  CD2  sing Y N 346 
TYR CD1 CE1  sing Y N 347 
TYR CD1 HD1  sing N N 348 
TYR CD2 CE2  doub Y N 349 
TYR CD2 HD2  sing N N 350 
TYR CE1 CZ   doub Y N 351 
TYR CE1 HE1  sing N N 352 
TYR CE2 CZ   sing Y N 353 
TYR CE2 HE2  sing N N 354 
TYR CZ  OH   sing N N 355 
TYR OH  HH   sing N N 356 
TYR OXT HXT  sing N N 357 
VAL N   CA   sing N N 358 
VAL N   H    sing N N 359 
VAL N   H2   sing N N 360 
VAL CA  C    sing N N 361 
VAL CA  CB   sing N N 362 
VAL CA  HA   sing N N 363 
VAL C   O    doub N N 364 
VAL C   OXT  sing N N 365 
VAL CB  CG1  sing N N 366 
VAL CB  CG2  sing N N 367 
VAL CB  HB   sing N N 368 
VAL CG1 HG11 sing N N 369 
VAL CG1 HG12 sing N N 370 
VAL CG1 HG13 sing N N 371 
VAL CG2 HG21 sing N N 372 
VAL CG2 HG22 sing N N 373 
VAL CG2 HG23 sing N N 374 
VAL OXT HXT  sing N N 375 
# 
_atom_sites.entry_id                    2FYR 
_atom_sites.fract_transf_matrix[1][1]   -0.00867621 
_atom_sites.fract_transf_matrix[1][2]   0.00400174 
_atom_sites.fract_transf_matrix[1][3]   0.00073899 
_atom_sites.fract_transf_matrix[2][1]   -0.00386644 
_atom_sites.fract_transf_matrix[2][2]   0.00448406 
_atom_sites.fract_transf_matrix[2][3]   -0.00753510 
_atom_sites.fract_transf_matrix[3][1]   -0.00821138 
_atom_sites.fract_transf_matrix[3][2]   -0.01674147 
_atom_sites.fract_transf_matrix[3][3]   -0.00574922 
_atom_sites.fract_transf_vector[1]      0.084780 
_atom_sites.fract_transf_vector[2]      0.417784 
_atom_sites.fract_transf_vector[3]      -0.120703 
# 
loop_
_atom_type.symbol 
C  
CL 
MG 
N  
O  
S  
# 
loop_
_atom_site.group_PDB 
_atom_site.id 
_atom_site.type_symbol 
_atom_site.label_atom_id 
_atom_site.label_alt_id 
_atom_site.label_comp_id 
_atom_site.label_asym_id 
_atom_site.label_entity_id 
_atom_site.label_seq_id 
_atom_site.pdbx_PDB_ins_code 
_atom_site.Cartn_x 
_atom_site.Cartn_y 
_atom_site.Cartn_z 
_atom_site.occupancy 
_atom_site.B_iso_or_equiv 
_atom_site.pdbx_formal_charge 
_atom_site.auth_seq_id 
_atom_site.auth_comp_id 
_atom_site.auth_asym_id 
_atom_site.auth_atom_id 
_atom_site.pdbx_PDB_model_num 
ATOM   1    N  N   . ALA A 1 14  ? -2.407  -1.589  15.865  1.00 24.18 ? 1   ALA A N   1 
ATOM   2    C  CA  . ALA A 1 14  ? -1.947  -0.382  15.124  1.00 24.74 ? 1   ALA A CA  1 
ATOM   3    C  C   . ALA A 1 14  ? -2.465  0.844   15.864  1.00 23.38 ? 1   ALA A C   1 
ATOM   4    O  O   . ALA A 1 14  ? -3.657  0.958   16.124  1.00 25.12 ? 1   ALA A O   1 
ATOM   5    C  CB  . ALA A 1 14  ? -2.480  -0.408  13.701  1.00 24.87 ? 1   ALA A CB  1 
ATOM   6    N  N   . PRO A 1 15  ? -1.569  1.773   16.223  1.00 22.58 ? 2   PRO A N   1 
ATOM   7    C  CA  . PRO A 1 15  ? -1.930  3.000   16.944  1.00 21.37 ? 2   PRO A CA  1 
ATOM   8    C  C   . PRO A 1 15  ? -2.638  4.061   16.091  1.00 20.83 ? 2   PRO A C   1 
ATOM   9    O  O   . PRO A 1 15  ? -2.579  4.033   14.857  1.00 19.56 ? 2   PRO A O   1 
ATOM   10   C  CB  . PRO A 1 15  ? -0.589  3.482   17.485  1.00 22.75 ? 2   PRO A CB  1 
ATOM   11   C  CG  . PRO A 1 15  ? 0.372   3.057   16.408  1.00 24.83 ? 2   PRO A CG  1 
ATOM   12   C  CD  . PRO A 1 15  ? -0.106  1.661   16.057  1.00 23.28 ? 2   PRO A CD  1 
ATOM   13   N  N   . PRO A 1 16  ? -3.323  5.011   16.749  1.00 19.63 ? 3   PRO A N   1 
ATOM   14   C  CA  . PRO A 1 16  ? -4.045  6.078   16.056  1.00 19.13 ? 3   PRO A CA  1 
ATOM   15   C  C   . PRO A 1 16  ? -3.198  6.803   15.009  1.00 21.04 ? 3   PRO A C   1 
ATOM   16   O  O   . PRO A 1 16  ? -3.637  7.013   13.874  1.00 17.71 ? 3   PRO A O   1 
ATOM   17   C  CB  . PRO A 1 16  ? -4.471  7.000   17.195  1.00 19.46 ? 3   PRO A CB  1 
ATOM   18   C  CG  . PRO A 1 16  ? -4.716  6.045   18.313  1.00 20.51 ? 3   PRO A CG  1 
ATOM   19   C  CD  . PRO A 1 16  ? -3.514  5.119   18.208  1.00 19.05 ? 3   PRO A CD  1 
ATOM   20   N  N   . THR A 1 17  ? -1.980  7.181   15.385  1.00 22.33 ? 4   THR A N   1 
ATOM   21   C  CA  . THR A 1 17  ? -1.099  7.893   14.468  1.00 22.80 ? 4   THR A CA  1 
ATOM   22   C  C   . THR A 1 17  ? -0.806  7.088   13.208  1.00 21.83 ? 4   THR A C   1 
ATOM   23   O  O   . THR A 1 17  ? -0.704  7.656   12.125  1.00 23.00 ? 4   THR A O   1 
ATOM   24   C  CB  . THR A 1 17  ? 0.224   8.279   15.162  1.00 24.92 ? 4   THR A CB  1 
ATOM   25   O  OG1 . THR A 1 17  ? -0.054  9.162   16.260  1.00 25.92 ? 4   THR A OG1 1 
ATOM   26   C  CG2 . THR A 1 17  ? 1.150   8.988   14.181  1.00 25.39 ? 4   THR A CG2 1 
ATOM   27   N  N   . LEU A 1 18  ? -0.675  5.771   13.342  1.00 21.04 ? 5   LEU A N   1 
ATOM   28   C  CA  . LEU A 1 18  ? -0.403  4.928   12.181  1.00 20.86 ? 5   LEU A CA  1 
ATOM   29   C  C   . LEU A 1 18  ? -1.602  4.964   11.229  1.00 19.40 ? 5   LEU A C   1 
ATOM   30   O  O   . LEU A 1 18  ? -1.430  5.064   10.013  1.00 17.95 ? 5   LEU A O   1 
ATOM   31   C  CB  . LEU A 1 18  ? -0.115  3.488   12.616  1.00 19.36 ? 5   LEU A CB  1 
ATOM   32   C  CG  . LEU A 1 18  ? 0.245   2.502   11.497  1.00 23.89 ? 5   LEU A CG  1 
ATOM   33   C  CD1 . LEU A 1 18  ? 1.370   3.067   10.633  1.00 21.57 ? 5   LEU A CD1 1 
ATOM   34   C  CD2 . LEU A 1 18  ? 0.670   1.167   12.112  1.00 24.28 ? 5   LEU A CD2 1 
ATOM   35   N  N   . TRP A 1 19  ? -2.811  4.890   11.790  1.00 19.26 ? 6   TRP A N   1 
ATOM   36   C  CA  . TRP A 1 19  ? -4.041  4.942   10.994  1.00 17.58 ? 6   TRP A CA  1 
ATOM   37   C  C   . TRP A 1 19  ? -4.206  6.303   10.311  1.00 17.30 ? 6   TRP A C   1 
ATOM   38   O  O   . TRP A 1 19  ? -4.772  6.383   9.224   1.00 19.14 ? 6   TRP A O   1 
ATOM   39   C  CB  . TRP A 1 19  ? -5.288  4.686   11.862  1.00 16.23 ? 6   TRP A CB  1 
ATOM   40   C  CG  . TRP A 1 19  ? -5.586  3.240   12.168  1.00 16.27 ? 6   TRP A CG  1 
ATOM   41   C  CD1 . TRP A 1 19  ? -5.281  2.566   13.311  1.00 17.53 ? 6   TRP A CD1 1 
ATOM   42   C  CD2 . TRP A 1 19  ? -6.247  2.297   11.312  1.00 17.99 ? 6   TRP A CD2 1 
ATOM   43   N  NE1 . TRP A 1 19  ? -5.706  1.263   13.226  1.00 15.46 ? 6   TRP A NE1 1 
ATOM   44   C  CE2 . TRP A 1 19  ? -6.300  1.069   12.009  1.00 17.53 ? 6   TRP A CE2 1 
ATOM   45   C  CE3 . TRP A 1 19  ? -6.794  2.370   10.023  1.00 18.07 ? 6   TRP A CE3 1 
ATOM   46   C  CZ2 . TRP A 1 19  ? -6.884  -0.083  11.460  1.00 16.83 ? 6   TRP A CZ2 1 
ATOM   47   C  CZ3 . TRP A 1 19  ? -7.374  1.225   9.478   1.00 18.37 ? 6   TRP A CZ3 1 
ATOM   48   C  CH2 . TRP A 1 19  ? -7.411  0.015   10.199  1.00 18.28 ? 6   TRP A CH2 1 
ATOM   49   N  N   . SER A 1 20  ? -3.726  7.370   10.950  1.00 16.59 ? 7   SER A N   1 
ATOM   50   C  CA  . SER A 1 20  ? -3.866  8.699   10.371  1.00 17.46 ? 7   SER A CA  1 
ATOM   51   C  C   . SER A 1 20  ? -3.070  8.815   9.083   1.00 16.85 ? 7   SER A C   1 
ATOM   52   O  O   . SER A 1 20  ? -3.239  9.764   8.325   1.00 18.90 ? 7   SER A O   1 
ATOM   53   C  CB  . SER A 1 20  ? -3.433  9.788   11.367  1.00 16.50 ? 7   SER A CB  1 
ATOM   54   O  OG  . SER A 1 20  ? -2.022  9.864   11.487  1.00 18.41 ? 7   SER A OG  1 
ATOM   55   N  N   . ARG A 1 21  ? -2.196  7.847   8.837   1.00 18.30 ? 8   ARG A N   1 
ATOM   56   C  CA  . ARG A 1 21  ? -1.406  7.846   7.612   1.00 16.70 ? 8   ARG A CA  1 
ATOM   57   C  C   . ARG A 1 21  ? -2.274  7.352   6.441   1.00 17.25 ? 8   ARG A C   1 
ATOM   58   O  O   . ARG A 1 21  ? -2.030  7.726   5.295   1.00 17.54 ? 8   ARG A O   1 
ATOM   59   C  CB  . ARG A 1 21  ? -0.175  6.946   7.764   1.00 17.89 ? 8   ARG A CB  1 
ATOM   60   C  CG  . ARG A 1 21  ? 0.915   7.478   8.685   1.00 15.89 ? 8   ARG A CG  1 
ATOM   61   C  CD  . ARG A 1 21  ? 1.929   6.376   8.981   1.00 17.98 ? 8   ARG A CD  1 
ATOM   62   N  NE  . ARG A 1 21  ? 2.894   6.754   10.012  1.00 16.40 ? 8   ARG A NE  1 
ATOM   63   C  CZ  . ARG A 1 21  ? 4.006   7.440   9.780   1.00 18.24 ? 8   ARG A CZ  1 
ATOM   64   N  NH1 . ARG A 1 21  ? 4.308   7.825   8.547   1.00 17.36 ? 8   ARG A NH1 1 
ATOM   65   N  NH2 . ARG A 1 21  ? 4.811   7.742   10.787  1.00 17.72 ? 8   ARG A NH2 1 
ATOM   66   N  N   . VAL A 1 22  ? -3.284  6.522   6.728   1.00 17.72 ? 9   VAL A N   1 
ATOM   67   C  CA  . VAL A 1 22  ? -4.180  6.006   5.679   1.00 17.54 ? 9   VAL A CA  1 
ATOM   68   C  C   . VAL A 1 22  ? -5.088  7.138   5.212   1.00 18.95 ? 9   VAL A C   1 
ATOM   69   O  O   . VAL A 1 22  ? -5.897  7.672   5.974   1.00 18.32 ? 9   VAL A O   1 
ATOM   70   C  CB  . VAL A 1 22  ? -5.040  4.817   6.178   1.00 17.16 ? 9   VAL A CB  1 
ATOM   71   C  CG1 . VAL A 1 22  ? -5.849  4.238   5.016   1.00 14.59 ? 9   VAL A CG1 1 
ATOM   72   C  CG2 . VAL A 1 22  ? -4.141  3.737   6.773   1.00 12.45 ? 9   VAL A CG2 1 
ATOM   73   N  N   . THR A 1 23  ? -4.967  7.468   3.933   1.00 19.98 ? 10  THR A N   1 
ATOM   74   C  CA  . THR A 1 23  ? -5.677  8.599   3.358   1.00 19.88 ? 10  THR A CA  1 
ATOM   75   C  C   . THR A 1 23  ? -6.533  8.287   2.137   1.00 21.35 ? 10  THR A C   1 
ATOM   76   O  O   . THR A 1 23  ? -6.103  7.561   1.236   1.00 22.19 ? 10  THR A O   1 
ATOM   77   C  CB  . THR A 1 23  ? -4.628  9.654   2.973   1.00 20.03 ? 10  THR A CB  1 
ATOM   78   O  OG1 . THR A 1 23  ? -3.667  9.741   4.033   1.00 18.23 ? 10  THR A OG1 1 
ATOM   79   C  CG2 . THR A 1 23  ? -5.261  11.009  2.738   1.00 19.39 ? 10  THR A CG2 1 
ATOM   80   N  N   . LYS A 1 24  ? -7.738  8.851   2.088   1.00 21.85 ? 11  LYS A N   1 
ATOM   81   C  CA  . LYS A 1 24  ? -8.612  8.630   0.941   1.00 21.48 ? 11  LYS A CA  1 
ATOM   82   C  C   . LYS A 1 24  ? -7.923  9.272   -0.259  1.00 21.60 ? 11  LYS A C   1 
ATOM   83   O  O   . LYS A 1 24  ? -7.476  10.416  -0.188  1.00 20.78 ? 11  LYS A O   1 
ATOM   84   C  CB  . LYS A 1 24  ? -9.984  9.269   1.172   1.00 23.69 ? 11  LYS A CB  1 
ATOM   85   C  CG  . LYS A 1 24  ? -11.025 8.842   0.148   1.00 23.82 ? 11  LYS A CG  1 
ATOM   86   C  CD  . LYS A 1 24  ? -11.322 7.358   0.273   1.00 27.95 ? 11  LYS A CD  1 
ATOM   87   C  CE  . LYS A 1 24  ? -12.204 6.862   -0.860  1.00 29.72 ? 11  LYS A CE  1 
ATOM   88   N  NZ  . LYS A 1 24  ? -11.490 6.882   -2.165  1.00 31.15 ? 11  LYS A NZ  1 
ATOM   89   N  N   . PHE A 1 25  ? -7.836  8.527   -1.355  1.00 21.95 ? 12  PHE A N   1 
ATOM   90   C  CA  . PHE A 1 25  ? -7.174  9.013   -2.559  1.00 22.96 ? 12  PHE A CA  1 
ATOM   91   C  C   . PHE A 1 25  ? -7.787  8.388   -3.804  1.00 22.45 ? 12  PHE A C   1 
ATOM   92   O  O   . PHE A 1 25  ? -7.850  7.166   -3.920  1.00 21.96 ? 12  PHE A O   1 
ATOM   93   C  CB  . PHE A 1 25  ? -5.685  8.663   -2.504  1.00 22.21 ? 12  PHE A CB  1 
ATOM   94   C  CG  . PHE A 1 25  ? -4.871  9.325   -3.569  1.00 24.95 ? 12  PHE A CG  1 
ATOM   95   C  CD1 . PHE A 1 25  ? -4.737  10.706  -3.591  1.00 24.69 ? 12  PHE A CD1 1 
ATOM   96   C  CD2 . PHE A 1 25  ? -4.238  8.572   -4.553  1.00 24.22 ? 12  PHE A CD2 1 
ATOM   97   C  CE1 . PHE A 1 25  ? -3.990  11.329  -4.577  1.00 26.92 ? 12  PHE A CE1 1 
ATOM   98   C  CE2 . PHE A 1 25  ? -3.489  9.185   -5.543  1.00 23.95 ? 12  PHE A CE2 1 
ATOM   99   C  CZ  . PHE A 1 25  ? -3.362  10.566  -5.557  1.00 26.72 ? 12  PHE A CZ  1 
ATOM   100  N  N   . GLY A 1 26  ? -8.234  9.226   -4.733  1.00 23.36 ? 13  GLY A N   1 
ATOM   101  C  CA  . GLY A 1 26  ? -8.832  8.707   -5.948  1.00 23.32 ? 13  GLY A CA  1 
ATOM   102  C  C   . GLY A 1 26  ? -9.926  7.705   -5.643  1.00 22.91 ? 13  GLY A C   1 
ATOM   103  O  O   . GLY A 1 26  ? -10.757 7.940   -4.766  1.00 24.81 ? 13  GLY A O   1 
ATOM   104  N  N   . SER A 1 27  ? -9.923  6.583   -6.356  1.00 22.65 ? 14  SER A N   1 
ATOM   105  C  CA  . SER A 1 27  ? -10.931 5.539   -6.157  1.00 22.93 ? 14  SER A CA  1 
ATOM   106  C  C   . SER A 1 27  ? -10.544 4.583   -5.039  1.00 23.27 ? 14  SER A C   1 
ATOM   107  O  O   . SER A 1 27  ? -11.168 3.534   -4.866  1.00 22.89 ? 14  SER A O   1 
ATOM   108  C  CB  . SER A 1 27  ? -11.120 4.743   -7.448  1.00 23.09 ? 14  SER A CB  1 
ATOM   109  O  OG  . SER A 1 27  ? -9.876  4.233   -7.905  1.00 20.96 ? 14  SER A OG  1 
ATOM   110  N  N   . GLY A 1 28  ? -9.510  4.940   -4.286  1.00 21.38 ? 15  GLY A N   1 
ATOM   111  C  CA  . GLY A 1 28  ? -9.088  4.075   -3.208  1.00 20.87 ? 15  GLY A CA  1 
ATOM   112  C  C   . GLY A 1 28  ? -8.497  4.817   -2.033  1.00 21.67 ? 15  GLY A C   1 
ATOM   113  O  O   . GLY A 1 28  ? -9.109  5.747   -1.496  1.00 19.97 ? 15  GLY A O   1 
ATOM   114  N  N   . TRP A 1 29  ? -7.294  4.398   -1.641  1.00 19.58 ? 16  TRP A N   1 
ATOM   115  C  CA  . TRP A 1 29  ? -6.583  4.988   -0.515  1.00 18.68 ? 16  TRP A CA  1 
ATOM   116  C  C   . TRP A 1 29  ? -5.066  5.050   -0.752  1.00 20.15 ? 16  TRP A C   1 
ATOM   117  O  O   . TRP A 1 29  ? -4.530  4.403   -1.654  1.00 18.70 ? 16  TRP A O   1 
ATOM   118  C  CB  . TRP A 1 29  ? -6.860  4.165   0.752   1.00 18.71 ? 16  TRP A CB  1 
ATOM   119  C  CG  . TRP A 1 29  ? -8.329  3.967   1.041   1.00 19.50 ? 16  TRP A CG  1 
ATOM   120  C  CD1 . TRP A 1 29  ? -9.172  3.069   0.453   1.00 18.70 ? 16  TRP A CD1 1 
ATOM   121  C  CD2 . TRP A 1 29  ? -9.130  4.742   1.941   1.00 20.06 ? 16  TRP A CD2 1 
ATOM   122  N  NE1 . TRP A 1 29  ? -10.453 3.241   0.925   1.00 20.10 ? 16  TRP A NE1 1 
ATOM   123  C  CE2 . TRP A 1 29  ? -10.457 4.262   1.841   1.00 19.84 ? 16  TRP A CE2 1 
ATOM   124  C  CE3 . TRP A 1 29  ? -8.857  5.801   2.821   1.00 20.62 ? 16  TRP A CE3 1 
ATOM   125  C  CZ2 . TRP A 1 29  ? -11.509 4.801   2.585   1.00 18.19 ? 16  TRP A CZ2 1 
ATOM   126  C  CZ3 . TRP A 1 29  ? -9.911  6.341   3.565   1.00 21.91 ? 16  TRP A CZ3 1 
ATOM   127  C  CH2 . TRP A 1 29  ? -11.218 5.835   3.438   1.00 18.45 ? 16  TRP A CH2 1 
ATOM   128  N  N   . GLY A 1 30  ? -4.395  5.846   0.076   1.00 20.04 ? 17  GLY A N   1 
ATOM   129  C  CA  . GLY A 1 30  ? -2.957  6.003   0.005   1.00 19.78 ? 17  GLY A CA  1 
ATOM   130  C  C   . GLY A 1 30  ? -2.399  5.963   1.418   1.00 19.55 ? 17  GLY A C   1 
ATOM   131  O  O   . GLY A 1 30  ? -3.165  5.961   2.384   1.00 20.44 ? 17  GLY A O   1 
ATOM   132  N  N   . PHE A 1 31  ? -1.075  5.953   1.547   1.00 17.35 ? 18  PHE A N   1 
ATOM   133  C  CA  . PHE A 1 31  ? -0.428  5.875   2.857   1.00 18.54 ? 18  PHE A CA  1 
ATOM   134  C  C   . PHE A 1 31  ? 0.792   6.790   2.966   1.00 18.23 ? 18  PHE A C   1 
ATOM   135  O  O   . PHE A 1 31  ? 1.708   6.710   2.141   1.00 18.60 ? 18  PHE A O   1 
ATOM   136  C  CB  . PHE A 1 31  ? 0.004   4.429   3.111   1.00 17.25 ? 18  PHE A CB  1 
ATOM   137  C  CG  . PHE A 1 31  ? 0.639   4.205   4.448   1.00 18.35 ? 18  PHE A CG  1 
ATOM   138  C  CD1 . PHE A 1 31  ? -0.144  4.104   5.595   1.00 18.57 ? 18  PHE A CD1 1 
ATOM   139  C  CD2 . PHE A 1 31  ? 2.020   4.075   4.561   1.00 18.29 ? 18  PHE A CD2 1 
ATOM   140  C  CE1 . PHE A 1 31  ? 0.437   3.872   6.835   1.00 18.50 ? 18  PHE A CE1 1 
ATOM   141  C  CE2 . PHE A 1 31  ? 2.612   3.843   5.803   1.00 18.48 ? 18  PHE A CE2 1 
ATOM   142  C  CZ  . PHE A 1 31  ? 1.820   3.741   6.940   1.00 18.31 ? 18  PHE A CZ  1 
ATOM   143  N  N   . TRP A 1 32  ? 0.812   7.649   3.984   1.00 16.88 ? 19  TRP A N   1 
ATOM   144  C  CA  . TRP A 1 32  ? 1.949   8.555   4.181   1.00 17.45 ? 19  TRP A CA  1 
ATOM   145  C  C   . TRP A 1 32  ? 3.104   7.854   4.897   1.00 18.75 ? 19  TRP A C   1 
ATOM   146  O  O   . TRP A 1 32  ? 3.053   7.640   6.107   1.00 20.85 ? 19  TRP A O   1 
ATOM   147  C  CB  . TRP A 1 32  ? 1.541   9.793   4.996   1.00 16.72 ? 19  TRP A CB  1 
ATOM   148  C  CG  . TRP A 1 32  ? 0.678   10.764  4.232   1.00 17.03 ? 19  TRP A CG  1 
ATOM   149  C  CD1 . TRP A 1 32  ? -0.665  10.961  4.374   1.00 14.48 ? 19  TRP A CD1 1 
ATOM   150  C  CD2 . TRP A 1 32  ? 1.108   11.652  3.189   1.00 16.93 ? 19  TRP A CD2 1 
ATOM   151  N  NE1 . TRP A 1 32  ? -1.099  11.917  3.482   1.00 16.32 ? 19  TRP A NE1 1 
ATOM   152  C  CE2 . TRP A 1 32  ? -0.033  12.355  2.742   1.00 17.55 ? 19  TRP A CE2 1 
ATOM   153  C  CE3 . TRP A 1 32  ? 2.349   11.917  2.588   1.00 18.33 ? 19  TRP A CE3 1 
ATOM   154  C  CZ2 . TRP A 1 32  ? 0.027   13.309  1.717   1.00 19.35 ? 19  TRP A CZ2 1 
ATOM   155  C  CZ3 . TRP A 1 32  ? 2.410   12.870  1.565   1.00 18.34 ? 19  TRP A CZ3 1 
ATOM   156  C  CH2 . TRP A 1 32  ? 1.252   13.552  1.141   1.00 16.17 ? 19  TRP A CH2 1 
ATOM   157  N  N   . VAL A 1 33  ? 4.142   7.500   4.144   1.00 17.14 ? 20  VAL A N   1 
ATOM   158  C  CA  . VAL A 1 33  ? 5.317   6.843   4.714   1.00 17.09 ? 20  VAL A CA  1 
ATOM   159  C  C   . VAL A 1 33  ? 6.109   7.866   5.532   1.00 18.53 ? 20  VAL A C   1 
ATOM   160  O  O   . VAL A 1 33  ? 6.729   7.534   6.540   1.00 18.09 ? 20  VAL A O   1 
ATOM   161  C  CB  . VAL A 1 33  ? 6.242   6.268   3.600   1.00 16.70 ? 20  VAL A CB  1 
ATOM   162  C  CG1 . VAL A 1 33  ? 7.502   5.650   4.216   1.00 14.51 ? 20  VAL A CG1 1 
ATOM   163  C  CG2 . VAL A 1 33  ? 5.489   5.228   2.791   1.00 15.07 ? 20  VAL A CG2 1 
ATOM   164  N  N   . SER A 1 34  ? 6.065   9.117   5.093   1.00 17.98 ? 21  SER A N   1 
ATOM   165  C  CA  . SER A 1 34  ? 6.778   10.194  5.768   1.00 20.57 ? 21  SER A CA  1 
ATOM   166  C  C   . SER A 1 34  ? 6.107   11.515  5.405   1.00 20.48 ? 21  SER A C   1 
ATOM   167  O  O   . SER A 1 34  ? 5.099   11.534  4.696   1.00 20.50 ? 21  SER A O   1 
ATOM   168  C  CB  . SER A 1 34  ? 8.229   10.233  5.291   1.00 19.84 ? 21  SER A CB  1 
ATOM   169  O  OG  . SER A 1 34  ? 8.282   10.694  3.951   1.00 19.52 ? 21  SER A OG  1 
ATOM   170  N  N   . PRO A 1 35  ? 6.661   12.641  5.883   1.00 21.13 ? 22  PRO A N   1 
ATOM   171  C  CA  . PRO A 1 35  ? 6.077   13.949  5.571   1.00 20.58 ? 22  PRO A CA  1 
ATOM   172  C  C   . PRO A 1 35  ? 5.948   14.233  4.071   1.00 19.08 ? 22  PRO A C   1 
ATOM   173  O  O   . PRO A 1 35  ? 5.027   14.927  3.646   1.00 18.53 ? 22  PRO A O   1 
ATOM   174  C  CB  . PRO A 1 35  ? 7.036   14.914  6.254   1.00 20.55 ? 22  PRO A CB  1 
ATOM   175  C  CG  . PRO A 1 35  ? 7.403   14.163  7.486   1.00 21.72 ? 22  PRO A CG  1 
ATOM   176  C  CD  . PRO A 1 35  ? 7.668   12.770  6.954   1.00 21.18 ? 22  PRO A CD  1 
ATOM   177  N  N   . THR A 1 36  ? 6.869   13.687  3.279   1.00 20.20 ? 23  THR A N   1 
ATOM   178  C  CA  . THR A 1 36  ? 6.870   13.902  1.832   1.00 21.38 ? 23  THR A CA  1 
ATOM   179  C  C   . THR A 1 36  ? 6.595   12.675  0.959   1.00 21.17 ? 23  THR A C   1 
ATOM   180  O  O   . THR A 1 36  ? 6.381   12.816  -0.248  1.00 21.78 ? 23  THR A O   1 
ATOM   181  C  CB  . THR A 1 36  ? 8.217   14.487  1.372   1.00 22.45 ? 23  THR A CB  1 
ATOM   182  O  OG1 . THR A 1 36  ? 9.267   13.608  1.786   1.00 23.91 ? 23  THR A OG1 1 
ATOM   183  C  CG2 . THR A 1 36  ? 8.446   15.864  1.979   1.00 23.45 ? 23  THR A CG2 1 
ATOM   184  N  N   . VAL A 1 37  ? 6.605   11.478  1.546   1.00 20.07 ? 24  VAL A N   1 
ATOM   185  C  CA  . VAL A 1 37  ? 6.395   10.259  0.760   1.00 18.92 ? 24  VAL A CA  1 
ATOM   186  C  C   . VAL A 1 37  ? 5.021   9.615   0.940   1.00 20.43 ? 24  VAL A C   1 
ATOM   187  O  O   . VAL A 1 37  ? 4.599   9.284   2.054   1.00 18.91 ? 24  VAL A O   1 
ATOM   188  C  CB  . VAL A 1 37  ? 7.497   9.215   1.061   1.00 19.77 ? 24  VAL A CB  1 
ATOM   189  C  CG1 . VAL A 1 37  ? 7.267   7.960   0.243   1.00 18.06 ? 24  VAL A CG1 1 
ATOM   190  C  CG2 . VAL A 1 37  ? 8.864   9.811   0.740   1.00 19.00 ? 24  VAL A CG2 1 
ATOM   191  N  N   . PHE A 1 38  ? 4.342   9.424   -0.188  1.00 19.35 ? 25  PHE A N   1 
ATOM   192  C  CA  . PHE A 1 38  ? 3.001   8.854   -0.234  1.00 18.23 ? 25  PHE A CA  1 
ATOM   193  C  C   . PHE A 1 38  ? 2.986   7.670   -1.204  1.00 18.53 ? 25  PHE A C   1 
ATOM   194  O  O   . PHE A 1 38  ? 3.416   7.808   -2.350  1.00 20.77 ? 25  PHE A O   1 
ATOM   195  C  CB  . PHE A 1 38  ? 2.031   9.943   -0.718  1.00 19.51 ? 25  PHE A CB  1 
ATOM   196  C  CG  . PHE A 1 38  ? 0.566   9.604   -0.555  1.00 20.49 ? 25  PHE A CG  1 
ATOM   197  C  CD1 . PHE A 1 38  ? -0.049  9.680   0.690   1.00 21.03 ? 25  PHE A CD1 1 
ATOM   198  C  CD2 . PHE A 1 38  ? -0.206  9.260   -1.658  1.00 20.49 ? 25  PHE A CD2 1 
ATOM   199  C  CE1 . PHE A 1 38  ? -1.409  9.429   0.834   1.00 21.27 ? 25  PHE A CE1 1 
ATOM   200  C  CE2 . PHE A 1 38  ? -1.567  9.004   -1.528  1.00 21.39 ? 25  PHE A CE2 1 
ATOM   201  C  CZ  . PHE A 1 38  ? -2.170  9.089   -0.283  1.00 21.14 ? 25  PHE A CZ  1 
ATOM   202  N  N   . ILE A 1 39  ? 2.512   6.511   -0.747  1.00 16.40 ? 26  ILE A N   1 
ATOM   203  C  CA  . ILE A 1 39  ? 2.428   5.321   -1.599  1.00 15.11 ? 26  ILE A CA  1 
ATOM   204  C  C   . ILE A 1 39  ? 0.976   4.882   -1.710  1.00 16.42 ? 26  ILE A C   1 
ATOM   205  O  O   . ILE A 1 39  ? 0.193   5.045   -0.773  1.00 14.61 ? 26  ILE A O   1 
ATOM   206  C  CB  . ILE A 1 39  ? 3.260   4.141   -1.037  1.00 14.46 ? 26  ILE A CB  1 
ATOM   207  C  CG1 . ILE A 1 39  ? 2.712   3.719   0.337   1.00 15.83 ? 26  ILE A CG1 1 
ATOM   208  C  CG2 . ILE A 1 39  ? 4.737   4.542   -0.955  1.00 13.47 ? 26  ILE A CG2 1 
ATOM   209  C  CD1 . ILE A 1 39  ? 3.507   2.591   0.999   1.00 16.69 ? 26  ILE A CD1 1 
ATOM   210  N  N   . THR A 1 40  ? 0.624   4.328   -2.865  1.00 15.90 ? 27  THR A N   1 
ATOM   211  C  CA  . THR A 1 40  ? -0.729  3.881   -3.116  1.00 16.44 ? 27  THR A CA  1 
ATOM   212  C  C   . THR A 1 40  ? -0.701  2.864   -4.250  1.00 18.18 ? 27  THR A C   1 
ATOM   213  O  O   . THR A 1 40  ? 0.369   2.544   -4.769  1.00 18.97 ? 27  THR A O   1 
ATOM   214  C  CB  . THR A 1 40  ? -1.628  5.086   -3.503  1.00 17.61 ? 27  THR A CB  1 
ATOM   215  O  OG1 . THR A 1 40  ? -2.980  4.646   -3.672  1.00 15.53 ? 27  THR A OG1 1 
ATOM   216  C  CG2 . THR A 1 40  ? -1.137  5.729   -4.788  1.00 16.31 ? 27  THR A CG2 1 
ATOM   217  N  N   . THR A 1 41  ? -1.866  2.338   -4.614  1.00 19.12 ? 28  THR A N   1 
ATOM   218  C  CA  . THR A 1 41  ? -1.956  1.374   -5.700  1.00 19.79 ? 28  THR A CA  1 
ATOM   219  C  C   . THR A 1 41  ? -2.208  2.143   -6.993  1.00 20.49 ? 28  THR A C   1 
ATOM   220  O  O   . THR A 1 41  ? -3.102  2.991   -7.065  1.00 18.74 ? 28  THR A O   1 
ATOM   221  C  CB  . THR A 1 41  ? -3.096  0.368   -5.473  1.00 21.42 ? 28  THR A CB  1 
ATOM   222  O  OG1 . THR A 1 41  ? -2.849  -0.361  -4.264  1.00 24.35 ? 28  THR A OG1 1 
ATOM   223  C  CG2 . THR A 1 41  ? -3.181  -0.613  -6.635  1.00 20.45 ? 28  THR A CG2 1 
ATOM   224  N  N   . THR A 1 42  ? -1.420  1.839   -8.017  1.00 19.54 ? 29  THR A N   1 
ATOM   225  C  CA  . THR A 1 42  ? -1.525  2.525   -9.298  1.00 21.50 ? 29  THR A CA  1 
ATOM   226  C  C   . THR A 1 42  ? -2.924  2.701   -9.886  1.00 22.85 ? 29  THR A C   1 
ATOM   227  O  O   . THR A 1 42  ? -3.258  3.791   -10.341 1.00 24.45 ? 29  THR A O   1 
ATOM   228  C  CB  . THR A 1 42  ? -0.631  1.846   -10.362 1.00 20.48 ? 29  THR A CB  1 
ATOM   229  O  OG1 . THR A 1 42  ? 0.738   1.888   -9.936  1.00 21.38 ? 29  THR A OG1 1 
ATOM   230  C  CG2 . THR A 1 42  ? -0.750  2.566   -11.702 1.00 23.14 ? 29  THR A CG2 1 
ATOM   231  N  N   . HIS A 1 43  ? -3.754  1.662   -9.868  1.00 25.02 ? 30  HIS A N   1 
ATOM   232  C  CA  . HIS A 1 43  ? -5.070  1.804   -10.478 1.00 26.66 ? 30  HIS A CA  1 
ATOM   233  C  C   . HIS A 1 43  ? -6.091  2.666   -9.747  1.00 27.48 ? 30  HIS A C   1 
ATOM   234  O  O   . HIS A 1 43  ? -7.230  2.777   -10.195 1.00 28.87 ? 30  HIS A O   1 
ATOM   235  C  CB  . HIS A 1 43  ? -5.688  0.439   -10.786 1.00 29.56 ? 30  HIS A CB  1 
ATOM   236  C  CG  . HIS A 1 43  ? -6.434  -0.168  -9.644  1.00 30.83 ? 30  HIS A CG  1 
ATOM   237  N  ND1 . HIS A 1 43  ? -5.828  -0.968  -8.702  1.00 31.47 ? 30  HIS A ND1 1 
ATOM   238  C  CD2 . HIS A 1 43  ? -7.743  -0.105  -9.304  1.00 32.27 ? 30  HIS A CD2 1 
ATOM   239  C  CE1 . HIS A 1 43  ? -6.732  -1.373  -7.828  1.00 34.47 ? 30  HIS A CE1 1 
ATOM   240  N  NE2 . HIS A 1 43  ? -7.904  -0.864  -8.170  1.00 33.93 ? 30  HIS A NE2 1 
ATOM   241  N  N   . VAL A 1 44  ? -5.706  3.279   -8.633  1.00 26.31 ? 31  VAL A N   1 
ATOM   242  C  CA  . VAL A 1 44  ? -6.648  4.134   -7.924  1.00 24.88 ? 31  VAL A CA  1 
ATOM   243  C  C   . VAL A 1 44  ? -6.242  5.586   -8.140  1.00 25.49 ? 31  VAL A C   1 
ATOM   244  O  O   . VAL A 1 44  ? -7.010  6.504   -7.846  1.00 24.48 ? 31  VAL A O   1 
ATOM   245  C  CB  . VAL A 1 44  ? -6.690  3.824   -6.401  1.00 25.00 ? 31  VAL A CB  1 
ATOM   246  C  CG1 . VAL A 1 44  ? -6.851  2.328   -6.184  1.00 22.05 ? 31  VAL A CG1 1 
ATOM   247  C  CG2 . VAL A 1 44  ? -5.435  4.348   -5.716  1.00 21.94 ? 31  VAL A CG2 1 
ATOM   248  N  N   . VAL A 1 45  ? -5.037  5.790   -8.666  1.00 25.69 ? 32  VAL A N   1 
ATOM   249  C  CA  . VAL A 1 45  ? -4.538  7.136   -8.916  1.00 27.78 ? 32  VAL A CA  1 
ATOM   250  C  C   . VAL A 1 45  ? -5.338  7.854   -10.000 1.00 31.13 ? 32  VAL A C   1 
ATOM   251  O  O   . VAL A 1 45  ? -5.432  7.389   -11.139 1.00 31.91 ? 32  VAL A O   1 
ATOM   252  C  CB  . VAL A 1 45  ? -3.050  7.133   -9.337  1.00 26.12 ? 32  VAL A CB  1 
ATOM   253  C  CG1 . VAL A 1 45  ? -2.598  8.555   -9.656  1.00 23.72 ? 32  VAL A CG1 1 
ATOM   254  C  CG2 . VAL A 1 45  ? -2.196  6.554   -8.215  1.00 23.06 ? 32  VAL A CG2 1 
ATOM   255  N  N   . PRO A 1 46  ? -5.928  9.005   -9.654  1.00 32.24 ? 33  PRO A N   1 
ATOM   256  C  CA  . PRO A 1 46  ? -6.721  9.788   -10.605 1.00 34.52 ? 33  PRO A CA  1 
ATOM   257  C  C   . PRO A 1 46  ? -5.854  10.414  -11.690 1.00 36.62 ? 33  PRO A C   1 
ATOM   258  O  O   . PRO A 1 46  ? -4.907  11.137  -11.381 1.00 38.81 ? 33  PRO A O   1 
ATOM   259  C  CB  . PRO A 1 46  ? -7.361  10.868  -9.730  1.00 33.61 ? 33  PRO A CB  1 
ATOM   260  C  CG  . PRO A 1 46  ? -7.308  10.309  -8.347  1.00 33.61 ? 33  PRO A CG  1 
ATOM   261  C  CD  . PRO A 1 46  ? -5.988  9.601   -8.310  1.00 32.62 ? 33  PRO A CD  1 
ATOM   262  N  N   . THR A 1 47  ? -6.147  10.122  -12.953 1.00 38.44 ? 34  THR A N   1 
ATOM   263  C  CA  . THR A 1 47  ? -5.399  10.748  -14.042 1.00 40.77 ? 34  THR A CA  1 
ATOM   264  C  C   . THR A 1 47  ? -6.338  11.829  -14.574 1.00 40.98 ? 34  THR A C   1 
ATOM   265  O  O   . THR A 1 47  ? -7.548  11.782  -14.339 1.00 41.26 ? 34  THR A O   1 
ATOM   266  C  CB  . THR A 1 47  ? -5.037  9.755   -15.190 1.00 41.64 ? 34  THR A CB  1 
ATOM   267  O  OG1 . THR A 1 47  ? -6.222  9.099   -15.663 1.00 44.34 ? 34  THR A OG1 1 
ATOM   268  C  CG2 . THR A 1 47  ? -4.034  8.719   -14.702 1.00 41.86 ? 34  THR A CG2 1 
ATOM   269  N  N   . GLY A 1 48  ? -5.783  12.807  -15.275 1.00 40.78 ? 35  GLY A N   1 
ATOM   270  C  CA  . GLY A 1 48  ? -6.607  13.883  -15.788 1.00 39.27 ? 35  GLY A CA  1 
ATOM   271  C  C   . GLY A 1 48  ? -6.513  15.062  -14.844 1.00 38.52 ? 35  GLY A C   1 
ATOM   272  O  O   . GLY A 1 48  ? -6.846  16.190  -15.206 1.00 40.84 ? 35  GLY A O   1 
ATOM   273  N  N   . VAL A 1 49  ? -6.060  14.803  -13.624 1.00 35.69 ? 36  VAL A N   1 
ATOM   274  C  CA  . VAL A 1 49  ? -5.921  15.873  -12.652 1.00 35.22 ? 36  VAL A CA  1 
ATOM   275  C  C   . VAL A 1 49  ? -4.617  16.600  -12.915 1.00 35.57 ? 36  VAL A C   1 
ATOM   276  O  O   . VAL A 1 49  ? -3.711  16.065  -13.557 1.00 36.48 ? 36  VAL A O   1 
ATOM   277  C  CB  . VAL A 1 49  ? -5.930  15.343  -11.208 1.00 34.29 ? 36  VAL A CB  1 
ATOM   278  C  CG1 . VAL A 1 49  ? -7.284  14.735  -10.900 1.00 33.88 ? 36  VAL A CG1 1 
ATOM   279  C  CG2 . VAL A 1 49  ? -4.818  14.320  -11.011 1.00 32.04 ? 36  VAL A CG2 1 
ATOM   280  N  N   . LYS A 1 50  ? -4.523  17.824  -12.421 1.00 35.84 ? 37  LYS A N   1 
ATOM   281  C  CA  . LYS A 1 50  ? -3.330  18.617  -12.633 1.00 37.02 ? 37  LYS A CA  1 
ATOM   282  C  C   . LYS A 1 50  ? -2.552  18.803  -11.334 1.00 35.14 ? 37  LYS A C   1 
ATOM   283  O  O   . LYS A 1 50  ? -1.523  19.473  -11.311 1.00 34.43 ? 37  LYS A O   1 
ATOM   284  C  CB  . LYS A 1 50  ? -3.718  19.977  -13.216 1.00 40.29 ? 37  LYS A CB  1 
ATOM   285  C  CG  . LYS A 1 50  ? -2.558  20.737  -13.830 1.00 45.62 ? 37  LYS A CG  1 
ATOM   286  C  CD  . LYS A 1 50  ? -1.944  19.970  -15.002 1.00 49.10 ? 37  LYS A CD  1 
ATOM   287  C  CE  . LYS A 1 50  ? -0.751  20.714  -15.599 1.00 49.75 ? 37  LYS A CE  1 
ATOM   288  N  NZ  . LYS A 1 50  ? -1.105  22.093  -16.058 1.00 50.56 ? 37  LYS A NZ  1 
ATOM   289  N  N   . GLU A 1 51  ? -3.042  18.205  -10.254 1.00 33.57 ? 38  GLU A N   1 
ATOM   290  C  CA  . GLU A 1 51  ? -2.373  18.320  -8.968  1.00 33.60 ? 38  GLU A CA  1 
ATOM   291  C  C   . GLU A 1 51  ? -2.871  17.290  -7.959  1.00 31.91 ? 38  GLU A C   1 
ATOM   292  O  O   . GLU A 1 51  ? -3.932  16.692  -8.137  1.00 31.67 ? 38  GLU A O   1 
ATOM   293  C  CB  . GLU A 1 51  ? -2.564  19.737  -8.405  1.00 36.22 ? 38  GLU A CB  1 
ATOM   294  C  CG  . GLU A 1 51  ? -4.023  20.170  -8.275  1.00 40.66 ? 38  GLU A CG  1 
ATOM   295  C  CD  . GLU A 1 51  ? -4.762  19.446  -7.165  1.00 45.13 ? 38  GLU A CD  1 
ATOM   296  O  OE1 . GLU A 1 51  ? -5.982  19.207  -7.323  1.00 47.62 ? 38  GLU A OE1 1 
ATOM   297  O  OE2 . GLU A 1 51  ? -4.139  19.126  -6.124  1.00 43.91 ? 38  GLU A OE2 1 
ATOM   298  N  N   . PHE A 1 52  ? -2.086  17.077  -6.906  1.00 30.71 ? 39  PHE A N   1 
ATOM   299  C  CA  . PHE A 1 52  ? -2.447  16.150  -5.838  1.00 30.24 ? 39  PHE A CA  1 
ATOM   300  C  C   . PHE A 1 52  ? -2.259  16.874  -4.512  1.00 29.81 ? 39  PHE A C   1 
ATOM   301  O  O   . PHE A 1 52  ? -1.179  17.398  -4.229  1.00 28.56 ? 39  PHE A O   1 
ATOM   302  C  CB  . PHE A 1 52  ? -1.573  14.891  -5.871  1.00 30.13 ? 39  PHE A CB  1 
ATOM   303  C  CG  . PHE A 1 52  ? -1.845  13.987  -7.042  1.00 31.09 ? 39  PHE A CG  1 
ATOM   304  C  CD1 . PHE A 1 52  ? -3.138  13.565  -7.327  1.00 31.19 ? 39  PHE A CD1 1 
ATOM   305  C  CD2 . PHE A 1 52  ? -0.804  13.552  -7.857  1.00 32.69 ? 39  PHE A CD2 1 
ATOM   306  C  CE1 . PHE A 1 52  ? -3.389  12.726  -8.406  1.00 31.68 ? 39  PHE A CE1 1 
ATOM   307  C  CE2 . PHE A 1 52  ? -1.045  12.713  -8.940  1.00 32.74 ? 39  PHE A CE2 1 
ATOM   308  C  CZ  . PHE A 1 52  ? -2.339  12.298  -9.216  1.00 30.91 ? 39  PHE A CZ  1 
ATOM   309  N  N   . PHE A 1 53  ? -3.319  16.904  -3.708  1.00 29.28 ? 40  PHE A N   1 
ATOM   310  C  CA  . PHE A 1 53  ? -3.297  17.577  -2.415  1.00 27.24 ? 40  PHE A CA  1 
ATOM   311  C  C   . PHE A 1 53  ? -2.863  19.026  -2.575  1.00 27.58 ? 40  PHE A C   1 
ATOM   312  O  O   . PHE A 1 53  ? -2.177  19.580  -1.715  1.00 28.71 ? 40  PHE A O   1 
ATOM   313  C  CB  . PHE A 1 53  ? -2.350  16.860  -1.448  1.00 26.41 ? 40  PHE A CB  1 
ATOM   314  C  CG  . PHE A 1 53  ? -2.738  15.441  -1.169  1.00 24.60 ? 40  PHE A CG  1 
ATOM   315  C  CD1 . PHE A 1 53  ? -3.960  15.142  -0.580  1.00 24.69 ? 40  PHE A CD1 1 
ATOM   316  C  CD2 . PHE A 1 53  ? -1.898  14.397  -1.528  1.00 24.67 ? 40  PHE A CD2 1 
ATOM   317  C  CE1 . PHE A 1 53  ? -4.339  13.820  -0.357  1.00 23.61 ? 40  PHE A CE1 1 
ATOM   318  C  CE2 . PHE A 1 53  ? -2.270  13.074  -1.308  1.00 23.94 ? 40  PHE A CE2 1 
ATOM   319  C  CZ  . PHE A 1 53  ? -3.493  12.786  -0.721  1.00 20.99 ? 40  PHE A CZ  1 
ATOM   320  N  N   . GLY A 1 54  ? -3.250  19.633  -3.691  1.00 28.46 ? 41  GLY A N   1 
ATOM   321  C  CA  . GLY A 1 54  ? -2.907  21.022  -3.935  1.00 28.61 ? 41  GLY A CA  1 
ATOM   322  C  C   . GLY A 1 54  ? -1.515  21.283  -4.471  1.00 30.21 ? 41  GLY A C   1 
ATOM   323  O  O   . GLY A 1 54  ? -1.102  22.440  -4.586  1.00 31.70 ? 41  GLY A O   1 
ATOM   324  N  N   . GLU A 1 55  ? -0.782  20.223  -4.793  1.00 29.28 ? 42  GLU A N   1 
ATOM   325  C  CA  . GLU A 1 55  ? 0.574   20.373  -5.329  1.00 28.10 ? 42  GLU A CA  1 
ATOM   326  C  C   . GLU A 1 55  ? 0.584   20.050  -6.827  1.00 27.64 ? 42  GLU A C   1 
ATOM   327  O  O   . GLU A 1 55  ? 0.108   18.994  -7.244  1.00 27.45 ? 42  GLU A O   1 
ATOM   328  C  CB  . GLU A 1 55  ? 1.548   19.443  -4.594  1.00 27.87 ? 42  GLU A CB  1 
ATOM   329  C  CG  . GLU A 1 55  ? 1.787   19.796  -3.126  1.00 29.18 ? 42  GLU A CG  1 
ATOM   330  C  CD  . GLU A 1 55  ? 2.443   21.157  -2.952  1.00 30.75 ? 42  GLU A CD  1 
ATOM   331  O  OE1 . GLU A 1 55  ? 3.572   21.348  -3.455  1.00 31.08 ? 42  GLU A OE1 1 
ATOM   332  O  OE2 . GLU A 1 55  ? 1.832   22.034  -2.308  1.00 30.34 ? 42  GLU A OE2 1 
ATOM   333  N  N   . PRO A 1 56  ? 1.124   20.959  -7.656  1.00 27.30 ? 43  PRO A N   1 
ATOM   334  C  CA  . PRO A 1 56  ? 1.177   20.734  -9.107  1.00 26.81 ? 43  PRO A CA  1 
ATOM   335  C  C   . PRO A 1 56  ? 1.969   19.464  -9.404  1.00 27.21 ? 43  PRO A C   1 
ATOM   336  O  O   . PRO A 1 56  ? 2.936   19.159  -8.707  1.00 28.29 ? 43  PRO A O   1 
ATOM   337  C  CB  . PRO A 1 56  ? 1.886   21.983  -9.628  1.00 26.60 ? 43  PRO A CB  1 
ATOM   338  C  CG  . PRO A 1 56  ? 1.540   23.028  -8.610  1.00 29.22 ? 43  PRO A CG  1 
ATOM   339  C  CD  . PRO A 1 56  ? 1.690   22.273  -7.308  1.00 26.89 ? 43  PRO A CD  1 
ATOM   340  N  N   . LEU A 1 57  ? 1.561   18.732  -10.435 1.00 26.89 ? 44  LEU A N   1 
ATOM   341  C  CA  . LEU A 1 57  ? 2.234   17.495  -10.807 1.00 28.71 ? 44  LEU A CA  1 
ATOM   342  C  C   . LEU A 1 57  ? 3.729   17.674  -11.032 1.00 29.46 ? 44  LEU A C   1 
ATOM   343  O  O   . LEU A 1 57  ? 4.532   16.803  -10.676 1.00 29.16 ? 44  LEU A O   1 
ATOM   344  C  CB  . LEU A 1 57  ? 1.588   16.896  -12.061 1.00 27.85 ? 44  LEU A CB  1 
ATOM   345  C  CG  . LEU A 1 57  ? 0.131   16.451  -11.904 1.00 29.95 ? 44  LEU A CG  1 
ATOM   346  C  CD1 . LEU A 1 57  ? -0.368  15.872  -13.215 1.00 30.85 ? 44  LEU A CD1 1 
ATOM   347  C  CD2 . LEU A 1 57  ? 0.025   15.418  -10.798 1.00 28.66 ? 44  LEU A CD2 1 
ATOM   348  N  N   . SER A 1 58  ? 4.108   18.807  -11.614 1.00 30.14 ? 45  SER A N   1 
ATOM   349  C  CA  . SER A 1 58  ? 5.516   19.084  -11.882 1.00 31.52 ? 45  SER A CA  1 
ATOM   350  C  C   . SER A 1 58  ? 6.353   19.167  -10.599 1.00 31.18 ? 45  SER A C   1 
ATOM   351  O  O   . SER A 1 58  ? 7.563   18.951  -10.640 1.00 31.61 ? 45  SER A O   1 
ATOM   352  C  CB  . SER A 1 58  ? 5.652   20.388  -12.665 1.00 31.37 ? 45  SER A CB  1 
ATOM   353  O  OG  . SER A 1 58  ? 5.104   21.469  -11.932 1.00 34.25 ? 45  SER A OG  1 
ATOM   354  N  N   . SER A 1 59  ? 5.720   19.469  -9.468  1.00 28.92 ? 46  SER A N   1 
ATOM   355  C  CA  . SER A 1 59  ? 6.458   19.567  -8.209  1.00 28.97 ? 46  SER A CA  1 
ATOM   356  C  C   . SER A 1 59  ? 6.469   18.240  -7.465  1.00 28.21 ? 46  SER A C   1 
ATOM   357  O  O   . SER A 1 59  ? 6.845   18.176  -6.295  1.00 29.05 ? 46  SER A O   1 
ATOM   358  C  CB  . SER A 1 59  ? 5.846   20.640  -7.302  1.00 29.73 ? 46  SER A CB  1 
ATOM   359  O  OG  . SER A 1 59  ? 4.647   20.179  -6.688  1.00 31.43 ? 46  SER A OG  1 
ATOM   360  N  N   . ILE A 1 60  ? 6.063   17.179  -8.149  1.00 26.84 ? 47  ILE A N   1 
ATOM   361  C  CA  . ILE A 1 60  ? 6.015   15.861  -7.533  1.00 25.62 ? 47  ILE A CA  1 
ATOM   362  C  C   . ILE A 1 60  ? 6.815   14.837  -8.319  1.00 26.08 ? 47  ILE A C   1 
ATOM   363  O  O   . ILE A 1 60  ? 6.773   14.820  -9.545  1.00 25.68 ? 47  ILE A O   1 
ATOM   364  C  CB  . ILE A 1 60  ? 4.577   15.341  -7.463  1.00 25.91 ? 47  ILE A CB  1 
ATOM   365  C  CG1 . ILE A 1 60  ? 3.669   16.400  -6.847  1.00 25.96 ? 47  ILE A CG1 1 
ATOM   366  C  CG2 . ILE A 1 60  ? 4.533   14.052  -6.660  1.00 23.74 ? 47  ILE A CG2 1 
ATOM   367  C  CD1 . ILE A 1 60  ? 2.212   16.017  -6.888  1.00 28.32 ? 47  ILE A CD1 1 
ATOM   368  N  N   . ALA A 1 61  ? 7.543   13.983  -7.608  1.00 25.20 ? 48  ALA A N   1 
ATOM   369  C  CA  . ALA A 1 61  ? 8.306   12.927  -8.250  1.00 25.41 ? 48  ALA A CA  1 
ATOM   370  C  C   . ALA A 1 61  ? 7.434   11.682  -8.151  1.00 25.19 ? 48  ALA A C   1 
ATOM   371  O  O   . ALA A 1 61  ? 7.323   11.078  -7.083  1.00 25.04 ? 48  ALA A O   1 
ATOM   372  C  CB  . ALA A 1 61  ? 9.623   12.706  -7.526  1.00 25.70 ? 48  ALA A CB  1 
ATOM   373  N  N   . ILE A 1 62  ? 6.794   11.315  -9.257  1.00 24.93 ? 49  ILE A N   1 
ATOM   374  C  CA  . ILE A 1 62  ? 5.922   10.149  -9.273  1.00 25.81 ? 49  ILE A CA  1 
ATOM   375  C  C   . ILE A 1 62  ? 6.622   8.921   -9.834  1.00 27.75 ? 49  ILE A C   1 
ATOM   376  O  O   . ILE A 1 62  ? 6.975   8.882   -11.014 1.00 28.08 ? 49  ILE A O   1 
ATOM   377  C  CB  . ILE A 1 62  ? 4.662   10.412  -10.114 1.00 26.59 ? 49  ILE A CB  1 
ATOM   378  C  CG1 . ILE A 1 62  ? 3.903   11.624  -9.555  1.00 27.36 ? 49  ILE A CG1 1 
ATOM   379  C  CG2 . ILE A 1 62  ? 3.779   9.170   -10.124 1.00 25.18 ? 49  ILE A CG2 1 
ATOM   380  C  CD1 . ILE A 1 62  ? 2.719   12.061  -10.407 1.00 25.94 ? 49  ILE A CD1 1 
ATOM   381  N  N   . HIS A 1 63  ? 6.828   7.923   -8.983  1.00 28.99 ? 50  HIS A N   1 
ATOM   382  C  CA  . HIS A 1 63  ? 7.475   6.682   -9.405  1.00 30.22 ? 50  HIS A CA  1 
ATOM   383  C  C   . HIS A 1 63  ? 6.416   5.571   -9.411  1.00 30.50 ? 50  HIS A C   1 
ATOM   384  O  O   . HIS A 1 63  ? 5.862   5.222   -8.370  1.00 29.31 ? 50  HIS A O   1 
ATOM   385  C  CB  . HIS A 1 63  ? 8.625   6.322   -8.446  1.00 34.83 ? 50  HIS A CB  1 
ATOM   386  C  CG  . HIS A 1 63  ? 9.703   7.366   -8.368  1.00 39.08 ? 50  HIS A CG  1 
ATOM   387  N  ND1 . HIS A 1 63  ? 10.006  8.204   -9.421  1.00 41.21 ? 50  HIS A ND1 1 
ATOM   388  C  CD2 . HIS A 1 63  ? 10.570  7.683   -7.378  1.00 40.34 ? 50  HIS A CD2 1 
ATOM   389  C  CE1 . HIS A 1 63  ? 11.011  8.992   -9.084  1.00 40.60 ? 50  HIS A CE1 1 
ATOM   390  N  NE2 . HIS A 1 63  ? 11.372  8.696   -7.848  1.00 43.19 ? 50  HIS A NE2 1 
ATOM   391  N  N   . GLN A 1 64  ? 6.120   5.028   -10.584 1.00 29.07 ? 51  GLN A N   1 
ATOM   392  C  CA  . GLN A 1 64  ? 5.128   3.970   -10.680 1.00 28.64 ? 51  GLN A CA  1 
ATOM   393  C  C   . GLN A 1 64  ? 5.742   2.716   -11.276 1.00 28.50 ? 51  GLN A C   1 
ATOM   394  O  O   . GLN A 1 64  ? 6.303   2.741   -12.373 1.00 28.04 ? 51  GLN A O   1 
ATOM   395  C  CB  . GLN A 1 64  ? 3.925   4.441   -11.516 1.00 30.55 ? 51  GLN A CB  1 
ATOM   396  C  CG  . GLN A 1 64  ? 3.169   5.618   -10.874 1.00 31.97 ? 51  GLN A CG  1 
ATOM   397  C  CD  . GLN A 1 64  ? 1.910   6.049   -11.626 1.00 33.36 ? 51  GLN A CD  1 
ATOM   398  O  OE1 . GLN A 1 64  ? 1.974   6.503   -12.773 1.00 35.89 ? 51  GLN A OE1 1 
ATOM   399  N  NE2 . GLN A 1 64  ? 0.760   5.920   -10.972 1.00 29.33 ? 51  GLN A NE2 1 
ATOM   400  N  N   . ALA A 1 65  ? 5.666   1.619   -10.537 1.00 26.77 ? 52  ALA A N   1 
ATOM   401  C  CA  . ALA A 1 65  ? 6.216   0.366   -11.020 1.00 27.89 ? 52  ALA A CA  1 
ATOM   402  C  C   . ALA A 1 65  ? 5.111   -0.654  -10.920 1.00 27.05 ? 52  ALA A C   1 
ATOM   403  O  O   . ALA A 1 65  ? 4.843   -1.197  -9.849  1.00 27.01 ? 52  ALA A O   1 
ATOM   404  C  CB  . ALA A 1 65  ? 7.418   -0.054  -10.173 1.00 29.83 ? 52  ALA A CB  1 
ATOM   405  N  N   . GLY A 1 66  ? 4.471   -0.907  -12.054 1.00 25.93 ? 53  GLY A N   1 
ATOM   406  C  CA  . GLY A 1 66  ? 3.369   -1.838  -12.075 1.00 26.09 ? 53  GLY A CA  1 
ATOM   407  C  C   . GLY A 1 66  ? 2.248   -1.213  -11.266 1.00 27.75 ? 53  GLY A C   1 
ATOM   408  O  O   . GLY A 1 66  ? 1.892   -0.046  -11.475 1.00 25.45 ? 53  GLY A O   1 
ATOM   409  N  N   . GLU A 1 67  ? 1.716   -1.981  -10.319 1.00 25.36 ? 54  GLU A N   1 
ATOM   410  C  CA  . GLU A 1 67  ? 0.633   -1.518  -9.470  1.00 25.16 ? 54  GLU A CA  1 
ATOM   411  C  C   . GLU A 1 67  ? 1.098   -0.796  -8.216  1.00 23.92 ? 54  GLU A C   1 
ATOM   412  O  O   . GLU A 1 67  ? 0.296   -0.503  -7.332  1.00 23.16 ? 54  GLU A O   1 
ATOM   413  C  CB  . GLU A 1 67  ? -0.277  -2.693  -9.094  1.00 26.19 ? 54  GLU A CB  1 
ATOM   414  C  CG  . GLU A 1 67  ? -1.269  -3.034  -10.181 1.00 28.69 ? 54  GLU A CG  1 
ATOM   415  C  CD  . GLU A 1 67  ? -2.146  -1.843  -10.527 1.00 32.11 ? 54  GLU A CD  1 
ATOM   416  O  OE1 . GLU A 1 67  ? -2.242  -1.489  -11.720 1.00 37.17 ? 54  GLU A OE1 1 
ATOM   417  O  OE2 . GLU A 1 67  ? -2.734  -1.249  -9.602  1.00 30.19 ? 54  GLU A OE2 1 
ATOM   418  N  N   . PHE A 1 68  ? 2.394   -0.516  -8.129  1.00 23.49 ? 55  PHE A N   1 
ATOM   419  C  CA  . PHE A 1 68  ? 2.922   0.198   -6.975  1.00 23.54 ? 55  PHE A CA  1 
ATOM   420  C  C   . PHE A 1 68  ? 3.287   1.620   -7.381  1.00 23.80 ? 55  PHE A C   1 
ATOM   421  O  O   . PHE A 1 68  ? 4.076   1.836   -8.302  1.00 22.64 ? 55  PHE A O   1 
ATOM   422  C  CB  . PHE A 1 68  ? 4.171   -0.485  -6.414  1.00 22.49 ? 55  PHE A CB  1 
ATOM   423  C  CG  . PHE A 1 68  ? 4.602   0.059   -5.075  1.00 21.93 ? 55  PHE A CG  1 
ATOM   424  C  CD1 . PHE A 1 68  ? 4.129   -0.510  -3.893  1.00 22.81 ? 55  PHE A CD1 1 
ATOM   425  C  CD2 . PHE A 1 68  ? 5.452   1.163   -4.997  1.00 22.01 ? 55  PHE A CD2 1 
ATOM   426  C  CE1 . PHE A 1 68  ? 4.497   0.011   -2.648  1.00 22.69 ? 55  PHE A CE1 1 
ATOM   427  C  CE2 . PHE A 1 68  ? 5.826   1.694   -3.764  1.00 21.10 ? 55  PHE A CE2 1 
ATOM   428  C  CZ  . PHE A 1 68  ? 5.347   1.117   -2.583  1.00 21.83 ? 55  PHE A CZ  1 
ATOM   429  N  N   . THR A 1 69  ? 2.708   2.591   -6.688  1.00 22.29 ? 56  THR A N   1 
ATOM   430  C  CA  . THR A 1 69  ? 2.990   3.982   -6.979  1.00 20.66 ? 56  THR A CA  1 
ATOM   431  C  C   . THR A 1 69  ? 3.505   4.709   -5.741  1.00 22.17 ? 56  THR A C   1 
ATOM   432  O  O   . THR A 1 69  ? 2.981   4.540   -4.634  1.00 19.76 ? 56  THR A O   1 
ATOM   433  C  CB  . THR A 1 69  ? 1.729   4.719   -7.480  1.00 21.24 ? 56  THR A CB  1 
ATOM   434  O  OG1 . THR A 1 69  ? 1.378   4.230   -8.777  1.00 19.76 ? 56  THR A OG1 1 
ATOM   435  C  CG2 . THR A 1 69  ? 1.970   6.214   -7.544  1.00 17.42 ? 56  THR A CG2 1 
ATOM   436  N  N   . GLN A 1 70  ? 4.533   5.525   -5.937  1.00 19.80 ? 57  GLN A N   1 
ATOM   437  C  CA  . GLN A 1 70  ? 5.088   6.308   -4.850  1.00 21.20 ? 57  GLN A CA  1 
ATOM   438  C  C   . GLN A 1 70  ? 5.219   7.763   -5.262  1.00 21.42 ? 57  GLN A C   1 
ATOM   439  O  O   . GLN A 1 70  ? 5.729   8.067   -6.340  1.00 21.75 ? 57  GLN A O   1 
ATOM   440  C  CB  . GLN A 1 70  ? 6.466   5.800   -4.442  1.00 22.84 ? 57  GLN A CB  1 
ATOM   441  C  CG  . GLN A 1 70  ? 7.072   6.660   -3.353  1.00 24.79 ? 57  GLN A CG  1 
ATOM   442  C  CD  . GLN A 1 70  ? 8.476   6.257   -2.991  1.00 29.15 ? 57  GLN A CD  1 
ATOM   443  O  OE1 . GLN A 1 70  ? 8.713   5.154   -2.500  1.00 31.43 ? 57  GLN A OE1 1 
ATOM   444  N  NE2 . GLN A 1 70  ? 9.428   7.150   -3.242  1.00 31.14 ? 57  GLN A NE2 1 
ATOM   445  N  N   . PHE A 1 71  ? 4.760   8.658   -4.398  1.00 20.34 ? 58  PHE A N   1 
ATOM   446  C  CA  . PHE A 1 71  ? 4.864   10.081  -4.670  1.00 22.36 ? 58  PHE A CA  1 
ATOM   447  C  C   . PHE A 1 71  ? 5.857   10.716  -3.705  1.00 22.04 ? 58  PHE A C   1 
ATOM   448  O  O   . PHE A 1 71  ? 5.825   10.435  -2.509  1.00 20.36 ? 58  PHE A O   1 
ATOM   449  C  CB  . PHE A 1 71  ? 3.519   10.803  -4.476  1.00 24.73 ? 58  PHE A CB  1 
ATOM   450  C  CG  . PHE A 1 71  ? 2.408   10.318  -5.371  1.00 29.46 ? 58  PHE A CG  1 
ATOM   451  C  CD1 . PHE A 1 71  ? 2.624   10.072  -6.721  1.00 32.35 ? 58  PHE A CD1 1 
ATOM   452  C  CD2 . PHE A 1 71  ? 1.120   10.169  -4.866  1.00 32.19 ? 58  PHE A CD2 1 
ATOM   453  C  CE1 . PHE A 1 71  ? 1.567   9.685   -7.557  1.00 33.91 ? 58  PHE A CE1 1 
ATOM   454  C  CE2 . PHE A 1 71  ? 0.060   9.784   -5.695  1.00 33.60 ? 58  PHE A CE2 1 
ATOM   455  C  CZ  . PHE A 1 71  ? 0.286   9.544   -7.041  1.00 32.96 ? 58  PHE A CZ  1 
ATOM   456  N  N   . ARG A 1 72  ? 6.756   11.546  -4.228  1.00 22.61 ? 59  ARG A N   1 
ATOM   457  C  CA  . ARG A 1 72  ? 7.680   12.280  -3.369  1.00 24.07 ? 59  ARG A CA  1 
ATOM   458  C  C   . ARG A 1 72  ? 7.394   13.742  -3.667  1.00 22.79 ? 59  ARG A C   1 
ATOM   459  O  O   . ARG A 1 72  ? 7.704   14.234  -4.755  1.00 21.62 ? 59  ARG A O   1 
ATOM   460  C  CB  . ARG A 1 72  ? 9.155   11.988  -3.668  1.00 27.49 ? 59  ARG A CB  1 
ATOM   461  C  CG  . ARG A 1 72  ? 10.095  12.870  -2.816  1.00 31.60 ? 59  ARG A CG  1 
ATOM   462  C  CD  . ARG A 1 72  ? 11.574  12.538  -2.992  1.00 36.50 ? 59  ARG A CD  1 
ATOM   463  N  NE  . ARG A 1 72  ? 11.952  11.298  -2.314  1.00 41.09 ? 59  ARG A NE  1 
ATOM   464  C  CZ  . ARG A 1 72  ? 12.024  11.154  -0.992  1.00 43.03 ? 59  ARG A CZ  1 
ATOM   465  N  NH1 . ARG A 1 72  ? 11.745  12.175  -0.189  1.00 45.75 ? 59  ARG A NH1 1 
ATOM   466  N  NH2 . ARG A 1 72  ? 12.376  9.987   -0.473  1.00 42.95 ? 59  ARG A NH2 1 
ATOM   467  N  N   . PHE A 1 73  ? 6.787   14.425  -2.703  1.00 22.61 ? 60  PHE A N   1 
ATOM   468  C  CA  . PHE A 1 73  ? 6.446   15.838  -2.848  1.00 20.81 ? 60  PHE A CA  1 
ATOM   469  C  C   . PHE A 1 73  ? 7.675   16.674  -2.517  1.00 21.32 ? 60  PHE A C   1 
ATOM   470  O  O   . PHE A 1 73  ? 8.508   16.258  -1.718  1.00 20.38 ? 60  PHE A O   1 
ATOM   471  C  CB  . PHE A 1 73  ? 5.299   16.192  -1.898  1.00 20.69 ? 60  PHE A CB  1 
ATOM   472  C  CG  . PHE A 1 73  ? 3.991   15.545  -2.259  1.00 19.37 ? 60  PHE A CG  1 
ATOM   473  C  CD1 . PHE A 1 73  ? 3.057   16.224  -3.044  1.00 16.62 ? 60  PHE A CD1 1 
ATOM   474  C  CD2 . PHE A 1 73  ? 3.703   14.248  -1.836  1.00 18.93 ? 60  PHE A CD2 1 
ATOM   475  C  CE1 . PHE A 1 73  ? 1.857   15.622  -3.406  1.00 18.00 ? 60  PHE A CE1 1 
ATOM   476  C  CE2 . PHE A 1 73  ? 2.506   13.631  -2.190  1.00 16.11 ? 60  PHE A CE2 1 
ATOM   477  C  CZ  . PHE A 1 73  ? 1.576   14.317  -2.978  1.00 17.89 ? 60  PHE A CZ  1 
ATOM   478  N  N   . SER A 1 74  ? 7.788   17.845  -3.138  1.00 21.95 ? 61  SER A N   1 
ATOM   479  C  CA  . SER A 1 74  ? 8.926   18.724  -2.893  1.00 23.65 ? 61  SER A CA  1 
ATOM   480  C  C   . SER A 1 74  ? 8.693   19.565  -1.646  1.00 24.53 ? 61  SER A C   1 
ATOM   481  O  O   . SER A 1 74  ? 9.564   20.319  -1.210  1.00 25.79 ? 61  SER A O   1 
ATOM   482  C  CB  . SER A 1 74  ? 9.171   19.628  -4.105  1.00 24.14 ? 61  SER A CB  1 
ATOM   483  O  OG  . SER A 1 74  ? 7.984   20.281  -4.500  1.00 28.72 ? 61  SER A OG  1 
ATOM   484  N  N   . LYS A 1 75  ? 7.507   19.419  -1.072  1.00 24.01 ? 62  LYS A N   1 
ATOM   485  C  CA  . LYS A 1 75  ? 7.131   20.152  0.125   1.00 25.13 ? 62  LYS A CA  1 
ATOM   486  C  C   . LYS A 1 75  ? 6.540   19.182  1.142   1.00 25.33 ? 62  LYS A C   1 
ATOM   487  O  O   . LYS A 1 75  ? 5.849   18.224  0.774   1.00 22.53 ? 62  LYS A O   1 
ATOM   488  C  CB  . LYS A 1 75  ? 6.094   21.215  -0.232  1.00 28.38 ? 62  LYS A CB  1 
ATOM   489  C  CG  . LYS A 1 75  ? 5.377   21.822  0.954   1.00 32.08 ? 62  LYS A CG  1 
ATOM   490  C  CD  . LYS A 1 75  ? 4.262   22.753  0.500   1.00 36.74 ? 62  LYS A CD  1 
ATOM   491  C  CE  . LYS A 1 75  ? 3.554   23.368  1.699   1.00 40.28 ? 62  LYS A CE  1 
ATOM   492  N  NZ  . LYS A 1 75  ? 2.471   24.314  1.308   1.00 43.76 ? 62  LYS A NZ  1 
ATOM   493  N  N   . LYS A 1 76  ? 6.816   19.429  2.419   1.00 23.90 ? 63  LYS A N   1 
ATOM   494  C  CA  . LYS A 1 76  ? 6.296   18.577  3.478   1.00 24.43 ? 63  LYS A CA  1 
ATOM   495  C  C   . LYS A 1 76  ? 4.788   18.702  3.542   1.00 23.03 ? 63  LYS A C   1 
ATOM   496  O  O   . LYS A 1 76  ? 4.256   19.768  3.842   1.00 23.63 ? 63  LYS A O   1 
ATOM   497  C  CB  . LYS A 1 76  ? 6.896   18.966  4.825   1.00 26.48 ? 63  LYS A CB  1 
ATOM   498  C  CG  . LYS A 1 76  ? 8.352   18.610  4.988   1.00 26.84 ? 63  LYS A CG  1 
ATOM   499  C  CD  . LYS A 1 76  ? 8.738   18.798  6.439   1.00 32.46 ? 63  LYS A CD  1 
ATOM   500  C  CE  . LYS A 1 76  ? 10.137  18.309  6.727   1.00 31.46 ? 63  LYS A CE  1 
ATOM   501  N  NZ  . LYS A 1 76  ? 10.447  18.505  8.163   1.00 34.27 ? 63  LYS A NZ  1 
ATOM   502  N  N   . MET A 1 77  ? 4.106   17.600  3.261   1.00 22.69 ? 64  MET A N   1 
ATOM   503  C  CA  . MET A 1 77  ? 2.654   17.560  3.268   1.00 23.35 ? 64  MET A CA  1 
ATOM   504  C  C   . MET A 1 77  ? 2.114   17.126  4.619   1.00 22.02 ? 64  MET A C   1 
ATOM   505  O  O   . MET A 1 77  ? 1.037   17.542  5.025   1.00 21.85 ? 64  MET A O   1 
ATOM   506  C  CB  . MET A 1 77  ? 2.169   16.600  2.187   1.00 21.86 ? 64  MET A CB  1 
ATOM   507  C  CG  . MET A 1 77  ? 2.688   16.950  0.808   1.00 24.80 ? 64  MET A CG  1 
ATOM   508  S  SD  . MET A 1 77  ? 2.201   18.619  0.324   1.00 28.81 ? 64  MET A SD  1 
ATOM   509  C  CE  . MET A 1 77  ? 0.525   18.298  -0.246  1.00 27.57 ? 64  MET A CE  1 
ATOM   510  N  N   . ARG A 1 78  ? 2.856   16.264  5.301   1.00 22.65 ? 65  ARG A N   1 
ATOM   511  C  CA  . ARG A 1 78  ? 2.454   15.787  6.625   1.00 22.36 ? 65  ARG A CA  1 
ATOM   512  C  C   . ARG A 1 78  ? 3.645   15.951  7.563   1.00 22.74 ? 65  ARG A C   1 
ATOM   513  O  O   . ARG A 1 78  ? 4.249   14.976  7.999   1.00 23.64 ? 65  ARG A O   1 
ATOM   514  C  CB  . ARG A 1 78  ? 2.018   14.312  6.568   1.00 18.62 ? 65  ARG A CB  1 
ATOM   515  C  CG  . ARG A 1 78  ? 0.622   14.069  5.974   1.00 18.84 ? 65  ARG A CG  1 
ATOM   516  C  CD  . ARG A 1 78  ? -0.492  14.646  6.866   1.00 18.18 ? 65  ARG A CD  1 
ATOM   517  N  NE  . ARG A 1 78  ? -0.531  14.012  8.182   1.00 18.19 ? 65  ARG A NE  1 
ATOM   518  C  CZ  . ARG A 1 78  ? -1.206  12.900  8.464   1.00 20.46 ? 65  ARG A CZ  1 
ATOM   519  N  NH1 . ARG A 1 78  ? -1.921  12.283  7.526   1.00 18.37 ? 65  ARG A NH1 1 
ATOM   520  N  NH2 . ARG A 1 78  ? -1.142  12.386  9.687   1.00 21.31 ? 65  ARG A NH2 1 
ATOM   521  N  N   . PRO A 1 79  ? 4.004   17.204  7.874   1.00 23.33 ? 66  PRO A N   1 
ATOM   522  C  CA  . PRO A 1 79  ? 5.131   17.491  8.764   1.00 22.49 ? 66  PRO A CA  1 
ATOM   523  C  C   . PRO A 1 79  ? 4.928   16.964  10.185  1.00 23.21 ? 66  PRO A C   1 
ATOM   524  O  O   . PRO A 1 79  ? 5.874   16.902  10.970  1.00 23.34 ? 66  PRO A O   1 
ATOM   525  C  CB  . PRO A 1 79  ? 5.233   19.014  8.707   1.00 24.75 ? 66  PRO A CB  1 
ATOM   526  C  CG  . PRO A 1 79  ? 3.807   19.438  8.494   1.00 24.60 ? 66  PRO A CG  1 
ATOM   527  C  CD  . PRO A 1 79  ? 3.332   18.448  7.453   1.00 23.43 ? 66  PRO A CD  1 
ATOM   528  N  N   . ASP A 1 80  ? 3.696   16.583  10.506  1.00 21.49 ? 67  ASP A N   1 
ATOM   529  C  CA  . ASP A 1 80  ? 3.372   16.053  11.830  1.00 22.70 ? 67  ASP A CA  1 
ATOM   530  C  C   . ASP A 1 80  ? 3.868   14.613  11.987  1.00 23.27 ? 67  ASP A C   1 
ATOM   531  O  O   . ASP A 1 80  ? 4.102   14.137  13.102  1.00 22.04 ? 67  ASP A O   1 
ATOM   532  C  CB  . ASP A 1 80  ? 1.860   16.055  12.049  1.00 22.72 ? 67  ASP A CB  1 
ATOM   533  C  CG  . ASP A 1 80  ? 1.126   15.192  11.035  1.00 20.64 ? 67  ASP A CG  1 
ATOM   534  O  OD1 . ASP A 1 80  ? 1.094   15.569  9.849   1.00 23.64 ? 67  ASP A OD1 1 
ATOM   535  O  OD2 . ASP A 1 80  ? 0.592   14.136  11.418  1.00 20.84 ? 67  ASP A OD2 1 
ATOM   536  N  N   . LEU A 1 81  ? 4.025   13.925  10.861  1.00 21.73 ? 68  LEU A N   1 
ATOM   537  C  CA  . LEU A 1 81  ? 4.440   12.527  10.869  1.00 22.10 ? 68  LEU A CA  1 
ATOM   538  C  C   . LEU A 1 81  ? 5.958   12.402  10.913  1.00 23.38 ? 68  LEU A C   1 
ATOM   539  O  O   . LEU A 1 81  ? 6.672   13.171  10.270  1.00 23.31 ? 68  LEU A O   1 
ATOM   540  C  CB  . LEU A 1 81  ? 3.887   11.797  9.644   1.00 21.60 ? 68  LEU A CB  1 
ATOM   541  C  CG  . LEU A 1 81  ? 2.370   11.599  9.599   1.00 19.75 ? 68  LEU A CG  1 
ATOM   542  C  CD1 . LEU A 1 81  ? 1.939   11.043  8.251   1.00 20.03 ? 68  LEU A CD1 1 
ATOM   543  C  CD2 . LEU A 1 81  ? 1.913   10.690  10.730  1.00 18.88 ? 68  LEU A CD2 1 
ATOM   544  N  N   . THR A 1 82  ? 6.446   11.428  11.675  1.00 23.51 ? 69  THR A N   1 
ATOM   545  C  CA  . THR A 1 82  ? 7.767   10.859  11.438  1.00 22.08 ? 69  THR A CA  1 
ATOM   546  C  C   . THR A 1 82  ? 7.774   9.983   10.190  1.00 20.87 ? 69  THR A C   1 
ATOM   547  O  O   . THR A 1 82  ? 6.780   9.331   9.871   1.00 19.77 ? 69  THR A O   1 
ATOM   548  C  CB  . THR A 1 82  ? 8.229   10.043  12.660  1.00 21.66 ? 69  THR A CB  1 
ATOM   549  O  OG1 . THR A 1 82  ? 7.417   8.869   12.789  1.00 21.01 ? 69  THR A OG1 1 
ATOM   550  C  CG2 . THR A 1 82  ? 7.949   10.805  13.946  1.00 22.38 ? 69  THR A CG2 1 
ATOM   551  N  N   . GLY A 1 83  ? 8.902   9.972   9.487   1.00 20.52 ? 70  GLY A N   1 
ATOM   552  C  CA  . GLY A 1 83  ? 9.216   8.897   8.564   1.00 18.89 ? 70  GLY A CA  1 
ATOM   553  C  C   . GLY A 1 83  ? 9.151   7.532   9.221   1.00 18.95 ? 70  GLY A C   1 
ATOM   554  O  O   . GLY A 1 83  ? 9.467   7.384   10.402  1.00 19.80 ? 70  GLY A O   1 
ATOM   555  N  N   . MET A 1 84  ? 8.739   6.530   8.451   1.00 18.74 ? 71  MET A N   1 
ATOM   556  C  CA  . MET A 1 84  ? 8.708   5.154   8.935   1.00 19.56 ? 71  MET A CA  1 
ATOM   557  C  C   . MET A 1 84  ? 9.306   4.279   7.833   1.00 19.51 ? 71  MET A C   1 
ATOM   558  O  O   . MET A 1 84  ? 9.445   4.718   6.692   1.00 19.79 ? 71  MET A O   1 
ATOM   559  C  CB  . MET A 1 84  ? 7.285   4.703   9.337   1.00 19.55 ? 71  MET A CB  1 
ATOM   560  C  CG  . MET A 1 84  ? 6.264   4.534   8.220   1.00 19.95 ? 71  MET A CG  1 
ATOM   561  S  SD  . MET A 1 84  ? 4.662   3.948   8.846   1.00 20.40 ? 71  MET A SD  1 
ATOM   562  C  CE  . MET A 1 84  ? 4.948   2.175   8.984   1.00 16.58 ? 71  MET A CE  1 
ATOM   563  N  N   . VAL A 1 85  ? 9.682   3.055   8.183   1.00 19.37 ? 72  VAL A N   1 
ATOM   564  C  CA  . VAL A 1 85  ? 10.309  2.142   7.239   1.00 18.65 ? 72  VAL A CA  1 
ATOM   565  C  C   . VAL A 1 85  ? 9.363   1.520   6.215   1.00 20.60 ? 72  VAL A C   1 
ATOM   566  O  O   . VAL A 1 85  ? 8.292   1.014   6.554   1.00 19.63 ? 72  VAL A O   1 
ATOM   567  C  CB  . VAL A 1 85  ? 11.052  1.010   8.003   1.00 19.67 ? 72  VAL A CB  1 
ATOM   568  C  CG1 . VAL A 1 85  ? 11.656  0.018   7.030   1.00 17.04 ? 72  VAL A CG1 1 
ATOM   569  C  CG2 . VAL A 1 85  ? 12.135  1.612   8.893   1.00 15.01 ? 72  VAL A CG2 1 
ATOM   570  N  N   . LEU A 1 86  ? 9.771   1.584   4.951   1.00 20.57 ? 73  LEU A N   1 
ATOM   571  C  CA  . LEU A 1 86  ? 9.020   0.995   3.851   1.00 19.88 ? 73  LEU A CA  1 
ATOM   572  C  C   . LEU A 1 86  ? 9.932   -0.062  3.240   1.00 21.34 ? 73  LEU A C   1 
ATOM   573  O  O   . LEU A 1 86  ? 10.996  0.266   2.732   1.00 20.34 ? 73  LEU A O   1 
ATOM   574  C  CB  . LEU A 1 86  ? 8.685   2.044   2.785   1.00 18.13 ? 73  LEU A CB  1 
ATOM   575  C  CG  . LEU A 1 86  ? 8.297   1.476   1.414   1.00 19.19 ? 73  LEU A CG  1 
ATOM   576  C  CD1 . LEU A 1 86  ? 7.046   0.616   1.540   1.00 20.03 ? 73  LEU A CD1 1 
ATOM   577  C  CD2 . LEU A 1 86  ? 8.064   2.606   0.418   1.00 18.27 ? 73  LEU A CD2 1 
ATOM   578  N  N   . GLU A 1 87  ? 9.529   -1.326  3.298   1.00 22.34 ? 74  GLU A N   1 
ATOM   579  C  CA  . GLU A 1 87  ? 10.343  -2.388  2.715   1.00 23.30 ? 74  GLU A CA  1 
ATOM   580  C  C   . GLU A 1 87  ? 9.584   -3.054  1.581   1.00 22.49 ? 74  GLU A C   1 
ATOM   581  O  O   . GLU A 1 87  ? 8.377   -2.866  1.441   1.00 21.60 ? 74  GLU A O   1 
ATOM   582  C  CB  . GLU A 1 87  ? 10.721  -3.415  3.785   1.00 24.63 ? 74  GLU A CB  1 
ATOM   583  C  CG  . GLU A 1 87  ? 11.476  -2.804  4.957   1.00 27.94 ? 74  GLU A CG  1 
ATOM   584  C  CD  . GLU A 1 87  ? 11.968  -3.835  5.954   1.00 29.63 ? 74  GLU A CD  1 
ATOM   585  O  OE1 . GLU A 1 87  ? 11.229  -4.812  6.218   1.00 28.46 ? 74  GLU A OE1 1 
ATOM   586  O  OE2 . GLU A 1 87  ? 13.086  -3.651  6.486   1.00 26.93 ? 74  GLU A OE2 1 
ATOM   587  N  N   . GLU A 1 88  ? 10.298  -3.826  0.769   1.00 24.04 ? 75  GLU A N   1 
ATOM   588  C  CA  . GLU A 1 88  ? 9.684   -4.522  -0.355  1.00 23.06 ? 75  GLU A CA  1 
ATOM   589  C  C   . GLU A 1 88  ? 9.097   -5.835  0.132   1.00 23.16 ? 75  GLU A C   1 
ATOM   590  O  O   . GLU A 1 88  ? 9.797   -6.840  0.207   1.00 23.64 ? 75  GLU A O   1 
ATOM   591  C  CB  . GLU A 1 88  ? 10.725  -4.817  -1.435  1.00 24.84 ? 75  GLU A CB  1 
ATOM   592  C  CG  . GLU A 1 88  ? 10.122  -5.341  -2.731  1.00 24.22 ? 75  GLU A CG  1 
ATOM   593  C  CD  . GLU A 1 88  ? 11.173  -5.815  -3.715  1.00 28.62 ? 75  GLU A CD  1 
ATOM   594  O  OE1 . GLU A 1 88  ? 12.279  -5.227  -3.737  1.00 27.16 ? 75  GLU A OE1 1 
ATOM   595  O  OE2 . GLU A 1 88  ? 10.882  -6.755  -4.485  1.00 29.87 ? 75  GLU A OE2 1 
ATOM   596  N  N   . GLY A 1 89  ? 7.812   -5.833  0.457   1.00 23.46 ? 76  GLY A N   1 
ATOM   597  C  CA  . GLY A 1 89  ? 7.199   -7.046  0.942   1.00 21.20 ? 76  GLY A CA  1 
ATOM   598  C  C   . GLY A 1 89  ? 7.846   -7.447  2.250   1.00 23.59 ? 76  GLY A C   1 
ATOM   599  O  O   . GLY A 1 89  ? 8.576   -6.665  2.858   1.00 23.50 ? 76  GLY A O   1 
ATOM   600  N  N   . CYS A 1 90  ? 7.583   -8.674  2.682   1.00 24.05 ? 77  CYS A N   1 
ATOM   601  C  CA  . CYS A 1 90  ? 8.130   -9.182  3.934   1.00 24.68 ? 77  CYS A CA  1 
ATOM   602  C  C   . CYS A 1 90  ? 8.430   -10.664 3.772   1.00 24.88 ? 77  CYS A C   1 
ATOM   603  O  O   . CYS A 1 90  ? 8.035   -11.281 2.780   1.00 23.35 ? 77  CYS A O   1 
ATOM   604  C  CB  . CYS A 1 90  ? 7.117   -8.987  5.054   1.00 23.11 ? 77  CYS A CB  1 
ATOM   605  S  SG  . CYS A 1 90  ? 5.504   -9.681  4.660   1.00 27.24 ? 77  CYS A SG  1 
ATOM   606  N  N   . PRO A 1 91  ? 9.130   -11.260 4.749   1.00 25.03 ? 78  PRO A N   1 
ATOM   607  C  CA  . PRO A 1 91  ? 9.459   -12.687 4.660   1.00 25.93 ? 78  PRO A CA  1 
ATOM   608  C  C   . PRO A 1 91  ? 8.214   -13.575 4.627   1.00 26.33 ? 78  PRO A C   1 
ATOM   609  O  O   . PRO A 1 91  ? 7.164   -13.212 5.163   1.00 25.49 ? 78  PRO A O   1 
ATOM   610  C  CB  . PRO A 1 91  ? 10.299  -12.926 5.915   1.00 26.72 ? 78  PRO A CB  1 
ATOM   611  C  CG  . PRO A 1 91  ? 10.949  -11.584 6.152   1.00 27.84 ? 78  PRO A CG  1 
ATOM   612  C  CD  . PRO A 1 91  ? 9.797   -10.633 5.901   1.00 24.72 ? 78  PRO A CD  1 
ATOM   613  N  N   . GLU A 1 92  ? 8.336   -14.730 3.982   1.00 24.49 ? 79  GLU A N   1 
ATOM   614  C  CA  . GLU A 1 92  ? 7.237   -15.683 3.904   1.00 23.50 ? 79  GLU A CA  1 
ATOM   615  C  C   . GLU A 1 92  ? 6.770   -16.008 5.324   1.00 23.64 ? 79  GLU A C   1 
ATOM   616  O  O   . GLU A 1 92  ? 7.593   -16.178 6.220   1.00 23.52 ? 79  GLU A O   1 
ATOM   617  C  CB  . GLU A 1 92  ? 7.707   -16.970 3.215   1.00 23.62 ? 79  GLU A CB  1 
ATOM   618  C  CG  . GLU A 1 92  ? 7.775   -16.897 1.699   1.00 22.75 ? 79  GLU A CG  1 
ATOM   619  C  CD  . GLU A 1 92  ? 6.704   -17.737 1.044   1.00 24.79 ? 79  GLU A CD  1 
ATOM   620  O  OE1 . GLU A 1 92  ? 5.715   -18.073 1.733   1.00 25.98 ? 79  GLU A OE1 1 
ATOM   621  O  OE2 . GLU A 1 92  ? 6.831   -18.059 -0.161  1.00 26.23 ? 79  GLU A OE2 1 
ATOM   622  N  N   . GLY A 1 93  ? 5.459   -16.086 5.528   1.00 23.46 ? 80  GLY A N   1 
ATOM   623  C  CA  . GLY A 1 93  ? 4.941   -16.412 6.846   1.00 24.43 ? 80  GLY A CA  1 
ATOM   624  C  C   . GLY A 1 93  ? 4.694   -15.237 7.774   1.00 24.00 ? 80  GLY A C   1 
ATOM   625  O  O   . GLY A 1 93  ? 4.062   -15.389 8.818   1.00 25.91 ? 80  GLY A O   1 
ATOM   626  N  N   . THR A 1 94  ? 5.186   -14.060 7.409   1.00 23.69 ? 81  THR A N   1 
ATOM   627  C  CA  . THR A 1 94  ? 5.004   -12.879 8.249   1.00 24.05 ? 81  THR A CA  1 
ATOM   628  C  C   . THR A 1 94  ? 3.518   -12.534 8.357   1.00 24.93 ? 81  THR A C   1 
ATOM   629  O  O   . THR A 1 94  ? 2.820   -12.437 7.350   1.00 22.42 ? 81  THR A O   1 
ATOM   630  C  CB  . THR A 1 94  ? 5.747   -11.669 7.659   1.00 24.67 ? 81  THR A CB  1 
ATOM   631  O  OG1 . THR A 1 94  ? 7.089   -12.050 7.319   1.00 27.57 ? 81  THR A OG1 1 
ATOM   632  C  CG2 . THR A 1 94  ? 5.790   -10.535 8.668   1.00 25.52 ? 81  THR A CG2 1 
ATOM   633  N  N   . VAL A 1 95  ? 3.034   -12.348 9.578   1.00 25.71 ? 82  VAL A N   1 
ATOM   634  C  CA  . VAL A 1 95  ? 1.635   -11.997 9.776   1.00 24.57 ? 82  VAL A CA  1 
ATOM   635  C  C   . VAL A 1 95  ? 1.503   -10.480 9.752   1.00 24.74 ? 82  VAL A C   1 
ATOM   636  O  O   . VAL A 1 95  ? 1.971   -9.801  10.655  1.00 25.61 ? 82  VAL A O   1 
ATOM   637  C  CB  . VAL A 1 95  ? 1.110   -12.537 11.121  1.00 25.97 ? 82  VAL A CB  1 
ATOM   638  C  CG1 . VAL A 1 95  ? -0.285  -11.983 11.407  1.00 25.90 ? 82  VAL A CG1 1 
ATOM   639  C  CG2 . VAL A 1 95  ? 1.070   -14.056 11.073  1.00 27.89 ? 82  VAL A CG2 1 
ATOM   640  N  N   . CYS A 1 96  ? 0.885   -9.948  8.707   1.00 23.80 ? 83  CYS A N   1 
ATOM   641  C  CA  . CYS A 1 96  ? 0.715   -8.515  8.612   1.00 23.24 ? 83  CYS A CA  1 
ATOM   642  C  C   . CYS A 1 96  ? -0.702  -8.139  8.965   1.00 24.35 ? 83  CYS A C   1 
ATOM   643  O  O   . CYS A 1 96  ? -1.530  -8.984  9.317   1.00 23.84 ? 83  CYS A O   1 
ATOM   644  C  CB  . CYS A 1 96  ? 1.010   -8.014  7.197   1.00 24.53 ? 83  CYS A CB  1 
ATOM   645  S  SG  . CYS A 1 96  ? 2.730   -8.147  6.699   1.00 27.40 ? 83  CYS A SG  1 
ATOM   646  N  N   . SER A 1 97  ? -0.974  -6.847  8.865   1.00 22.82 ? 84  SER A N   1 
ATOM   647  C  CA  . SER A 1 97  ? -2.297  -6.328  9.128   1.00 21.93 ? 84  SER A CA  1 
ATOM   648  C  C   . SER A 1 97  ? -2.595  -5.348  8.003   1.00 20.43 ? 84  SER A C   1 
ATOM   649  O  O   . SER A 1 97  ? -1.776  -4.481  7.700   1.00 20.33 ? 84  SER A O   1 
ATOM   650  C  CB  . SER A 1 97  ? -2.326  -5.617  10.480  1.00 20.72 ? 84  SER A CB  1 
ATOM   651  O  OG  . SER A 1 97  ? -3.562  -4.954  10.659  1.00 27.09 ? 84  SER A OG  1 
ATOM   652  N  N   . VAL A 1 98  ? -3.746  -5.504  7.365   1.00 19.46 ? 85  VAL A N   1 
ATOM   653  C  CA  . VAL A 1 98  ? -4.127  -4.594  6.295   1.00 19.13 ? 85  VAL A CA  1 
ATOM   654  C  C   . VAL A 1 98  ? -4.960  -3.497  6.943   1.00 19.44 ? 85  VAL A C   1 
ATOM   655  O  O   . VAL A 1 98  ? -6.065  -3.755  7.420   1.00 23.37 ? 85  VAL A O   1 
ATOM   656  C  CB  . VAL A 1 98  ? -4.982  -5.289  5.202   1.00 16.69 ? 85  VAL A CB  1 
ATOM   657  C  CG1 . VAL A 1 98  ? -5.132  -4.364  4.012   1.00 13.69 ? 85  VAL A CG1 1 
ATOM   658  C  CG2 . VAL A 1 98  ? -4.335  -6.607  4.768   1.00 15.73 ? 85  VAL A CG2 1 
ATOM   659  N  N   . LEU A 1 99  ? -4.425  -2.279  6.974   1.00 19.74 ? 86  LEU A N   1 
ATOM   660  C  CA  . LEU A 1 99  ? -5.123  -1.158  7.598   1.00 18.63 ? 86  LEU A CA  1 
ATOM   661  C  C   . LEU A 1 99  ? -6.197  -0.579  6.680   1.00 18.96 ? 86  LEU A C   1 
ATOM   662  O  O   . LEU A 1 99  ? -6.037  0.492   6.094   1.00 16.46 ? 86  LEU A O   1 
ATOM   663  C  CB  . LEU A 1 99  ? -4.119  -0.069  7.995   1.00 17.34 ? 86  LEU A CB  1 
ATOM   664  C  CG  . LEU A 1 99  ? -2.921  -0.493  8.857   1.00 17.64 ? 86  LEU A CG  1 
ATOM   665  C  CD1 . LEU A 1 99  ? -2.158  0.752   9.307   1.00 16.67 ? 86  LEU A CD1 1 
ATOM   666  C  CD2 . LEU A 1 99  ? -3.395  -1.289  10.067  1.00 16.39 ? 86  LEU A CD2 1 
ATOM   667  N  N   . ILE A 1 100 ? -7.302  -1.305  6.579   1.00 18.81 ? 87  ILE A N   1 
ATOM   668  C  CA  . ILE A 1 100 ? -8.422  -0.909  5.742   1.00 19.44 ? 87  ILE A CA  1 
ATOM   669  C  C   . ILE A 1 100 ? -9.351  0.110   6.397   1.00 21.45 ? 87  ILE A C   1 
ATOM   670  O  O   . ILE A 1 100 ? -9.835  -0.089  7.515   1.00 21.65 ? 87  ILE A O   1 
ATOM   671  C  CB  . ILE A 1 100 ? -9.268  -2.148  5.338   1.00 19.97 ? 87  ILE A CB  1 
ATOM   672  C  CG1 . ILE A 1 100 ? -8.510  -2.963  4.289   1.00 19.06 ? 87  ILE A CG1 1 
ATOM   673  C  CG2 . ILE A 1 100 ? -10.628 -1.718  4.812   1.00 20.24 ? 87  ILE A CG2 1 
ATOM   674  C  CD1 . ILE A 1 100 ? -9.186  -4.265  3.921   1.00 24.65 ? 87  ILE A CD1 1 
ATOM   675  N  N   . LYS A 1 101 ? -9.575  1.208   5.686   1.00 20.53 ? 88  LYS A N   1 
ATOM   676  C  CA  . LYS A 1 101 ? -10.489 2.246   6.125   1.00 20.60 ? 88  LYS A CA  1 
ATOM   677  C  C   . LYS A 1 101 ? -11.645 2.192   5.136   1.00 20.94 ? 88  LYS A C   1 
ATOM   678  O  O   . LYS A 1 101 ? -11.432 1.975   3.941   1.00 19.21 ? 88  LYS A O   1 
ATOM   679  C  CB  . LYS A 1 101 ? -9.839  3.641   6.070   1.00 20.69 ? 88  LYS A CB  1 
ATOM   680  C  CG  . LYS A 1 101 ? -8.994  4.030   7.286   1.00 18.26 ? 88  LYS A CG  1 
ATOM   681  C  CD  . LYS A 1 101 ? -8.615  5.509   7.225   1.00 16.11 ? 88  LYS A CD  1 
ATOM   682  C  CE  . LYS A 1 101 ? -7.939  5.985   8.503   1.00 14.59 ? 88  LYS A CE  1 
ATOM   683  N  NZ  . LYS A 1 101 ? -7.486  7.406   8.403   1.00 13.03 ? 88  LYS A NZ  1 
ATOM   684  N  N   . ARG A 1 102 ? -12.864 2.372   5.637   1.00 22.43 ? 89  ARG A N   1 
ATOM   685  C  CA  . ARG A 1 102 ? -14.058 2.367   4.796   1.00 22.95 ? 89  ARG A CA  1 
ATOM   686  C  C   . ARG A 1 102 ? -14.566 3.803   4.700   1.00 23.10 ? 89  ARG A C   1 
ATOM   687  O  O   . ARG A 1 102 ? -14.289 4.624   5.574   1.00 23.37 ? 89  ARG A O   1 
ATOM   688  C  CB  . ARG A 1 102 ? -15.131 1.450   5.401   1.00 23.53 ? 89  ARG A CB  1 
ATOM   689  C  CG  . ARG A 1 102 ? -14.833 -0.045  5.256   1.00 24.53 ? 89  ARG A CG  1 
ATOM   690  C  CD  . ARG A 1 102 ? -14.904 -0.467  3.786   1.00 26.35 ? 89  ARG A CD  1 
ATOM   691  N  NE  . ARG A 1 102 ? -14.213 -1.719  3.497   1.00 22.26 ? 89  ARG A NE  1 
ATOM   692  C  CZ  . ARG A 1 102 ? -14.592 -2.918  3.930   1.00 24.75 ? 89  ARG A CZ  1 
ATOM   693  N  NH1 . ARG A 1 102 ? -15.671 -3.052  4.692   1.00 24.94 ? 89  ARG A NH1 1 
ATOM   694  N  NH2 . ARG A 1 102 ? -13.887 -3.993  3.597   1.00 19.53 ? 89  ARG A NH2 1 
ATOM   695  N  N   . ASP A 1 103 ? -15.309 4.112   3.645   1.00 24.52 ? 90  ASP A N   1 
ATOM   696  C  CA  . ASP A 1 103 ? -15.815 5.468   3.458   1.00 26.78 ? 90  ASP A CA  1 
ATOM   697  C  C   . ASP A 1 103 ? -16.600 6.013   4.647   1.00 25.78 ? 90  ASP A C   1 
ATOM   698  O  O   . ASP A 1 103 ? -16.589 7.218   4.906   1.00 27.03 ? 90  ASP A O   1 
ATOM   699  C  CB  . ASP A 1 103 ? -16.664 5.546   2.185   1.00 32.03 ? 90  ASP A CB  1 
ATOM   700  C  CG  . ASP A 1 103 ? -15.818 5.535   0.919   1.00 36.49 ? 90  ASP A CG  1 
ATOM   701  O  OD1 . ASP A 1 103 ? -14.974 6.446   0.761   1.00 40.17 ? 90  ASP A OD1 1 
ATOM   702  O  OD2 . ASP A 1 103 ? -16.002 4.626   0.083   1.00 38.10 ? 90  ASP A OD2 1 
ATOM   703  N  N   . SER A 1 104 ? -17.275 5.133   5.376   1.00 24.88 ? 91  SER A N   1 
ATOM   704  C  CA  . SER A 1 104 ? -18.060 5.555   6.537   1.00 23.47 ? 91  SER A CA  1 
ATOM   705  C  C   . SER A 1 104 ? -17.169 6.018   7.687   1.00 23.02 ? 91  SER A C   1 
ATOM   706  O  O   . SER A 1 104 ? -17.628 6.725   8.584   1.00 23.23 ? 91  SER A O   1 
ATOM   707  C  CB  . SER A 1 104 ? -18.912 4.394   7.034   1.00 22.63 ? 91  SER A CB  1 
ATOM   708  O  OG  . SER A 1 104 ? -18.068 3.385   7.569   1.00 21.38 ? 91  SER A OG  1 
ATOM   709  N  N   . GLY A 1 105 ? -15.906 5.600   7.665   1.00 21.03 ? 92  GLY A N   1 
ATOM   710  C  CA  . GLY A 1 105 ? -14.986 5.970   8.723   1.00 18.74 ? 92  GLY A CA  1 
ATOM   711  C  C   . GLY A 1 105 ? -14.558 4.736   9.500   1.00 19.59 ? 92  GLY A C   1 
ATOM   712  O  O   . GLY A 1 105 ? -13.575 4.746   10.249  1.00 19.28 ? 92  GLY A O   1 
ATOM   713  N  N   . GLU A 1 106 ? -15.307 3.658   9.321   1.00 18.82 ? 93  GLU A N   1 
ATOM   714  C  CA  . GLU A 1 106 ? -15.015 2.406   9.994   1.00 20.23 ? 93  GLU A CA  1 
ATOM   715  C  C   . GLU A 1 106 ? -13.601 1.908   9.706   1.00 20.22 ? 93  GLU A C   1 
ATOM   716  O  O   . GLU A 1 106 ? -13.118 1.992   8.576   1.00 17.97 ? 93  GLU A O   1 
ATOM   717  C  CB  . GLU A 1 106 ? -16.020 1.335   9.566   1.00 20.63 ? 93  GLU A CB  1 
ATOM   718  C  CG  . GLU A 1 106 ? -15.504 -0.080  9.770   1.00 23.90 ? 93  GLU A CG  1 
ATOM   719  C  CD  . GLU A 1 106 ? -16.514 -1.134  9.367   1.00 25.59 ? 93  GLU A CD  1 
ATOM   720  O  OE1 . GLU A 1 106 ? -17.210 -0.943  8.349   1.00 24.37 ? 93  GLU A OE1 1 
ATOM   721  O  OE2 . GLU A 1 106 ? -16.587 -2.164  10.060  1.00 27.86 ? 93  GLU A OE2 1 
ATOM   722  N  N   . LEU A 1 107 ? -12.944 1.395   10.742  1.00 21.19 ? 94  LEU A N   1 
ATOM   723  C  CA  . LEU A 1 107 ? -11.602 0.837   10.612  1.00 23.29 ? 94  LEU A CA  1 
ATOM   724  C  C   . LEU A 1 107 ? -11.788 -0.669  10.577  1.00 23.42 ? 94  LEU A C   1 
ATOM   725  O  O   . LEU A 1 107 ? -12.519 -1.220  11.394  1.00 27.03 ? 94  LEU A O   1 
ATOM   726  C  CB  . LEU A 1 107 ? -10.728 1.209   11.812  1.00 22.12 ? 94  LEU A CB  1 
ATOM   727  C  CG  . LEU A 1 107 ? -10.543 2.692   12.117  1.00 23.05 ? 94  LEU A CG  1 
ATOM   728  C  CD1 . LEU A 1 107 ? -9.633  2.841   13.330  1.00 22.64 ? 94  LEU A CD1 1 
ATOM   729  C  CD2 . LEU A 1 107 ? -9.950  3.408   10.909  1.00 20.43 ? 94  LEU A CD2 1 
ATOM   730  N  N   . LEU A 1 108 ? -11.139 -1.333  9.627   1.00 23.93 ? 95  LEU A N   1 
ATOM   731  C  CA  . LEU A 1 108 ? -11.262 -2.778  9.507   1.00 22.62 ? 95  LEU A CA  1 
ATOM   732  C  C   . LEU A 1 108 ? -9.891  -3.425  9.306   1.00 22.81 ? 95  LEU A C   1 
ATOM   733  O  O   . LEU A 1 108 ? -9.534  -3.819  8.192   1.00 22.29 ? 95  LEU A O   1 
ATOM   734  C  CB  . LEU A 1 108 ? -12.177 -3.129  8.324   1.00 24.37 ? 95  LEU A CB  1 
ATOM   735  C  CG  . LEU A 1 108 ? -12.562 -4.598  8.114   1.00 25.42 ? 95  LEU A CG  1 
ATOM   736  C  CD1 . LEU A 1 108 ? -13.572 -5.009  9.178   1.00 26.87 ? 95  LEU A CD1 1 
ATOM   737  C  CD2 . LEU A 1 108 ? -13.167 -4.783  6.727   1.00 25.50 ? 95  LEU A CD2 1 
ATOM   738  N  N   . PRO A 1 109 ? -9.098  -3.528  10.382  1.00 20.75 ? 96  PRO A N   1 
ATOM   739  C  CA  . PRO A 1 109 ? -7.768  -4.135  10.302  1.00 20.26 ? 96  PRO A CA  1 
ATOM   740  C  C   . PRO A 1 109 ? -7.921  -5.633  10.068  1.00 20.84 ? 96  PRO A C   1 
ATOM   741  O  O   . PRO A 1 109 ? -8.559  -6.325  10.857  1.00 21.52 ? 96  PRO A O   1 
ATOM   742  C  CB  . PRO A 1 109 ? -7.165  -3.811  11.666  1.00 19.38 ? 96  PRO A CB  1 
ATOM   743  C  CG  . PRO A 1 109 ? -8.369  -3.841  12.563  1.00 20.10 ? 96  PRO A CG  1 
ATOM   744  C  CD  . PRO A 1 109 ? -9.398  -3.095  11.758  1.00 19.25 ? 96  PRO A CD  1 
ATOM   745  N  N   . LEU A 1 110 ? -7.353  -6.123  8.970   1.00 20.90 ? 97  LEU A N   1 
ATOM   746  C  CA  . LEU A 1 110 ? -7.441  -7.538  8.637   1.00 20.30 ? 97  LEU A CA  1 
ATOM   747  C  C   . LEU A 1 110 ? -6.089  -8.232  8.764   1.00 20.97 ? 97  LEU A C   1 
ATOM   748  O  O   . LEU A 1 110 ? -5.107  -7.834  8.128   1.00 20.38 ? 97  LEU A O   1 
ATOM   749  C  CB  . LEU A 1 110 ? -7.969  -7.711  7.209   1.00 18.66 ? 97  LEU A CB  1 
ATOM   750  C  CG  . LEU A 1 110 ? -9.367  -7.164  6.899   1.00 22.76 ? 97  LEU A CG  1 
ATOM   751  C  CD1 . LEU A 1 110 ? -9.699  -7.425  5.431   1.00 23.00 ? 97  LEU A CD1 1 
ATOM   752  C  CD2 . LEU A 1 110 ? -10.404 -7.829  7.795   1.00 21.74 ? 97  LEU A CD2 1 
ATOM   753  N  N   . ALA A 1 111 ? -6.047  -9.268  9.596   1.00 19.73 ? 98  ALA A N   1 
ATOM   754  C  CA  . ALA A 1 111 ? -4.833  -10.034 9.802   1.00 19.12 ? 98  ALA A CA  1 
ATOM   755  C  C   . ALA A 1 111 ? -4.651  -10.961 8.614   1.00 17.93 ? 98  ALA A C   1 
ATOM   756  O  O   . ALA A 1 111 ? -5.609  -11.571 8.129   1.00 16.92 ? 98  ALA A O   1 
ATOM   757  C  CB  . ALA A 1 111 ? -4.933  -10.840 11.092  1.00 19.74 ? 98  ALA A CB  1 
ATOM   758  N  N   . VAL A 1 112 ? -3.416  -11.065 8.146   1.00 17.63 ? 99  VAL A N   1 
ATOM   759  C  CA  . VAL A 1 112 ? -3.111  -11.910 7.001   1.00 18.10 ? 99  VAL A CA  1 
ATOM   760  C  C   . VAL A 1 112 ? -1.694  -12.447 7.121   1.00 18.29 ? 99  VAL A C   1 
ATOM   761  O  O   . VAL A 1 112 ? -0.779  -11.732 7.537   1.00 19.10 ? 99  VAL A O   1 
ATOM   762  C  CB  . VAL A 1 112 ? -3.251  -11.107 5.679   1.00 19.07 ? 99  VAL A CB  1 
ATOM   763  C  CG1 . VAL A 1 112 ? -2.411  -9.846  5.750   1.00 18.90 ? 99  VAL A CG1 1 
ATOM   764  C  CG2 . VAL A 1 112 ? -2.827  -11.962 4.487   1.00 19.95 ? 99  VAL A CG2 1 
ATOM   765  N  N   . ARG A 1 113 ? -1.523  -13.717 6.779   1.00 17.71 ? 100 ARG A N   1 
ATOM   766  C  CA  . ARG A 1 113 ? -0.213  -14.348 6.824   1.00 18.89 ? 100 ARG A CA  1 
ATOM   767  C  C   . ARG A 1 113 ? 0.299   -14.260 5.393   1.00 18.06 ? 100 ARG A C   1 
ATOM   768  O  O   . ARG A 1 113 ? -0.284  -14.842 4.477   1.00 16.55 ? 100 ARG A O   1 
ATOM   769  C  CB  . ARG A 1 113 ? -0.336  -15.806 7.262   1.00 21.25 ? 100 ARG A CB  1 
ATOM   770  C  CG  . ARG A 1 113 ? 0.989   -16.546 7.368   1.00 25.38 ? 100 ARG A CG  1 
ATOM   771  C  CD  . ARG A 1 113 ? 0.781   -17.950 7.926   1.00 28.72 ? 100 ARG A CD  1 
ATOM   772  N  NE  . ARG A 1 113 ? 0.046   -18.798 6.998   1.00 35.45 ? 100 ARG A NE  1 
ATOM   773  C  CZ  . ARG A 1 113 ? -0.986  -19.564 7.340   1.00 39.19 ? 100 ARG A CZ  1 
ATOM   774  N  NH1 . ARG A 1 113 ? -1.414  -19.588 8.599   1.00 39.71 ? 100 ARG A NH1 1 
ATOM   775  N  NH2 . ARG A 1 113 ? -1.592  -20.310 6.422   1.00 38.94 ? 100 ARG A NH2 1 
ATOM   776  N  N   . MET A 1 114 ? 1.383   -13.521 5.205   1.00 17.65 ? 101 MET A N   1 
ATOM   777  C  CA  . MET A 1 114 ? 1.933   -13.318 3.877   1.00 18.92 ? 101 MET A CA  1 
ATOM   778  C  C   . MET A 1 114 ? 2.559   -14.545 3.233   1.00 18.73 ? 101 MET A C   1 
ATOM   779  O  O   . MET A 1 114 ? 3.040   -15.450 3.913   1.00 19.28 ? 101 MET A O   1 
ATOM   780  C  CB  . MET A 1 114 ? 2.925   -12.157 3.904   1.00 19.31 ? 101 MET A CB  1 
ATOM   781  C  CG  . MET A 1 114 ? 2.257   -10.830 4.311   1.00 20.26 ? 101 MET A CG  1 
ATOM   782  S  SD  . MET A 1 114 ? 0.665   -10.523 3.465   1.00 22.57 ? 101 MET A SD  1 
ATOM   783  C  CE  . MET A 1 114 ? 1.224   -9.994  1.818   1.00 23.49 ? 101 MET A CE  1 
ATOM   784  N  N   . GLY A 1 115 ? 2.534   -14.566 1.905   1.00 20.13 ? 102 GLY A N   1 
ATOM   785  C  CA  . GLY A 1 115 ? 3.089   -15.683 1.162   1.00 17.78 ? 102 GLY A CA  1 
ATOM   786  C  C   . GLY A 1 115 ? 4.262   -15.279 0.297   1.00 17.46 ? 102 GLY A C   1 
ATOM   787  O  O   . GLY A 1 115 ? 5.129   -14.527 0.727   1.00 16.69 ? 102 GLY A O   1 
ATOM   788  N  N   . ALA A 1 116 ? 4.273   -15.774 -0.934  1.00 17.01 ? 103 ALA A N   1 
ATOM   789  C  CA  . ALA A 1 116 ? 5.354   -15.517 -1.881  1.00 17.13 ? 103 ALA A CA  1 
ATOM   790  C  C   . ALA A 1 116 ? 5.282   -14.192 -2.635  1.00 16.23 ? 103 ALA A C   1 
ATOM   791  O  O   . ALA A 1 116 ? 4.199   -13.685 -2.936  1.00 17.58 ? 103 ALA A O   1 
ATOM   792  C  CB  . ALA A 1 116 ? 5.417   -16.656 -2.888  1.00 15.78 ? 103 ALA A CB  1 
ATOM   793  N  N   . ILE A 1 117 ? 6.449   -13.631 -2.926  1.00 14.66 ? 104 ILE A N   1 
ATOM   794  C  CA  . ILE A 1 117 ? 6.514   -12.410 -3.703  1.00 15.89 ? 104 ILE A CA  1 
ATOM   795  C  C   . ILE A 1 117 ? 6.723   -12.890 -5.136  1.00 17.64 ? 104 ILE A C   1 
ATOM   796  O  O   . ILE A 1 117 ? 7.456   -13.854 -5.374  1.00 16.60 ? 104 ILE A O   1 
ATOM   797  C  CB  . ILE A 1 117 ? 7.685   -11.507 -3.258  1.00 16.81 ? 104 ILE A CB  1 
ATOM   798  C  CG1 . ILE A 1 117 ? 7.390   -10.936 -1.865  1.00 13.36 ? 104 ILE A CG1 1 
ATOM   799  C  CG2 . ILE A 1 117 ? 7.879   -10.371 -4.259  1.00 10.67 ? 104 ILE A CG2 1 
ATOM   800  C  CD1 . ILE A 1 117 ? 8.571   -10.231 -1.220  1.00 18.53 ? 104 ILE A CD1 1 
ATOM   801  N  N   . ALA A 1 118 ? 6.052   -12.240 -6.084  1.00 19.06 ? 105 ALA A N   1 
ATOM   802  C  CA  . ALA A 1 118 ? 6.152   -12.614 -7.495  1.00 20.86 ? 105 ALA A CA  1 
ATOM   803  C  C   . ALA A 1 118 ? 5.329   -11.686 -8.382  1.00 21.64 ? 105 ALA A C   1 
ATOM   804  O  O   . ALA A 1 118 ? 4.586   -10.829 -7.897  1.00 20.38 ? 105 ALA A O   1 
ATOM   805  C  CB  . ALA A 1 118 ? 5.669   -14.051 -7.682  1.00 23.03 ? 105 ALA A CB  1 
ATOM   806  N  N   . SER A 1 119 ? 5.484   -11.864 -9.688  1.00 23.90 ? 106 SER A N   1 
ATOM   807  C  CA  . SER A 1 119 ? 4.747   -11.088 -10.676 1.00 24.68 ? 106 SER A CA  1 
ATOM   808  C  C   . SER A 1 119 ? 3.612   -11.999 -11.102 1.00 24.44 ? 106 SER A C   1 
ATOM   809  O  O   . SER A 1 119 ? 3.834   -13.070 -11.666 1.00 26.05 ? 106 SER A O   1 
ATOM   810  C  CB  . SER A 1 119 ? 5.650   -10.743 -11.857 1.00 26.05 ? 106 SER A CB  1 
ATOM   811  O  OG  . SER A 1 119 ? 6.724   -9.925  -11.417 1.00 28.46 ? 106 SER A OG  1 
ATOM   812  N  N   . MET A 1 120 ? 2.395   -11.566 -10.806 1.00 23.62 ? 107 MET A N   1 
ATOM   813  C  CA  . MET A 1 120 ? 1.211   -12.350 -11.090 1.00 23.55 ? 107 MET A CA  1 
ATOM   814  C  C   . MET A 1 120 ? 0.274   -11.663 -12.078 1.00 24.43 ? 107 MET A C   1 
ATOM   815  O  O   . MET A 1 120 ? 0.080   -10.444 -12.034 1.00 22.73 ? 107 MET A O   1 
ATOM   816  C  CB  . MET A 1 120 ? 0.473   -12.621 -9.775  1.00 23.74 ? 107 MET A CB  1 
ATOM   817  C  CG  . MET A 1 120 ? 1.348   -13.257 -8.691  1.00 23.35 ? 107 MET A CG  1 
ATOM   818  S  SD  . MET A 1 120 ? 0.632   -13.132 -7.032  1.00 27.34 ? 107 MET A SD  1 
ATOM   819  C  CE  . MET A 1 120 ? 1.122   -11.476 -6.594  1.00 24.03 ? 107 MET A CE  1 
ATOM   820  N  N   . ARG A 1 121 ? -0.296  -12.456 -12.977 1.00 24.03 ? 108 ARG A N   1 
ATOM   821  C  CA  . ARG A 1 121 ? -1.234  -11.952 -13.970 1.00 24.51 ? 108 ARG A CA  1 
ATOM   822  C  C   . ARG A 1 121 ? -2.584  -11.899 -13.273 1.00 23.19 ? 108 ARG A C   1 
ATOM   823  O  O   . ARG A 1 121 ? -3.217  -12.929 -13.069 1.00 25.17 ? 108 ARG A O   1 
ATOM   824  C  CB  . ARG A 1 121 ? -1.298  -12.910 -15.167 1.00 26.97 ? 108 ARG A CB  1 
ATOM   825  C  CG  . ARG A 1 121 ? -2.307  -12.522 -16.242 1.00 31.10 ? 108 ARG A CG  1 
ATOM   826  C  CD  . ARG A 1 121 ? -1.911  -11.224 -16.918 1.00 33.27 ? 108 ARG A CD  1 
ATOM   827  N  NE  . ARG A 1 121 ? -0.683  -11.362 -17.695 1.00 37.85 ? 108 ARG A NE  1 
ATOM   828  C  CZ  . ARG A 1 121 ? -0.049  -10.346 -18.275 1.00 39.81 ? 108 ARG A CZ  1 
ATOM   829  N  NH1 . ARG A 1 121 ? -0.526  -9.113  -18.164 1.00 39.93 ? 108 ARG A NH1 1 
ATOM   830  N  NH2 . ARG A 1 121 ? 1.064   -10.563 -18.965 1.00 41.49 ? 108 ARG A NH2 1 
ATOM   831  N  N   . ILE A 1 122 ? -3.019  -10.706 -12.888 1.00 20.99 ? 109 ILE A N   1 
ATOM   832  C  CA  . ILE A 1 122 ? -4.305  -10.568 -12.213 1.00 21.79 ? 109 ILE A CA  1 
ATOM   833  C  C   . ILE A 1 122 ? -5.213  -9.628  -12.997 1.00 21.64 ? 109 ILE A C   1 
ATOM   834  O  O   . ILE A 1 122 ? -4.875  -8.462  -13.220 1.00 20.32 ? 109 ILE A O   1 
ATOM   835  C  CB  . ILE A 1 122 ? -4.126  -10.033 -10.773 1.00 21.47 ? 109 ILE A CB  1 
ATOM   836  C  CG1 . ILE A 1 122 ? -3.244  -10.997 -9.965  1.00 20.61 ? 109 ILE A CG1 1 
ATOM   837  C  CG2 . ILE A 1 122 ? -5.480  -9.891  -10.094 1.00 20.80 ? 109 ILE A CG2 1 
ATOM   838  C  CD1 . ILE A 1 122 ? -2.820  -10.457 -8.615  1.00 18.65 ? 109 ILE A CD1 1 
ATOM   839  N  N   . GLN A 1 123 ? -6.362  -10.147 -13.415 1.00 22.17 ? 110 GLN A N   1 
ATOM   840  C  CA  . GLN A 1 123 ? -7.316  -9.365  -14.189 1.00 25.49 ? 110 GLN A CA  1 
ATOM   841  C  C   . GLN A 1 123 ? -6.649  -8.702  -15.388 1.00 24.97 ? 110 GLN A C   1 
ATOM   842  O  O   . GLN A 1 123 ? -6.800  -7.500  -15.607 1.00 25.33 ? 110 GLN A O   1 
ATOM   843  C  CB  . GLN A 1 123 ? -7.975  -8.301  -13.306 1.00 27.05 ? 110 GLN A CB  1 
ATOM   844  C  CG  . GLN A 1 123 ? -8.974  -8.870  -12.324 1.00 30.71 ? 110 GLN A CG  1 
ATOM   845  C  CD  . GLN A 1 123 ? -10.043 -9.701  -13.011 1.00 34.05 ? 110 GLN A CD  1 
ATOM   846  O  OE1 . GLN A 1 123 ? -10.803 -9.198  -13.842 1.00 36.64 ? 110 GLN A OE1 1 
ATOM   847  N  NE2 . GLN A 1 123 ? -10.099 -10.985 -12.675 1.00 33.52 ? 110 GLN A NE2 1 
ATOM   848  N  N   . GLY A 1 124 ? -5.896  -9.495  -16.143 1.00 25.02 ? 111 GLY A N   1 
ATOM   849  C  CA  . GLY A 1 124 ? -5.225  -8.997  -17.327 1.00 27.18 ? 111 GLY A CA  1 
ATOM   850  C  C   . GLY A 1 124 ? -3.912  -8.264  -17.128 1.00 27.89 ? 111 GLY A C   1 
ATOM   851  O  O   . GLY A 1 124 ? -3.071  -8.238  -18.035 1.00 27.23 ? 111 GLY A O   1 
ATOM   852  N  N   . ARG A 1 125 ? -3.727  -7.672  -15.953 1.00 27.20 ? 112 ARG A N   1 
ATOM   853  C  CA  . ARG A 1 125 ? -2.511  -6.921  -15.662 1.00 29.06 ? 112 ARG A CA  1 
ATOM   854  C  C   . ARG A 1 125 ? -1.482  -7.712  -14.859 1.00 30.62 ? 112 ARG A C   1 
ATOM   855  O  O   . ARG A 1 125 ? -1.829  -8.574  -14.053 1.00 30.32 ? 112 ARG A O   1 
ATOM   856  C  CB  . ARG A 1 125 ? -2.862  -5.626  -14.917 1.00 29.50 ? 112 ARG A CB  1 
ATOM   857  C  CG  . ARG A 1 125 ? -3.611  -4.590  -15.759 1.00 32.00 ? 112 ARG A CG  1 
ATOM   858  C  CD  . ARG A 1 125 ? -3.766  -3.278  -14.988 1.00 33.74 ? 112 ARG A CD  1 
ATOM   859  N  NE  . ARG A 1 125 ? -4.255  -2.169  -15.806 1.00 34.03 ? 112 ARG A NE  1 
ATOM   860  C  CZ  . ARG A 1 125 ? -5.513  -2.031  -16.219 1.00 34.09 ? 112 ARG A CZ  1 
ATOM   861  N  NH1 . ARG A 1 125 ? -6.427  -2.935  -15.893 1.00 32.69 ? 112 ARG A NH1 1 
ATOM   862  N  NH2 . ARG A 1 125 ? -5.860  -0.975  -16.947 1.00 33.80 ? 112 ARG A NH2 1 
ATOM   863  N  N   . LEU A 1 126 ? -0.209  -7.414  -15.089 1.00 31.79 ? 113 LEU A N   1 
ATOM   864  C  CA  . LEU A 1 126 ? 0.871   -8.092  -14.383 1.00 31.93 ? 113 LEU A CA  1 
ATOM   865  C  C   . LEU A 1 126 ? 1.134   -7.321  -13.102 1.00 30.39 ? 113 LEU A C   1 
ATOM   866  O  O   . LEU A 1 126 ? 1.500   -6.147  -13.138 1.00 32.47 ? 113 LEU A O   1 
ATOM   867  C  CB  . LEU A 1 126 ? 2.128   -8.129  -15.252 1.00 36.19 ? 113 LEU A CB  1 
ATOM   868  C  CG  . LEU A 1 126 ? 3.176   -9.186  -14.899 1.00 37.08 ? 113 LEU A CG  1 
ATOM   869  C  CD1 . LEU A 1 126 ? 2.591   -10.586 -15.059 1.00 39.33 ? 113 LEU A CD1 1 
ATOM   870  C  CD2 . LEU A 1 126 ? 4.369   -9.009  -15.818 1.00 41.26 ? 113 LEU A CD2 1 
ATOM   871  N  N   . VAL A 1 127 ? 0.935   -7.982  -11.967 1.00 26.10 ? 114 VAL A N   1 
ATOM   872  C  CA  . VAL A 1 127 ? 1.125   -7.337  -10.678 1.00 23.60 ? 114 VAL A CA  1 
ATOM   873  C  C   . VAL A 1 127 ? 2.314   -7.903  -9.901  1.00 22.79 ? 114 VAL A C   1 
ATOM   874  O  O   . VAL A 1 127 ? 2.381   -9.102  -9.611  1.00 19.50 ? 114 VAL A O   1 
ATOM   875  C  CB  . VAL A 1 127 ? -0.157  -7.465  -9.821  1.00 23.84 ? 114 VAL A CB  1 
ATOM   876  C  CG1 . VAL A 1 127 ? 0.041   -6.828  -8.458  1.00 23.46 ? 114 VAL A CG1 1 
ATOM   877  C  CG2 . VAL A 1 127 ? -1.318  -6.803  -10.555 1.00 21.94 ? 114 VAL A CG2 1 
ATOM   878  N  N   . HIS A 1 128 ? 3.261   -7.026  -9.585  1.00 20.60 ? 115 HIS A N   1 
ATOM   879  C  CA  . HIS A 1 128 ? 4.433   -7.403  -8.823  1.00 20.96 ? 115 HIS A CA  1 
ATOM   880  C  C   . HIS A 1 128 ? 4.078   -7.162  -7.365  1.00 22.13 ? 115 HIS A C   1 
ATOM   881  O  O   . HIS A 1 128 ? 4.116   -6.029  -6.887  1.00 24.54 ? 115 HIS A O   1 
ATOM   882  C  CB  . HIS A 1 128 ? 5.634   -6.543  -9.217  1.00 21.22 ? 115 HIS A CB  1 
ATOM   883  C  CG  . HIS A 1 128 ? 6.833   -6.746  -8.341  1.00 22.90 ? 115 HIS A CG  1 
ATOM   884  N  ND1 . HIS A 1 128 ? 7.426   -7.979  -8.159  1.00 23.26 ? 115 HIS A ND1 1 
ATOM   885  C  CD2 . HIS A 1 128 ? 7.542   -5.876  -7.583  1.00 21.78 ? 115 HIS A CD2 1 
ATOM   886  C  CE1 . HIS A 1 128 ? 8.447   -7.858  -7.328  1.00 24.14 ? 115 HIS A CE1 1 
ATOM   887  N  NE2 . HIS A 1 128 ? 8.539   -6.592  -6.963  1.00 23.52 ? 115 HIS A NE2 1 
ATOM   888  N  N   . GLY A 1 129 ? 3.717   -8.228  -6.664  1.00 20.38 ? 116 GLY A N   1 
ATOM   889  C  CA  . GLY A 1 129 ? 3.339   -8.073  -5.279  1.00 19.30 ? 116 GLY A CA  1 
ATOM   890  C  C   . GLY A 1 129 ? 3.533   -9.338  -4.482  1.00 20.60 ? 116 GLY A C   1 
ATOM   891  O  O   . GLY A 1 129 ? 4.268   -10.242 -4.891  1.00 19.16 ? 116 GLY A O   1 
ATOM   892  N  N   . GLN A 1 130 ? 2.868   -9.395  -3.336  1.00 19.21 ? 117 GLN A N   1 
ATOM   893  C  CA  . GLN A 1 130 ? 2.952   -10.543 -2.452  1.00 18.75 ? 117 GLN A CA  1 
ATOM   894  C  C   . GLN A 1 130 ? 1.549   -10.956 -2.042  1.00 18.55 ? 117 GLN A C   1 
ATOM   895  O  O   . GLN A 1 130 ? 0.749   -10.124 -1.612  1.00 17.82 ? 117 GLN A O   1 
ATOM   896  C  CB  . GLN A 1 130 ? 3.782   -10.179 -1.214  1.00 19.31 ? 117 GLN A CB  1 
ATOM   897  C  CG  . GLN A 1 130 ? 4.048   -11.335 -0.254  1.00 16.35 ? 117 GLN A CG  1 
ATOM   898  C  CD  . GLN A 1 130 ? 5.074   -10.975 0.812   1.00 17.12 ? 117 GLN A CD  1 
ATOM   899  O  OE1 . GLN A 1 130 ? 5.408   -9.803  0.995   1.00 16.68 ? 117 GLN A OE1 1 
ATOM   900  N  NE2 . GLN A 1 130 ? 5.574   -11.983 1.525   1.00 16.00 ? 117 GLN A NE2 1 
ATOM   901  N  N   . SER A 1 131 ? 1.245   -12.238 -2.194  1.00 16.88 ? 118 SER A N   1 
ATOM   902  C  CA  . SER A 1 131 ? -0.068  -12.734 -1.812  1.00 19.35 ? 118 SER A CA  1 
ATOM   903  C  C   . SER A 1 131 ? -0.070  -13.070 -0.329  1.00 19.61 ? 118 SER A C   1 
ATOM   904  O  O   . SER A 1 131 ? 0.981   -13.104 0.312   1.00 21.10 ? 118 SER A O   1 
ATOM   905  C  CB  . SER A 1 131 ? -0.444  -13.970 -2.640  1.00 19.58 ? 118 SER A CB  1 
ATOM   906  O  OG  . SER A 1 131 ? 0.619   -14.906 -2.666  1.00 23.60 ? 118 SER A OG  1 
ATOM   907  N  N   . GLY A 1 132 ? -1.259  -13.304 0.212   1.00 20.56 ? 119 GLY A N   1 
ATOM   908  C  CA  . GLY A 1 132 ? -1.379  -13.632 1.616   1.00 20.07 ? 119 GLY A CA  1 
ATOM   909  C  C   . GLY A 1 132 ? -2.712  -14.283 1.907   1.00 21.38 ? 119 GLY A C   1 
ATOM   910  O  O   . GLY A 1 132 ? -3.633  -14.230 1.086   1.00 21.03 ? 119 GLY A O   1 
ATOM   911  N  N   . MET A 1 133 ? -2.819  -14.903 3.075   1.00 22.42 ? 120 MET A N   1 
ATOM   912  C  CA  . MET A 1 133 ? -4.056  -15.565 3.468   1.00 24.27 ? 120 MET A CA  1 
ATOM   913  C  C   . MET A 1 133 ? -4.685  -14.823 4.638   1.00 24.29 ? 120 MET A C   1 
ATOM   914  O  O   . MET A 1 133 ? -4.071  -14.684 5.694   1.00 23.10 ? 120 MET A O   1 
ATOM   915  C  CB  . MET A 1 133 ? -3.780  -17.015 3.879   1.00 26.17 ? 120 MET A CB  1 
ATOM   916  C  CG  . MET A 1 133 ? -5.042  -17.796 4.228   1.00 31.43 ? 120 MET A CG  1 
ATOM   917  S  SD  . MET A 1 133 ? -4.726  -19.412 4.982   1.00 36.38 ? 120 MET A SD  1 
ATOM   918  C  CE  . MET A 1 133 ? -4.736  -18.981 6.730   1.00 35.80 ? 120 MET A CE  1 
ATOM   919  N  N   . LEU A 1 134 ? -5.909  -14.342 4.451   1.00 24.89 ? 121 LEU A N   1 
ATOM   920  C  CA  . LEU A 1 134 ? -6.590  -13.639 5.524   1.00 26.19 ? 121 LEU A CA  1 
ATOM   921  C  C   . LEU A 1 134 ? -6.761  -14.593 6.694   1.00 26.33 ? 121 LEU A C   1 
ATOM   922  O  O   . LEU A 1 134 ? -7.075  -15.768 6.507   1.00 25.70 ? 121 LEU A O   1 
ATOM   923  C  CB  . LEU A 1 134 ? -7.959  -13.131 5.066   1.00 25.83 ? 121 LEU A CB  1 
ATOM   924  C  CG  . LEU A 1 134 ? -7.973  -11.961 4.088   1.00 26.94 ? 121 LEU A CG  1 
ATOM   925  C  CD1 . LEU A 1 134 ? -9.411  -11.632 3.724   1.00 28.06 ? 121 LEU A CD1 1 
ATOM   926  C  CD2 . LEU A 1 134 ? -7.296  -10.749 4.717   1.00 26.95 ? 121 LEU A CD2 1 
ATOM   927  N  N   . LEU A 1 135 ? -6.528  -14.080 7.897   1.00 27.39 ? 122 LEU A N   1 
ATOM   928  C  CA  . LEU A 1 135 ? -6.657  -14.868 9.115   1.00 29.84 ? 122 LEU A CA  1 
ATOM   929  C  C   . LEU A 1 135 ? -7.939  -14.452 9.847   1.00 30.30 ? 122 LEU A C   1 
ATOM   930  O  O   . LEU A 1 135 ? -8.939  -15.153 9.795   1.00 33.19 ? 122 LEU A O   1 
ATOM   931  C  CB  . LEU A 1 135 ? -5.448  -14.632 10.023  1.00 28.80 ? 122 LEU A CB  1 
ATOM   932  C  CG  . LEU A 1 135 ? -4.098  -15.067 9.473   1.00 29.45 ? 122 LEU A CG  1 
ATOM   933  C  CD1 . LEU A 1 135 ? -2.987  -14.665 10.434  1.00 28.28 ? 122 LEU A CD1 1 
ATOM   934  C  CD2 . LEU A 1 135 ? -4.106  -16.573 9.268   1.00 31.04 ? 122 LEU A CD2 1 
ATOM   935  N  N   . GLY A 1 146 ? -14.037 -9.378  5.066   1.00 37.52 ? 133 GLY A N   1 
ATOM   936  C  CA  . GLY A 1 146 ? -13.486 -9.428  3.724   1.00 36.73 ? 133 GLY A CA  1 
ATOM   937  C  C   . GLY A 1 146 ? -13.155 -8.055  3.161   1.00 35.53 ? 133 GLY A C   1 
ATOM   938  O  O   . GLY A 1 146 ? -13.613 -7.035  3.673   1.00 35.87 ? 133 GLY A O   1 
ATOM   939  N  N   . THR A 1 147 ? -12.356 -8.034  2.100   1.00 33.58 ? 134 THR A N   1 
ATOM   940  C  CA  . THR A 1 147 ? -11.959 -6.791  1.453   1.00 30.88 ? 134 THR A CA  1 
ATOM   941  C  C   . THR A 1 147 ? -12.902 -6.484  0.294   1.00 30.04 ? 134 THR A C   1 
ATOM   942  O  O   . THR A 1 147 ? -13.579 -7.374  -0.209  1.00 30.83 ? 134 THR A O   1 
ATOM   943  C  CB  . THR A 1 147 ? -10.527 -6.896  0.884   1.00 31.26 ? 134 THR A CB  1 
ATOM   944  O  OG1 . THR A 1 147 ? -10.503 -7.863  -0.173  1.00 30.76 ? 134 THR A OG1 1 
ATOM   945  C  CG2 . THR A 1 147 ? -9.547  -7.323  1.967   1.00 29.84 ? 134 THR A CG2 1 
ATOM   946  N  N   . ILE A 1 148 ? -12.950 -5.222  -0.122  1.00 28.96 ? 135 ILE A N   1 
ATOM   947  C  CA  . ILE A 1 148 ? -13.792 -4.812  -1.245  1.00 26.84 ? 135 ILE A CA  1 
ATOM   948  C  C   . ILE A 1 148 ? -12.938 -3.961  -2.175  1.00 26.13 ? 135 ILE A C   1 
ATOM   949  O  O   . ILE A 1 148 ? -11.897 -3.445  -1.767  1.00 25.91 ? 135 ILE A O   1 
ATOM   950  C  CB  . ILE A 1 148 ? -15.019 -3.975  -0.798  1.00 26.06 ? 135 ILE A CB  1 
ATOM   951  C  CG1 . ILE A 1 148 ? -14.561 -2.775  0.029   1.00 24.71 ? 135 ILE A CG1 1 
ATOM   952  C  CG2 . ILE A 1 148 ? -15.992 -4.850  -0.010  1.00 24.00 ? 135 ILE A CG2 1 
ATOM   953  C  CD1 . ILE A 1 148 ? -15.673 -1.832  0.405   1.00 24.06 ? 135 ILE A CD1 1 
ATOM   954  N  N   . PRO A 1 149 ? -13.370 -3.799  -3.439  1.00 26.21 ? 136 PRO A N   1 
ATOM   955  C  CA  . PRO A 1 149 ? -12.645 -3.010  -4.441  1.00 25.65 ? 136 PRO A CA  1 
ATOM   956  C  C   . PRO A 1 149 ? -12.162 -1.663  -3.912  1.00 25.73 ? 136 PRO A C   1 
ATOM   957  O  O   . PRO A 1 149 ? -11.004 -1.286  -4.101  1.00 24.62 ? 136 PRO A O   1 
ATOM   958  C  CB  . PRO A 1 149 ? -13.674 -2.844  -5.556  1.00 27.28 ? 136 PRO A CB  1 
ATOM   959  C  CG  . PRO A 1 149 ? -14.430 -4.139  -5.492  1.00 25.99 ? 136 PRO A CG  1 
ATOM   960  C  CD  . PRO A 1 149 ? -14.622 -4.337  -4.004  1.00 25.59 ? 136 PRO A CD  1 
ATOM   961  N  N   . GLY A 1 150 ? -13.061 -0.946  -3.243  1.00 25.00 ? 137 GLY A N   1 
ATOM   962  C  CA  . GLY A 1 150 ? -12.725 0.358   -2.699  1.00 22.59 ? 137 GLY A CA  1 
ATOM   963  C  C   . GLY A 1 150 ? -11.603 0.363   -1.678  1.00 21.72 ? 137 GLY A C   1 
ATOM   964  O  O   . GLY A 1 150 ? -11.119 1.430   -1.313  1.00 20.58 ? 137 GLY A O   1 
ATOM   965  N  N   . ASP A 1 151 ? -11.180 -0.814  -1.223  1.00 20.37 ? 138 ASP A N   1 
ATOM   966  C  CA  . ASP A 1 151 ? -10.115 -0.892  -0.230  1.00 21.40 ? 138 ASP A CA  1 
ATOM   967  C  C   . ASP A 1 151 ? -8.723  -0.799  -0.847  1.00 21.84 ? 138 ASP A C   1 
ATOM   968  O  O   . ASP A 1 151 ? -7.744  -0.599  -0.130  1.00 21.65 ? 138 ASP A O   1 
ATOM   969  C  CB  . ASP A 1 151 ? -10.192 -2.196  0.572   1.00 23.25 ? 138 ASP A CB  1 
ATOM   970  C  CG  . ASP A 1 151 ? -11.505 -2.367  1.311   1.00 24.73 ? 138 ASP A CG  1 
ATOM   971  O  OD1 . ASP A 1 151 ? -12.193 -1.354  1.578   1.00 23.97 ? 138 ASP A OD1 1 
ATOM   972  O  OD2 . ASP A 1 151 ? -11.842 -3.530  1.635   1.00 25.27 ? 138 ASP A OD2 1 
ATOM   973  N  N   . CYS A 1 152 ? -8.644  -0.944  -2.166  1.00 21.30 ? 139 CYS A N   1 
ATOM   974  C  CA  . CYS A 1 152 ? -7.365  -0.911  -2.865  1.00 21.07 ? 139 CYS A CA  1 
ATOM   975  C  C   . CYS A 1 152 ? -6.547  0.312   -2.461  1.00 19.23 ? 139 CYS A C   1 
ATOM   976  O  O   . CYS A 1 152 ? -7.037  1.440   -2.506  1.00 18.45 ? 139 CYS A O   1 
ATOM   977  C  CB  . CYS A 1 152 ? -7.581  -0.921  -4.379  1.00 22.13 ? 139 CYS A CB  1 
ATOM   978  S  SG  . CYS A 1 152 ? -7.707  -2.573  -5.104  1.00 33.34 ? 139 CYS A SG  1 
ATOM   979  N  N   . GLY A 1 153 ? -5.299  0.080   -2.067  1.00 19.11 ? 140 GLY A N   1 
ATOM   980  C  CA  . GLY A 1 153 ? -4.427  1.152   -1.625  1.00 18.45 ? 140 GLY A CA  1 
ATOM   981  C  C   . GLY A 1 153 ? -4.091  1.054   -0.150  1.00 18.94 ? 140 GLY A C   1 
ATOM   982  O  O   . GLY A 1 153 ? -3.114  1.642   0.314   1.00 19.20 ? 140 GLY A O   1 
ATOM   983  N  N   . ALA A 1 154 ? -4.904  0.307   0.589   1.00 17.55 ? 141 ALA A N   1 
ATOM   984  C  CA  . ALA A 1 154 ? -4.674  0.103   2.015   1.00 17.07 ? 141 ALA A CA  1 
ATOM   985  C  C   . ALA A 1 154 ? -3.313  -0.537  2.268   1.00 18.18 ? 141 ALA A C   1 
ATOM   986  O  O   . ALA A 1 154 ? -2.906  -1.456  1.556   1.00 18.76 ? 141 ALA A O   1 
ATOM   987  C  CB  . ALA A 1 154 ? -5.782  -0.747  2.615   1.00 18.60 ? 141 ALA A CB  1 
ATOM   988  N  N   . PRO A 1 155 ? -2.613  -0.045  3.285   1.00 17.99 ? 142 PRO A N   1 
ATOM   989  C  CA  . PRO A 1 155 ? -1.244  -0.489  3.564   1.00 17.33 ? 142 PRO A CA  1 
ATOM   990  C  C   . PRO A 1 155 ? -1.219  -1.844  4.263   1.00 16.86 ? 142 PRO A C   1 
ATOM   991  O  O   . PRO A 1 155 ? -2.007  -2.078  5.179   1.00 16.04 ? 142 PRO A O   1 
ATOM   992  C  CB  . PRO A 1 155 ? -0.714  0.597   4.502   1.00 16.66 ? 142 PRO A CB  1 
ATOM   993  C  CG  . PRO A 1 155 ? -1.926  1.118   5.188   1.00 17.43 ? 142 PRO A CG  1 
ATOM   994  C  CD  . PRO A 1 155 ? -3.032  1.054   4.172   1.00 17.08 ? 142 PRO A CD  1 
ATOM   995  N  N   . TYR A 1 156 ? -0.319  -2.722  3.831   1.00 16.50 ? 143 TYR A N   1 
ATOM   996  C  CA  . TYR A 1 156 ? 0.067   -3.878  4.630   1.00 17.72 ? 143 TYR A CA  1 
ATOM   997  C  C   . TYR A 1 156 ? 1.197   -3.530  5.594   1.00 16.71 ? 143 TYR A C   1 
ATOM   998  O  O   . TYR A 1 156 ? 2.277   -3.115  5.175   1.00 16.56 ? 143 TYR A O   1 
ATOM   999  C  CB  . TYR A 1 156 ? 0.488   -5.038  3.725   1.00 17.63 ? 143 TYR A CB  1 
ATOM   1000 C  CG  . TYR A 1 156 ? -0.656  -5.659  2.955   1.00 19.62 ? 143 TYR A CG  1 
ATOM   1001 C  CD1 . TYR A 1 156 ? -1.637  -4.870  2.372   1.00 19.12 ? 143 TYR A CD1 1 
ATOM   1002 C  CD2 . TYR A 1 156 ? -0.755  -7.038  2.813   1.00 20.58 ? 143 TYR A CD2 1 
ATOM   1003 C  CE1 . TYR A 1 156 ? -2.684  -5.433  1.667   1.00 19.89 ? 143 TYR A CE1 1 
ATOM   1004 C  CE2 . TYR A 1 156 ? -1.797  -7.610  2.110   1.00 19.32 ? 143 TYR A CE2 1 
ATOM   1005 C  CZ  . TYR A 1 156 ? -2.759  -6.804  1.540   1.00 19.63 ? 143 TYR A CZ  1 
ATOM   1006 O  OH  . TYR A 1 156 ? -3.801  -7.368  0.839   1.00 19.69 ? 143 TYR A OH  1 
ATOM   1007 N  N   . VAL A 1 157 ? 0.939   -3.702  6.886   1.00 16.49 ? 144 VAL A N   1 
ATOM   1008 C  CA  . VAL A 1 157 ? 1.913   -3.354  7.914   1.00 17.36 ? 144 VAL A CA  1 
ATOM   1009 C  C   . VAL A 1 157 ? 2.147   -4.521  8.867   1.00 19.63 ? 144 VAL A C   1 
ATOM   1010 O  O   . VAL A 1 157 ? 1.342   -5.449  8.938   1.00 20.03 ? 144 VAL A O   1 
ATOM   1011 C  CB  . VAL A 1 157 ? 1.466   -2.123  8.724   1.00 17.53 ? 144 VAL A CB  1 
ATOM   1012 C  CG1 . VAL A 1 157 ? 1.309   -0.915  7.813   1.00 14.75 ? 144 VAL A CG1 1 
ATOM   1013 C  CG2 . VAL A 1 157 ? 0.169   -2.415  9.462   1.00 13.14 ? 144 VAL A CG2 1 
ATOM   1014 N  N   . HIS A 1 158 ? 3.255   -4.467  9.601   1.00 21.35 ? 145 HIS A N   1 
ATOM   1015 C  CA  . HIS A 1 158 ? 3.553   -5.470  10.611  1.00 23.78 ? 145 HIS A CA  1 
ATOM   1016 C  C   . HIS A 1 158 ? 4.520   -4.842  11.609  1.00 24.37 ? 145 HIS A C   1 
ATOM   1017 O  O   . HIS A 1 158 ? 5.264   -3.923  11.270  1.00 22.80 ? 145 HIS A O   1 
ATOM   1018 C  CB  . HIS A 1 158 ? 4.110   -6.764  9.972   1.00 24.24 ? 145 HIS A CB  1 
ATOM   1019 C  CG  . HIS A 1 158 ? 5.408   -6.595  9.245   1.00 24.01 ? 145 HIS A CG  1 
ATOM   1020 N  ND1 . HIS A 1 158 ? 6.631   -6.730  9.865   1.00 25.12 ? 145 HIS A ND1 1 
ATOM   1021 C  CD2 . HIS A 1 158 ? 5.672   -6.332  7.943   1.00 24.58 ? 145 HIS A CD2 1 
ATOM   1022 C  CE1 . HIS A 1 158 ? 7.594   -6.560  8.976   1.00 25.92 ? 145 HIS A CE1 1 
ATOM   1023 N  NE2 . HIS A 1 158 ? 7.039   -6.318  7.802   1.00 24.59 ? 145 HIS A NE2 1 
ATOM   1024 N  N   . LYS A 1 159 ? 4.484   -5.316  12.848  1.00 26.35 ? 146 LYS A N   1 
ATOM   1025 C  CA  . LYS A 1 159 ? 5.329   -4.750  13.886  1.00 29.42 ? 146 LYS A CA  1 
ATOM   1026 C  C   . LYS A 1 159 ? 6.668   -5.460  14.040  1.00 30.87 ? 146 LYS A C   1 
ATOM   1027 O  O   . LYS A 1 159 ? 6.732   -6.686  14.109  1.00 32.46 ? 146 LYS A O   1 
ATOM   1028 C  CB  . LYS A 1 159 ? 4.573   -4.747  15.221  1.00 31.04 ? 146 LYS A CB  1 
ATOM   1029 C  CG  . LYS A 1 159 ? 5.182   -3.848  16.286  1.00 32.30 ? 146 LYS A CG  1 
ATOM   1030 C  CD  . LYS A 1 159 ? 4.240   -3.662  17.471  1.00 34.72 ? 146 LYS A CD  1 
ATOM   1031 C  CE  . LYS A 1 159 ? 4.828   -2.688  18.484  1.00 36.76 ? 146 LYS A CE  1 
ATOM   1032 N  NZ  . LYS A 1 159 ? 3.860   -2.306  19.553  1.00 38.98 ? 146 LYS A NZ  1 
ATOM   1033 N  N   . ARG A 1 160 ? 7.733   -4.667  14.077  1.00 31.33 ? 147 ARG A N   1 
ATOM   1034 C  CA  . ARG A 1 160 ? 9.093   -5.168  14.237  1.00 33.06 ? 147 ARG A CA  1 
ATOM   1035 C  C   . ARG A 1 160 ? 9.661   -4.458  15.457  1.00 34.91 ? 147 ARG A C   1 
ATOM   1036 O  O   . ARG A 1 160 ? 10.088  -3.306  15.371  1.00 36.51 ? 147 ARG A O   1 
ATOM   1037 C  CB  . ARG A 1 160 ? 9.924   -4.825  13.005  1.00 33.21 ? 147 ARG A CB  1 
ATOM   1038 C  CG  . ARG A 1 160 ? 11.403  -5.139  13.127  1.00 34.08 ? 147 ARG A CG  1 
ATOM   1039 C  CD  . ARG A 1 160 ? 12.126  -4.709  11.861  1.00 34.79 ? 147 ARG A CD  1 
ATOM   1040 N  NE  . ARG A 1 160 ? 11.667  -5.502  10.725  1.00 32.44 ? 147 ARG A NE  1 
ATOM   1041 C  CZ  . ARG A 1 160 ? 11.803  -5.155  9.453   1.00 31.54 ? 147 ARG A CZ  1 
ATOM   1042 N  NH1 . ARG A 1 160 ? 12.388  -4.011  9.128   1.00 30.09 ? 147 ARG A NH1 1 
ATOM   1043 N  NH2 . ARG A 1 160 ? 11.354  -5.966  8.507   1.00 31.94 ? 147 ARG A NH2 1 
ATOM   1044 N  N   . GLY A 1 161 ? 9.672   -5.142  16.594  1.00 36.71 ? 148 GLY A N   1 
ATOM   1045 C  CA  . GLY A 1 161 ? 10.153  -4.513  17.807  1.00 35.52 ? 148 GLY A CA  1 
ATOM   1046 C  C   . GLY A 1 161 ? 9.031   -3.619  18.304  1.00 37.56 ? 148 GLY A C   1 
ATOM   1047 O  O   . GLY A 1 161 ? 7.900   -4.077  18.469  1.00 36.18 ? 148 GLY A O   1 
ATOM   1048 N  N   . ASN A 1 162 ? 9.327   -2.344  18.535  1.00 39.68 ? 149 ASN A N   1 
ATOM   1049 C  CA  . ASN A 1 162 ? 8.312   -1.408  19.002  1.00 41.77 ? 149 ASN A CA  1 
ATOM   1050 C  C   . ASN A 1 162 ? 7.887   -0.426  17.916  1.00 41.96 ? 149 ASN A C   1 
ATOM   1051 O  O   . ASN A 1 162 ? 7.231   0.581   18.195  1.00 43.88 ? 149 ASN A O   1 
ATOM   1052 C  CB  . ASN A 1 162 ? 8.817   -0.643  20.227  1.00 44.54 ? 149 ASN A CB  1 
ATOM   1053 C  CG  . ASN A 1 162 ? 8.480   -1.345  21.530  1.00 47.21 ? 149 ASN A CG  1 
ATOM   1054 O  OD1 . ASN A 1 162 ? 8.637   -2.560  21.653  1.00 48.55 ? 149 ASN A OD1 1 
ATOM   1055 N  ND2 . ASN A 1 162 ? 8.012   -0.579  22.514  1.00 49.16 ? 149 ASN A ND2 1 
ATOM   1056 N  N   . ASP A 1 163 ? 8.257   -0.721  16.674  1.00 41.09 ? 150 ASP A N   1 
ATOM   1057 C  CA  . ASP A 1 163 ? 7.892   0.138   15.550  1.00 39.77 ? 150 ASP A CA  1 
ATOM   1058 C  C   . ASP A 1 163 ? 7.192   -0.661  14.464  1.00 36.85 ? 150 ASP A C   1 
ATOM   1059 O  O   . ASP A 1 163 ? 7.365   -1.871  14.359  1.00 37.94 ? 150 ASP A O   1 
ATOM   1060 C  CB  . ASP A 1 163 ? 9.133   0.812   14.961  1.00 43.47 ? 150 ASP A CB  1 
ATOM   1061 C  CG  . ASP A 1 163 ? 9.774   1.790   15.923  1.00 45.97 ? 150 ASP A CG  1 
ATOM   1062 O  OD1 . ASP A 1 163 ? 9.061   2.688   16.432  1.00 47.41 ? 150 ASP A OD1 1 
ATOM   1063 O  OD2 . ASP A 1 163 ? 10.992  1.664   16.161  1.00 46.91 ? 150 ASP A OD2 1 
ATOM   1064 N  N   . TRP A 1 164 ? 6.401   0.029   13.656  1.00 32.43 ? 151 TRP A N   1 
ATOM   1065 C  CA  . TRP A 1 164 ? 5.684   -0.619  12.581  1.00 27.60 ? 151 TRP A CA  1 
ATOM   1066 C  C   . TRP A 1 164 ? 6.383   -0.406  11.246  1.00 26.03 ? 151 TRP A C   1 
ATOM   1067 O  O   . TRP A 1 164 ? 7.072   0.595   11.041  1.00 26.05 ? 151 TRP A O   1 
ATOM   1068 C  CB  . TRP A 1 164 ? 4.251   -0.095  12.511  1.00 25.93 ? 151 TRP A CB  1 
ATOM   1069 C  CG  . TRP A 1 164 ? 3.438   -0.445  13.720  1.00 23.38 ? 151 TRP A CG  1 
ATOM   1070 C  CD1 . TRP A 1 164 ? 3.474   0.169   14.939  1.00 21.60 ? 151 TRP A CD1 1 
ATOM   1071 C  CD2 . TRP A 1 164 ? 2.501   -1.522  13.837  1.00 21.68 ? 151 TRP A CD2 1 
ATOM   1072 N  NE1 . TRP A 1 164 ? 2.620   -0.460  15.804  1.00 21.64 ? 151 TRP A NE1 1 
ATOM   1073 C  CE2 . TRP A 1 164 ? 2.007   -1.498  15.158  1.00 20.72 ? 151 TRP A CE2 1 
ATOM   1074 C  CE3 . TRP A 1 164 ? 2.034   -2.505  12.953  1.00 19.35 ? 151 TRP A CE3 1 
ATOM   1075 C  CZ2 . TRP A 1 164 ? 1.059   -2.422  15.621  1.00 19.25 ? 151 TRP A CZ2 1 
ATOM   1076 C  CZ3 . TRP A 1 164 ? 1.095   -3.423  13.416  1.00 20.85 ? 151 TRP A CZ3 1 
ATOM   1077 C  CH2 . TRP A 1 164 ? 0.618   -3.372  14.739  1.00 19.52 ? 151 TRP A CH2 1 
ATOM   1078 N  N   . VAL A 1 165 ? 6.202   -1.357  10.341  1.00 23.35 ? 152 VAL A N   1 
ATOM   1079 C  CA  . VAL A 1 165 ? 6.816   -1.286  9.025   1.00 22.70 ? 152 VAL A CA  1 
ATOM   1080 C  C   . VAL A 1 165 ? 5.756   -1.524  7.956   1.00 21.26 ? 152 VAL A C   1 
ATOM   1081 O  O   . VAL A 1 165 ? 4.948   -2.435  8.091   1.00 20.32 ? 152 VAL A O   1 
ATOM   1082 C  CB  . VAL A 1 165 ? 7.914   -2.370  8.876   1.00 21.84 ? 152 VAL A CB  1 
ATOM   1083 C  CG1 . VAL A 1 165 ? 8.530   -2.295  7.488   1.00 25.22 ? 152 VAL A CG1 1 
ATOM   1084 C  CG2 . VAL A 1 165 ? 8.981   -2.193  9.944   1.00 22.27 ? 152 VAL A CG2 1 
ATOM   1085 N  N   . VAL A 1 166 ? 5.745   -0.703  6.909   1.00 18.15 ? 153 VAL A N   1 
ATOM   1086 C  CA  . VAL A 1 166 ? 4.787   -0.918  5.834   1.00 19.29 ? 153 VAL A CA  1 
ATOM   1087 C  C   . VAL A 1 166 ? 5.539   -1.618  4.714   1.00 19.68 ? 153 VAL A C   1 
ATOM   1088 O  O   . VAL A 1 166 ? 6.676   -1.264  4.406   1.00 19.53 ? 153 VAL A O   1 
ATOM   1089 C  CB  . VAL A 1 166 ? 4.151   0.405   5.301   1.00 18.56 ? 153 VAL A CB  1 
ATOM   1090 C  CG1 . VAL A 1 166 ? 5.223   1.352   4.793   1.00 16.09 ? 153 VAL A CG1 1 
ATOM   1091 C  CG2 . VAL A 1 166 ? 3.152   0.080   4.194   1.00 16.16 ? 153 VAL A CG2 1 
ATOM   1092 N  N   . CYS A 1 167 ? 4.919   -2.619  4.105   1.00 19.43 ? 154 CYS A N   1 
ATOM   1093 C  CA  . CYS A 1 167 ? 5.610   -3.355  3.059   1.00 22.64 ? 154 CYS A CA  1 
ATOM   1094 C  C   . CYS A 1 167 ? 4.821   -3.555  1.769   1.00 21.15 ? 154 CYS A C   1 
ATOM   1095 O  O   . CYS A 1 167 ? 5.290   -4.240  0.857   1.00 20.99 ? 154 CYS A O   1 
ATOM   1096 C  CB  . CYS A 1 167 ? 6.063   -4.708  3.616   1.00 22.51 ? 154 CYS A CB  1 
ATOM   1097 S  SG  . CYS A 1 167 ? 4.728   -5.694  4.304   1.00 27.65 ? 154 CYS A SG  1 
ATOM   1098 N  N   . GLY A 1 168 ? 3.639   -2.945  1.688   1.00 20.91 ? 155 GLY A N   1 
ATOM   1099 C  CA  . GLY A 1 168 ? 2.820   -3.067  0.493   1.00 20.53 ? 155 GLY A CA  1 
ATOM   1100 C  C   . GLY A 1 168 ? 1.504   -2.303  0.556   1.00 20.75 ? 155 GLY A C   1 
ATOM   1101 O  O   . GLY A 1 168 ? 1.171   -1.693  1.578   1.00 17.99 ? 155 GLY A O   1 
ATOM   1102 N  N   . VAL A 1 169 ? 0.765   -2.316  -0.553  1.00 20.73 ? 156 VAL A N   1 
ATOM   1103 C  CA  . VAL A 1 169 ? -0.539  -1.658  -0.635  1.00 20.46 ? 156 VAL A CA  1 
ATOM   1104 C  C   . VAL A 1 169 ? -1.517  -2.590  -1.346  1.00 20.11 ? 156 VAL A C   1 
ATOM   1105 O  O   . VAL A 1 169 ? -1.185  -3.188  -2.373  1.00 20.32 ? 156 VAL A O   1 
ATOM   1106 C  CB  . VAL A 1 169 ? -0.461  -0.299  -1.386  1.00 20.61 ? 156 VAL A CB  1 
ATOM   1107 C  CG1 . VAL A 1 169 ? 0.392   0.678   -0.593  1.00 19.99 ? 156 VAL A CG1 1 
ATOM   1108 C  CG2 . VAL A 1 169 ? 0.107   -0.490  -2.795  1.00 20.22 ? 156 VAL A CG2 1 
ATOM   1109 N  N   . HIS A 1 170 ? -2.721  -2.709  -0.790  1.00 19.32 ? 157 HIS A N   1 
ATOM   1110 C  CA  . HIS A 1 170 ? -3.744  -3.598  -1.332  1.00 17.43 ? 157 HIS A CA  1 
ATOM   1111 C  C   . HIS A 1 170 ? -4.020  -3.375  -2.813  1.00 18.33 ? 157 HIS A C   1 
ATOM   1112 O  O   . HIS A 1 170 ? -4.391  -2.278  -3.231  1.00 17.32 ? 157 HIS A O   1 
ATOM   1113 C  CB  . HIS A 1 170 ? -5.044  -3.464  -0.534  1.00 16.69 ? 157 HIS A CB  1 
ATOM   1114 C  CG  . HIS A 1 170 ? -6.029  -4.554  -0.814  1.00 18.51 ? 157 HIS A CG  1 
ATOM   1115 N  ND1 . HIS A 1 170 ? -5.756  -5.884  -0.572  1.00 17.67 ? 157 HIS A ND1 1 
ATOM   1116 C  CD2 . HIS A 1 170 ? -7.273  -4.516  -1.346  1.00 19.09 ? 157 HIS A CD2 1 
ATOM   1117 C  CE1 . HIS A 1 170 ? -6.788  -6.617  -0.944  1.00 20.01 ? 157 HIS A CE1 1 
ATOM   1118 N  NE2 . HIS A 1 170 ? -7.723  -5.811  -1.419  1.00 21.28 ? 157 HIS A NE2 1 
ATOM   1119 N  N   . ALA A 1 171 ? -3.851  -4.438  -3.592  1.00 17.58 ? 158 ALA A N   1 
ATOM   1120 C  CA  . ALA A 1 171 ? -4.042  -4.383  -5.031  1.00 19.20 ? 158 ALA A CA  1 
ATOM   1121 C  C   . ALA A 1 171 ? -5.030  -5.403  -5.575  1.00 18.76 ? 158 ALA A C   1 
ATOM   1122 O  O   . ALA A 1 171 ? -5.508  -5.240  -6.690  1.00 20.49 ? 158 ALA A O   1 
ATOM   1123 C  CB  . ALA A 1 171 ? -2.691  -4.562  -5.735  1.00 17.42 ? 158 ALA A CB  1 
ATOM   1124 N  N   . ALA A 1 172 ? -5.339  -6.451  -4.815  1.00 18.12 ? 159 ALA A N   1 
ATOM   1125 C  CA  . ALA A 1 172 ? -6.271  -7.460  -5.322  1.00 18.59 ? 159 ALA A CA  1 
ATOM   1126 C  C   . ALA A 1 172 ? -6.731  -8.486  -4.288  1.00 19.76 ? 159 ALA A C   1 
ATOM   1127 O  O   . ALA A 1 172 ? -6.110  -8.651  -3.244  1.00 21.78 ? 159 ALA A O   1 
ATOM   1128 C  CB  . ALA A 1 172 ? -5.639  -8.184  -6.507  1.00 15.72 ? 159 ALA A CB  1 
ATOM   1129 N  N   . ALA A 1 173 ? -7.823  -9.181  -4.602  1.00 19.73 ? 160 ALA A N   1 
ATOM   1130 C  CA  . ALA A 1 173 ? -8.365  -10.214 -3.725  1.00 20.56 ? 160 ALA A CA  1 
ATOM   1131 C  C   . ALA A 1 173 ? -9.122  -11.235 -4.572  1.00 21.62 ? 160 ALA A C   1 
ATOM   1132 O  O   . ALA A 1 173 ? -9.670  -10.890 -5.618  1.00 22.13 ? 160 ALA A O   1 
ATOM   1133 C  CB  . ALA A 1 173 ? -9.299  -9.596  -2.691  1.00 19.16 ? 160 ALA A CB  1 
ATOM   1134 N  N   . THR A 1 174 ? -9.151  -12.491 -4.138  1.00 22.16 ? 161 THR A N   1 
ATOM   1135 C  CA  . THR A 1 174 ? -9.874  -13.496 -4.905  1.00 24.04 ? 161 THR A CA  1 
ATOM   1136 C  C   . THR A 1 174 ? -11.371 -13.292 -4.706  1.00 25.59 ? 161 THR A C   1 
ATOM   1137 O  O   . THR A 1 174 ? -11.794 -12.634 -3.754  1.00 24.07 ? 161 THR A O   1 
ATOM   1138 C  CB  . THR A 1 174 ? -9.477  -14.935 -4.490  1.00 22.66 ? 161 THR A CB  1 
ATOM   1139 O  OG1 . THR A 1 174 ? -9.572  -15.074 -3.067  1.00 24.98 ? 161 THR A OG1 1 
ATOM   1140 C  CG2 . THR A 1 174 ? -8.050  -15.242 -4.945  1.00 21.00 ? 161 THR A CG2 1 
ATOM   1141 N  N   . LYS A 1 175 ? -12.167 -13.839 -5.621  1.00 28.73 ? 162 LYS A N   1 
ATOM   1142 C  CA  . LYS A 1 175 ? -13.620 -13.709 -5.545  1.00 33.12 ? 162 LYS A CA  1 
ATOM   1143 C  C   . LYS A 1 175 ? -14.114 -14.390 -4.274  1.00 33.41 ? 162 LYS A C   1 
ATOM   1144 O  O   . LYS A 1 175 ? -14.941 -13.845 -3.547  1.00 33.34 ? 162 LYS A O   1 
ATOM   1145 C  CB  . LYS A 1 175 ? -14.265 -14.347 -6.776  1.00 36.88 ? 162 LYS A CB  1 
ATOM   1146 C  CG  . LYS A 1 175 ? -15.413 -13.545 -7.394  1.00 41.91 ? 162 LYS A CG  1 
ATOM   1147 C  CD  . LYS A 1 175 ? -16.566 -13.319 -6.416  1.00 46.47 ? 162 LYS A CD  1 
ATOM   1148 C  CE  . LYS A 1 175 ? -16.406 -12.014 -5.639  1.00 48.03 ? 162 LYS A CE  1 
ATOM   1149 N  NZ  . LYS A 1 175 ? -17.345 -11.913 -4.486  1.00 48.03 ? 162 LYS A NZ  1 
ATOM   1150 N  N   . SER A 1 176 ? -13.604 -15.589 -4.015  1.00 34.80 ? 163 SER A N   1 
ATOM   1151 C  CA  . SER A 1 176 ? -13.970 -16.329 -2.815  1.00 37.71 ? 163 SER A CA  1 
ATOM   1152 C  C   . SER A 1 176 ? -12.684 -16.794 -2.146  1.00 37.74 ? 163 SER A C   1 
ATOM   1153 O  O   . SER A 1 176 ? -11.589 -16.527 -2.639  1.00 37.53 ? 163 SER A O   1 
ATOM   1154 C  CB  . SER A 1 176 ? -14.847 -17.540 -3.164  1.00 40.58 ? 163 SER A CB  1 
ATOM   1155 O  OG  . SER A 1 176 ? -14.125 -18.506 -3.920  1.00 46.14 ? 163 SER A OG  1 
ATOM   1156 N  N   . GLY A 1 177 ? -12.816 -17.497 -1.029  1.00 38.37 ? 164 GLY A N   1 
ATOM   1157 C  CA  . GLY A 1 177 ? -11.638 -17.966 -0.326  1.00 39.28 ? 164 GLY A CA  1 
ATOM   1158 C  C   . GLY A 1 177 ? -11.100 -16.903 0.610   1.00 39.88 ? 164 GLY A C   1 
ATOM   1159 O  O   . GLY A 1 177 ? -11.851 -16.073 1.127   1.00 41.86 ? 164 GLY A O   1 
ATOM   1160 N  N   . ASN A 1 178 ? -9.794  -16.918 0.827   1.00 36.72 ? 165 ASN A N   1 
ATOM   1161 C  CA  . ASN A 1 178 ? -9.181  -15.949 1.718   1.00 35.23 ? 165 ASN A CA  1 
ATOM   1162 C  C   . ASN A 1 178 ? -7.833  -15.455 1.190   1.00 31.53 ? 165 ASN A C   1 
ATOM   1163 O  O   . ASN A 1 178 ? -6.891  -15.275 1.960   1.00 32.45 ? 165 ASN A O   1 
ATOM   1164 C  CB  . ASN A 1 178 ? -9.007  -16.572 3.112   1.00 38.44 ? 165 ASN A CB  1 
ATOM   1165 C  CG  . ASN A 1 178 ? -8.459  -17.999 3.055   1.00 41.83 ? 165 ASN A CG  1 
ATOM   1166 O  OD1 . ASN A 1 178 ? -7.802  -18.387 2.084   1.00 41.23 ? 165 ASN A OD1 1 
ATOM   1167 N  ND2 . ASN A 1 178 ? -8.714  -18.778 4.104   1.00 43.18 ? 165 ASN A ND2 1 
ATOM   1168 N  N   . THR A 1 179 ? -7.748  -15.229 -0.118  1.00 27.58 ? 166 THR A N   1 
ATOM   1169 C  CA  . THR A 1 179 ? -6.509  -14.765 -0.721  1.00 24.16 ? 166 THR A CA  1 
ATOM   1170 C  C   . THR A 1 179 ? -6.517  -13.297 -1.118  1.00 23.10 ? 166 THR A C   1 
ATOM   1171 O  O   . THR A 1 179 ? -7.445  -12.822 -1.775  1.00 23.20 ? 166 THR A O   1 
ATOM   1172 C  CB  . THR A 1 179 ? -6.146  -15.567 -1.992  1.00 23.90 ? 166 THR A CB  1 
ATOM   1173 O  OG1 . THR A 1 179 ? -6.008  -16.951 -1.669  1.00 20.37 ? 166 THR A OG1 1 
ATOM   1174 C  CG2 . THR A 1 179 ? -4.834  -15.057 -2.584  1.00 20.20 ? 166 THR A CG2 1 
ATOM   1175 N  N   . VAL A 1 180 ? -5.470  -12.585 -0.715  1.00 21.63 ? 167 VAL A N   1 
ATOM   1176 C  CA  . VAL A 1 180 ? -5.325  -11.176 -1.046  1.00 19.12 ? 167 VAL A CA  1 
ATOM   1177 C  C   . VAL A 1 180 ? -3.913  -10.947 -1.583  1.00 19.23 ? 167 VAL A C   1 
ATOM   1178 O  O   . VAL A 1 180 ? -3.035  -11.806 -1.446  1.00 18.63 ? 167 VAL A O   1 
ATOM   1179 C  CB  . VAL A 1 180 ? -5.562  -10.269 0.192   1.00 20.66 ? 167 VAL A CB  1 
ATOM   1180 C  CG1 . VAL A 1 180 ? -6.993  -10.451 0.703   1.00 20.38 ? 167 VAL A CG1 1 
ATOM   1181 C  CG2 . VAL A 1 180 ? -4.561  -10.592 1.299   1.00 17.01 ? 167 VAL A CG2 1 
ATOM   1182 N  N   . VAL A 1 181 ? -3.700  -9.797  -2.213  1.00 16.97 ? 168 VAL A N   1 
ATOM   1183 C  CA  . VAL A 1 181 ? -2.390  -9.447  -2.765  1.00 16.35 ? 168 VAL A CA  1 
ATOM   1184 C  C   . VAL A 1 181 ? -2.083  -7.971  -2.512  1.00 16.28 ? 168 VAL A C   1 
ATOM   1185 O  O   . VAL A 1 181 ? -2.949  -7.112  -2.684  1.00 14.05 ? 168 VAL A O   1 
ATOM   1186 C  CB  . VAL A 1 181 ? -2.330  -9.657  -4.314  1.00 17.15 ? 168 VAL A CB  1 
ATOM   1187 C  CG1 . VAL A 1 181 ? -1.022  -9.095  -4.859  1.00 13.84 ? 168 VAL A CG1 1 
ATOM   1188 C  CG2 . VAL A 1 181 ? -2.459  -11.130 -4.664  1.00 13.57 ? 168 VAL A CG2 1 
ATOM   1189 N  N   . CYS A 1 182 ? -0.855  -7.677  -2.103  1.00 16.14 ? 169 CYS A N   1 
ATOM   1190 C  CA  . CYS A 1 182 ? -0.450  -6.294  -1.909  1.00 19.19 ? 169 CYS A CA  1 
ATOM   1191 C  C   . CYS A 1 182 ? 0.687   -6.052  -2.900  1.00 20.40 ? 169 CYS A C   1 
ATOM   1192 O  O   . CYS A 1 182 ? 1.613   -6.857  -3.000  1.00 20.82 ? 169 CYS A O   1 
ATOM   1193 C  CB  . CYS A 1 182 ? 0.037   -6.045  -0.475  1.00 19.22 ? 169 CYS A CB  1 
ATOM   1194 S  SG  . CYS A 1 182 ? 1.555   -6.913  -0.013  1.00 23.51 ? 169 CYS A SG  1 
ATOM   1195 N  N   . ALA A 1 183 ? 0.590   -4.970  -3.662  1.00 20.25 ? 170 ALA A N   1 
ATOM   1196 C  CA  . ALA A 1 183 ? 1.627   -4.635  -4.616  1.00 20.11 ? 170 ALA A CA  1 
ATOM   1197 C  C   . ALA A 1 183 ? 2.831   -4.200  -3.783  1.00 20.56 ? 170 ALA A C   1 
ATOM   1198 O  O   . ALA A 1 183 ? 2.656   -3.641  -2.696  1.00 18.57 ? 170 ALA A O   1 
ATOM   1199 C  CB  . ALA A 1 183 ? 1.159   -3.491  -5.522  1.00 19.18 ? 170 ALA A CB  1 
ATOM   1200 N  N   . VAL A 1 184 ? 4.044   -4.468  -4.264  1.00 19.79 ? 171 VAL A N   1 
ATOM   1201 C  CA  . VAL A 1 184 ? 5.253   -4.070  -3.532  1.00 20.70 ? 171 VAL A CA  1 
ATOM   1202 C  C   . VAL A 1 184 ? 6.148   -3.239  -4.441  1.00 21.72 ? 171 VAL A C   1 
ATOM   1203 O  O   . VAL A 1 184 ? 6.020   -3.299  -5.659  1.00 21.72 ? 171 VAL A O   1 
ATOM   1204 C  CB  . VAL A 1 184 ? 6.057   -5.299  -3.029  1.00 20.85 ? 171 VAL A CB  1 
ATOM   1205 C  CG1 . VAL A 1 184 ? 5.279   -6.029  -1.935  1.00 17.52 ? 171 VAL A CG1 1 
ATOM   1206 C  CG2 . VAL A 1 184 ? 6.359   -6.233  -4.185  1.00 18.09 ? 171 VAL A CG2 1 
ATOM   1207 N  N   . GLN A 1 185 ? 7.054   -2.464  -3.859  1.00 23.84 ? 172 GLN A N   1 
ATOM   1208 C  CA  . GLN A 1 185 ? 7.937   -1.632  -4.668  1.00 28.19 ? 172 GLN A CA  1 
ATOM   1209 C  C   . GLN A 1 185 ? 8.910   -2.480  -5.483  1.00 29.21 ? 172 GLN A C   1 
ATOM   1210 O  O   . GLN A 1 185 ? 9.241   -3.600  -5.098  1.00 29.17 ? 172 GLN A O   1 
ATOM   1211 C  CB  . GLN A 1 185 ? 8.704   -0.655  -3.775  1.00 29.11 ? 172 GLN A CB  1 
ATOM   1212 C  CG  . GLN A 1 185 ? 9.631   -1.327  -2.790  1.00 33.51 ? 172 GLN A CG  1 
ATOM   1213 C  CD  . GLN A 1 185 ? 10.131  -0.365  -1.732  1.00 35.01 ? 172 GLN A CD  1 
ATOM   1214 O  OE1 . GLN A 1 185 ? 10.529  0.765   -2.032  1.00 36.20 ? 172 GLN A OE1 1 
ATOM   1215 N  NE2 . GLN A 1 185 ? 10.133  -0.815  -0.488  1.00 36.92 ? 172 GLN A NE2 1 
ATOM   1216 N  N   . ALA A 1 186 ? 9.358   -1.948  -6.617  1.00 30.66 ? 173 ALA A N   1 
ATOM   1217 C  CA  . ALA A 1 186 ? 10.288  -2.671  -7.476  1.00 31.13 ? 173 ALA A CA  1 
ATOM   1218 C  C   . ALA A 1 186 ? 11.557  -3.009  -6.705  1.00 31.03 ? 173 ALA A C   1 
ATOM   1219 O  O   . ALA A 1 186 ? 11.943  -2.292  -5.785  1.00 31.12 ? 173 ALA A O   1 
ATOM   1220 C  CB  . ALA A 1 186 ? 10.627  -1.837  -8.705  1.00 32.53 ? 173 ALA A CB  1 
ATOM   1221 N  N   . GLY A 1 187 ? 12.199  -4.107  -7.093  1.00 32.26 ? 174 GLY A N   1 
ATOM   1222 C  CA  . GLY A 1 187 ? 13.422  -4.541  -6.440  1.00 33.07 ? 174 GLY A CA  1 
ATOM   1223 C  C   . GLY A 1 187 ? 13.679  -6.007  -6.724  1.00 34.99 ? 174 GLY A C   1 
ATOM   1224 O  O   . GLY A 1 187 ? 12.776  -6.834  -6.603  1.00 35.50 ? 174 GLY A O   1 
ATOM   1225 N  N   . GLU A 1 188 ? 14.905  -6.337  -7.118  1.00 36.12 ? 175 GLU A N   1 
ATOM   1226 C  CA  . GLU A 1 188 ? 15.252  -7.724  -7.411  1.00 36.86 ? 175 GLU A CA  1 
ATOM   1227 C  C   . GLU A 1 188 ? 15.908  -8.350  -6.189  1.00 35.91 ? 175 GLU A C   1 
ATOM   1228 O  O   . GLU A 1 188 ? 16.793  -7.755  -5.570  1.00 35.82 ? 175 GLU A O   1 
ATOM   1229 C  CB  . GLU A 1 188 ? 16.210  -7.798  -8.601  1.00 39.27 ? 175 GLU A CB  1 
ATOM   1230 C  CG  . GLU A 1 188 ? 15.755  -6.985  -9.807  1.00 44.95 ? 175 GLU A CG  1 
ATOM   1231 C  CD  . GLU A 1 188 ? 16.754  -7.014  -10.951 1.00 49.09 ? 175 GLU A CD  1 
ATOM   1232 O  OE1 . GLU A 1 188 ? 17.951  -6.722  -10.712 1.00 49.67 ? 175 GLU A OE1 1 
ATOM   1233 O  OE2 . GLU A 1 188 ? 16.339  -7.312  -12.096 1.00 50.12 ? 175 GLU A OE2 1 
ATOM   1234 N  N   . GLY A 1 189 ? 15.469  -9.554  -5.844  1.00 33.83 ? 176 GLY A N   1 
ATOM   1235 C  CA  . GLY A 1 189 ? 16.024  -10.240 -4.694  1.00 33.30 ? 176 GLY A CA  1 
ATOM   1236 C  C   . GLY A 1 189 ? 15.983  -11.741 -4.886  1.00 32.35 ? 176 GLY A C   1 
ATOM   1237 O  O   . GLY A 1 189 ? 15.258  -12.244 -5.738  1.00 32.44 ? 176 GLY A O   1 
ATOM   1238 N  N   . GLU A 1 190 ? 16.749  -12.463 -4.081  1.00 32.02 ? 177 GLU A N   1 
ATOM   1239 C  CA  . GLU A 1 190 ? 16.783  -13.905 -4.197  1.00 31.92 ? 177 GLU A CA  1 
ATOM   1240 C  C   . GLU A 1 190 ? 15.642  -14.633 -3.501  1.00 30.17 ? 177 GLU A C   1 
ATOM   1241 O  O   . GLU A 1 190 ? 15.438  -15.819 -3.736  1.00 30.65 ? 177 GLU A O   1 
ATOM   1242 C  CB  . GLU A 1 190 ? 18.127  -14.432 -3.690  1.00 34.35 ? 177 GLU A CB  1 
ATOM   1243 C  CG  . GLU A 1 190 ? 19.296  -14.035 -4.567  1.00 38.51 ? 177 GLU A CG  1 
ATOM   1244 C  CD  . GLU A 1 190 ? 20.569  -14.750 -4.194  1.00 41.30 ? 177 GLU A CD  1 
ATOM   1245 O  OE1 . GLU A 1 190 ? 20.587  -15.999 -4.255  1.00 43.94 ? 177 GLU A OE1 1 
ATOM   1246 O  OE2 . GLU A 1 190 ? 21.555  -14.068 -3.840  1.00 43.06 ? 177 GLU A OE2 1 
ATOM   1247 N  N   . THR A 1 191 ? 14.895  -13.935 -2.651  1.00 28.63 ? 178 THR A N   1 
ATOM   1248 C  CA  . THR A 1 191 ? 13.788  -14.573 -1.934  1.00 27.90 ? 178 THR A CA  1 
ATOM   1249 C  C   . THR A 1 191 ? 12.471  -14.505 -2.697  1.00 26.50 ? 178 THR A C   1 
ATOM   1250 O  O   . THR A 1 191 ? 11.487  -15.134 -2.305  1.00 25.73 ? 178 THR A O   1 
ATOM   1251 C  CB  . THR A 1 191 ? 13.554  -13.933 -0.552  1.00 27.84 ? 178 THR A CB  1 
ATOM   1252 O  OG1 . THR A 1 191 ? 13.090  -12.590 -0.724  1.00 28.16 ? 178 THR A OG1 1 
ATOM   1253 C  CG2 . THR A 1 191 ? 14.840  -13.925 0.253   1.00 29.10 ? 178 THR A CG2 1 
ATOM   1254 N  N   . ALA A 1 192 ? 12.456  -13.739 -3.784  1.00 25.08 ? 179 ALA A N   1 
ATOM   1255 C  CA  . ALA A 1 192 ? 11.258  -13.579 -4.592  1.00 24.99 ? 179 ALA A CA  1 
ATOM   1256 C  C   . ALA A 1 192 ? 11.341  -14.376 -5.881  1.00 25.85 ? 179 ALA A C   1 
ATOM   1257 O  O   . ALA A 1 192 ? 12.425  -14.595 -6.421  1.00 26.02 ? 179 ALA A O   1 
ATOM   1258 C  CB  . ALA A 1 192 ? 11.042  -12.103 -4.917  1.00 22.27 ? 179 ALA A CB  1 
ATOM   1259 N  N   . LEU A 1 193 ? 10.185  -14.810 -6.370  1.00 25.84 ? 180 LEU A N   1 
ATOM   1260 C  CA  . LEU A 1 193 ? 10.112  -15.565 -7.612  1.00 26.50 ? 180 LEU A CA  1 
ATOM   1261 C  C   . LEU A 1 193 ? 10.354  -14.588 -8.756  1.00 28.29 ? 180 LEU A C   1 
ATOM   1262 O  O   . LEU A 1 193 ? 9.506   -13.745 -9.047  1.00 26.66 ? 180 LEU A O   1 
ATOM   1263 C  CB  . LEU A 1 193 ? 8.734   -16.221 -7.733  1.00 23.87 ? 180 LEU A CB  1 
ATOM   1264 C  CG  . LEU A 1 193 ? 8.459   -17.344 -6.723  1.00 23.65 ? 180 LEU A CG  1 
ATOM   1265 C  CD1 . LEU A 1 193 ? 6.958   -17.611 -6.610  1.00 22.33 ? 180 LEU A CD1 1 
ATOM   1266 C  CD2 . LEU A 1 193 ? 9.197   -18.606 -7.158  1.00 20.27 ? 180 LEU A CD2 1 
ATOM   1267 N  N   . GLU A 1 194 ? 11.520  -14.694 -9.390  1.00 31.38 ? 181 GLU A N   1 
ATOM   1268 C  CA  . GLU A 1 194 ? 11.884  -13.800 -10.492 1.00 34.76 ? 181 GLU A CA  1 
ATOM   1269 C  C   . GLU A 1 194 ? 11.551  -14.422 -11.849 1.00 35.54 ? 181 GLU A C   1 
ATOM   1270 O  O   . GLU A 1 194 ? 10.896  -13.739 -12.660 1.00 38.66 ? 181 GLU A O   1 
ATOM   1271 C  CB  . GLU A 1 194 ? 13.383  -13.469 -10.438 1.00 36.23 ? 181 GLU A CB  1 
ATOM   1272 C  CG  . GLU A 1 194 ? 13.893  -12.903 -9.102  1.00 41.05 ? 181 GLU A CG  1 
ATOM   1273 C  CD  . GLU A 1 194 ? 13.364  -11.511 -8.782  1.00 43.71 ? 181 GLU A CD  1 
ATOM   1274 O  OE1 . GLU A 1 194 ? 13.759  -10.945 -7.736  1.00 42.04 ? 181 GLU A OE1 1 
ATOM   1275 O  OE2 . GLU A 1 194 ? 12.552  -10.975 -9.572  1.00 45.79 ? 181 GLU A OE2 1 
ATOM   1276 O  OXT . GLU A 1 194 ? 11.953  -15.575 -12.097 1.00 35.49 ? 181 GLU A OXT 1 
HETATM 1277 CL CL  . CL  B 2 .   ? -7.265  8.512   11.205  1.00 32.53 ? 301 CL  A CL  1 
HETATM 1278 MG MG  . MG  C 3 .   ? -0.621  -16.818 0.865   1.00 39.78 ? 302 MG  A MG  1 
HETATM 1279 O  O   . HOH D 4 .   ? 2.781   6.410   13.051  1.00 10.59 ? 303 HOH A O   1 
HETATM 1280 O  O   . HOH D 4 .   ? 18.656  -10.830 -2.374  1.00 20.14 ? 304 HOH A O   1 
HETATM 1281 O  O   . HOH D 4 .   ? -8.775  1.400   3.063   1.00 19.17 ? 305 HOH A O   1 
HETATM 1282 O  O   . HOH D 4 .   ? -12.401 1.166   1.698   1.00 15.33 ? 306 HOH A O   1 
HETATM 1283 O  O   . HOH D 4 .   ? -13.885 1.805   13.364  1.00 21.83 ? 307 HOH A O   1 
HETATM 1284 O  O   . HOH D 4 .   ? -8.104  12.135  -4.469  1.00 28.69 ? 308 HOH A O   1 
HETATM 1285 O  O   . HOH D 4 .   ? 6.909   -2.279  -1.001  1.00 24.14 ? 309 HOH A O   1 
HETATM 1286 O  O   . HOH D 4 .   ? -13.718 7.433   5.891   1.00 28.01 ? 310 HOH A O   1 
HETATM 1287 O  O   . HOH D 4 .   ? -0.804  7.229   18.096  1.00 26.94 ? 311 HOH A O   1 
HETATM 1288 O  O   . HOH D 4 .   ? 9.283   1.796   10.759  1.00 29.05 ? 312 HOH A O   1 
HETATM 1289 O  O   . HOH D 4 .   ? 10.551  -8.599  8.601   1.00 25.62 ? 313 HOH A O   1 
HETATM 1290 O  O   . HOH D 4 .   ? -10.716 -14.826 -7.845  1.00 24.19 ? 314 HOH A O   1 
HETATM 1291 O  O   . HOH D 4 .   ? 7.124   -14.088 -10.177 1.00 23.69 ? 315 HOH A O   1 
HETATM 1292 O  O   . HOH D 4 .   ? -8.273  -17.952 -1.725  1.00 24.05 ? 316 HOH A O   1 
HETATM 1293 O  O   . HOH D 4 .   ? -5.835  -0.808  15.478  1.00 30.24 ? 317 HOH A O   1 
HETATM 1294 O  O   . HOH D 4 .   ? 10.711  10.189  3.124   1.00 27.08 ? 318 HOH A O   1 
HETATM 1295 O  O   . HOH D 4 .   ? -9.204  9.345   7.215   1.00 23.78 ? 319 HOH A O   1 
HETATM 1296 O  O   . HOH D 4 .   ? -9.035  9.886   4.594   1.00 25.74 ? 320 HOH A O   1 
HETATM 1297 O  O   . HOH D 4 .   ? 5.064   19.098  -4.178  1.00 33.86 ? 321 HOH A O   1 
HETATM 1298 O  O   . HOH D 4 .   ? -16.235 -1.189  -2.999  1.00 28.31 ? 322 HOH A O   1 
HETATM 1299 O  O   . HOH D 4 .   ? -11.091 -10.413 0.781   1.00 31.01 ? 323 HOH A O   1 
HETATM 1300 O  O   . HOH D 4 .   ? 8.882   -14.588 -1.614  1.00 25.24 ? 324 HOH A O   1 
HETATM 1301 O  O   . HOH D 4 .   ? -12.778 3.563   -1.680  1.00 26.23 ? 325 HOH A O   1 
HETATM 1302 O  O   . HOH D 4 .   ? 6.836   2.950   13.802  1.00 32.48 ? 326 HOH A O   1 
HETATM 1303 O  O   . HOH D 4 .   ? 10.959  7.125   5.744   1.00 31.02 ? 327 HOH A O   1 
HETATM 1304 O  O   . HOH D 4 .   ? 6.398   -2.785  -8.345  1.00 30.45 ? 328 HOH A O   1 
HETATM 1305 O  O   . HOH D 4 .   ? -18.491 2.687   3.903   1.00 22.80 ? 329 HOH A O   1 
HETATM 1306 O  O   . HOH D 4 .   ? 8.849   -6.077  5.695   1.00 27.55 ? 330 HOH A O   1 
HETATM 1307 O  O   . HOH D 4 .   ? 7.771   6.055   12.860  1.00 33.96 ? 331 HOH A O   1 
HETATM 1308 O  O   . HOH D 4 .   ? -12.355 -13.449 -0.895  1.00 45.11 ? 332 HOH A O   1 
HETATM 1309 O  O   . HOH D 4 .   ? -11.544 6.513   9.670   1.00 28.55 ? 333 HOH A O   1 
HETATM 1310 O  O   . HOH D 4 .   ? -0.547  21.745  -1.349  1.00 34.32 ? 334 HOH A O   1 
HETATM 1311 O  O   . HOH D 4 .   ? 9.701   3.871   -9.587  1.00 50.91 ? 335 HOH A O   1 
HETATM 1312 O  O   . HOH D 4 .   ? 0.128   17.818  8.958   1.00 30.97 ? 336 HOH A O   1 
HETATM 1313 O  O   . HOH D 4 .   ? 10.976  16.040  -1.157  1.00 38.30 ? 337 HOH A O   1 
HETATM 1314 O  O   . HOH D 4 .   ? -6.873  19.041  -11.604 1.00 30.08 ? 338 HOH A O   1 
HETATM 1315 O  O   . HOH D 4 .   ? 4.452   9.754   13.476  1.00 33.13 ? 339 HOH A O   1 
HETATM 1316 O  O   . HOH D 4 .   ? -8.441  9.309   -14.416 1.00 31.61 ? 340 HOH A O   1 
HETATM 1317 O  O   . HOH D 4 .   ? -16.337 -9.415  6.366   1.00 53.16 ? 341 HOH A O   1 
HETATM 1318 O  O   . HOH D 4 .   ? -4.930  -6.039  -11.996 1.00 26.77 ? 342 HOH A O   1 
HETATM 1319 O  O   . HOH D 4 .   ? 2.105   -15.153 -4.652  1.00 48.15 ? 343 HOH A O   1 
HETATM 1320 O  O   . HOH D 4 .   ? -6.754  -5.098  -13.739 1.00 30.07 ? 344 HOH A O   1 
HETATM 1321 O  O   . HOH D 4 .   ? 6.106   7.748   -13.567 1.00 29.58 ? 345 HOH A O   1 
HETATM 1322 O  O   . HOH D 4 .   ? 2.998   -3.993  -8.511  1.00 37.92 ? 346 HOH A O   1 
HETATM 1323 O  O   . HOH D 4 .   ? -8.039  12.563  1.438   1.00 29.31 ? 347 HOH A O   1 
HETATM 1324 O  O   . HOH D 4 .   ? -5.907  10.588  7.099   1.00 47.73 ? 348 HOH A O   1 
HETATM 1325 O  O   . HOH D 4 .   ? 11.445  3.588   4.126   1.00 30.55 ? 349 HOH A O   1 
HETATM 1326 O  O   . HOH D 4 .   ? 13.134  -2.000  10.394  1.00 37.30 ? 350 HOH A O   1 
HETATM 1327 O  O   . HOH D 4 .   ? 8.837   -8.289  16.159  1.00 34.51 ? 351 HOH A O   1 
HETATM 1328 O  O   . HOH D 4 .   ? -17.980 -1.866  5.224   1.00 38.97 ? 352 HOH A O   1 
HETATM 1329 O  O   . HOH D 4 .   ? 8.617   21.037  9.015   1.00 31.54 ? 353 HOH A O   1 
HETATM 1330 O  O   . HOH D 4 .   ? -15.232 2.142   1.403   1.00 28.99 ? 354 HOH A O   1 
HETATM 1331 O  O   . HOH D 4 .   ? -11.251 10.360  -3.393  1.00 44.34 ? 355 HOH A O   1 
HETATM 1332 O  O   . HOH D 4 .   ? -2.283  -8.900  12.134  1.00 34.91 ? 356 HOH A O   1 
HETATM 1333 O  O   . HOH D 4 .   ? -4.685  -2.826  14.340  1.00 41.54 ? 357 HOH A O   1 
HETATM 1334 O  O   . HOH D 4 .   ? -16.165 -5.814  5.039   1.00 40.83 ? 358 HOH A O   1 
HETATM 1335 O  O   . HOH D 4 .   ? -11.109 -6.403  11.730  1.00 36.09 ? 359 HOH A O   1 
HETATM 1336 O  O   . HOH D 4 .   ? 9.076   -10.913 -8.387  1.00 37.03 ? 360 HOH A O   1 
HETATM 1337 O  O   . HOH D 4 .   ? 6.942   -8.490  11.981  1.00 39.65 ? 361 HOH A O   1 
HETATM 1338 O  O   . HOH D 4 .   ? 12.276  -11.223 1.436   1.00 45.25 ? 362 HOH A O   1 
HETATM 1339 O  O   . HOH D 4 .   ? -19.145 -9.748  4.579   1.00 56.15 ? 363 HOH A O   1 
HETATM 1340 O  O   . HOH D 4 .   ? 10.482  -13.955 -15.485 1.00 28.69 ? 364 HOH A O   1 
HETATM 1341 O  O   . HOH D 4 .   ? -13.703 -10.732 -0.157  1.00 37.22 ? 365 HOH A O   1 
HETATM 1342 O  O   . HOH D 4 .   ? 20.140  -9.491  -4.323  1.00 32.87 ? 366 HOH A O   1 
HETATM 1343 O  O   . HOH D 4 .   ? -15.278 9.494   7.930   1.00 34.71 ? 367 HOH A O   1 
HETATM 1344 O  O   . HOH D 4 .   ? -3.573  0.851   -13.714 1.00 39.78 ? 368 HOH A O   1 
HETATM 1345 O  O   . HOH D 4 .   ? 11.919  -8.548  -0.601  1.00 24.96 ? 369 HOH A O   1 
HETATM 1346 O  O   . HOH D 4 .   ? 4.654   -12.769 12.225  1.00 33.75 ? 370 HOH A O   1 
HETATM 1347 O  O   . HOH D 4 .   ? 9.730   16.065  -5.401  1.00 39.53 ? 371 HOH A O   1 
HETATM 1348 O  O   . HOH D 4 .   ? -8.739  -1.057  15.821  1.00 40.01 ? 372 HOH A O   1 
HETATM 1349 O  O   . HOH D 4 .   ? 2.736   -17.385 10.068  1.00 41.35 ? 373 HOH A O   1 
HETATM 1350 O  O   . HOH D 4 .   ? 4.825   0.298   -14.536 1.00 55.29 ? 374 HOH A O   1 
HETATM 1351 O  O   . HOH D 4 .   ? -5.958  14.610  -4.101  1.00 38.94 ? 375 HOH A O   1 
HETATM 1352 O  O   . HOH D 4 .   ? 4.692   3.777   12.249  1.00 39.85 ? 376 HOH A O   1 
HETATM 1353 O  O   . HOH D 4 .   ? 8.738   8.808   -5.410  1.00 30.38 ? 377 HOH A O   1 
HETATM 1354 O  O   . HOH D 4 .   ? -12.761 -15.436 -10.000 1.00 33.79 ? 378 HOH A O   1 
HETATM 1355 O  O   . HOH D 4 .   ? 10.201  7.602   2.893   1.00 34.94 ? 379 HOH A O   1 
HETATM 1356 O  O   . HOH D 4 .   ? 2.695   -7.321  13.265  1.00 36.99 ? 380 HOH A O   1 
HETATM 1357 O  O   . HOH D 4 .   ? -17.856 0.890   1.851   1.00 39.16 ? 381 HOH A O   1 
HETATM 1358 O  O   . HOH D 4 .   ? 11.112  -9.086  -6.765  1.00 28.69 ? 382 HOH A O   1 
HETATM 1359 O  O   . HOH D 4 .   ? 7.785   5.879   15.536  1.00 58.42 ? 383 HOH A O   1 
HETATM 1360 O  O   . HOH D 4 .   ? 1.339   20.826  5.087   1.00 38.38 ? 384 HOH A O   1 
HETATM 1361 O  O   . HOH D 4 .   ? -10.005 -5.779  -3.103  1.00 38.19 ? 385 HOH A O   1 
HETATM 1362 O  O   . HOH D 4 .   ? 7.818   -7.540  -12.466 1.00 46.47 ? 386 HOH A O   1 
HETATM 1363 O  O   . HOH D 4 .   ? -11.348 11.243  4.092   1.00 27.85 ? 387 HOH A O   1 
HETATM 1364 O  O   . HOH D 4 .   ? 1.457   6.279   18.326  1.00 43.29 ? 388 HOH A O   1 
HETATM 1365 O  O   . HOH D 4 .   ? -2.347  22.979  -9.086  1.00 53.80 ? 389 HOH A O   1 
HETATM 1366 O  O   . HOH D 4 .   ? -10.497 13.013  2.220   1.00 37.27 ? 390 HOH A O   1 
HETATM 1367 O  O   . HOH D 4 .   ? -15.135 -2.845  11.787  1.00 46.78 ? 391 HOH A O   1 
HETATM 1368 O  O   . HOH D 4 .   ? -3.773  5.539   -12.459 1.00 38.48 ? 392 HOH A O   1 
HETATM 1369 O  O   . HOH D 4 .   ? -11.453 8.340   7.725   1.00 25.93 ? 393 HOH A O   1 
HETATM 1370 O  O   . HOH D 4 .   ? 10.019  13.933  4.486   1.00 42.89 ? 394 HOH A O   1 
HETATM 1371 O  O   . HOH D 4 .   ? -8.747  -12.894 -9.300  1.00 33.83 ? 395 HOH A O   1 
HETATM 1372 O  O   . HOH D 4 .   ? 8.322   16.906  10.013  1.00 41.14 ? 396 HOH A O   1 
HETATM 1373 O  O   . HOH D 4 .   ? 13.269  -3.750  1.327   1.00 25.13 ? 397 HOH A O   1 
HETATM 1374 O  O   . HOH D 4 .   ? 10.706  21.752  7.857   1.00 44.59 ? 398 HOH A O   1 
HETATM 1375 O  O   . HOH D 4 .   ? 9.112   0.918   -6.934  1.00 33.72 ? 399 HOH A O   1 
HETATM 1376 O  O   . HOH D 4 .   ? -0.764  -19.678 3.546   1.00 32.72 ? 400 HOH A O   1 
HETATM 1377 O  O   . HOH D 4 .   ? -7.989  -21.301 -0.752  1.00 24.86 ? 401 HOH A O   1 
HETATM 1378 O  O   . HOH D 4 .   ? 0.286   -17.202 3.300   1.00 37.81 ? 402 HOH A O   1 
HETATM 1379 O  O   . HOH D 4 .   ? -9.710  -7.644  -6.765  1.00 34.00 ? 403 HOH A O   1 
HETATM 1380 O  O   . HOH D 4 .   ? 11.968  16.759  -3.288  1.00 40.76 ? 404 HOH A O   1 
HETATM 1381 O  O   . HOH D 4 .   ? -0.142  21.399  -12.525 1.00 34.68 ? 405 HOH A O   1 
# 
